data_8CFG
#
_entry.id   8CFG
#
_cell.length_a   73.940
_cell.length_b   132.800
_cell.length_c   98.780
_cell.angle_alpha   90.00
_cell.angle_beta   101.13
_cell.angle_gamma   90.00
#
_symmetry.space_group_name_H-M   'P 1 21 1'
#
loop_
_entity.id
_entity.type
_entity.pdbx_description
1 polymer Adenosylhomocysteinase
2 non-polymer NICOTINAMIDE-ADENINE-DINUCLEOTIDE
3 non-polymer ADENINE
4 non-polymer 'DIMETHYL SULFOXIDE'
5 non-polymer 'POTASSIUM ION'
6 non-polymer 'PHOSPHATE ION'
7 non-polymer 2-hydrazinyl-4-methoxypyrimidine
8 non-polymer GLYCEROL
9 water water
#
_entity_poly.entity_id   1
_entity_poly.type   'polypeptide(L)'
_entity_poly.pdbx_seq_one_letter_code
;SNAMSAVMTPAGFTDYKVADITLAAWGRRELIIAESEMPALMGLRRKYAGQQPLKGAKILGCIHMTIQTGVLIETLVALG
AEVRWSSCNIFSTQDQAAAAIAAAGIPVFAWKGETEEEYEWCIEQTILKDGQPWDANMVLDDGGDLTEILHKKYPQMLER
IHGITEETTTGVHRLLDMLKNGTLKVPAINVNDSVTKSKNDNKYGCRHSLNDAIKRGTDHLLSGKQALVIGYGDVGKGSS
QSLRQEGMIVKVAEVDPICAMQACMDGFEVVSPYKNGINDGTEASIDAALLGKIDLIVTTTGNVNVCDANMLKALKKRAV
VCNIGHFDNEIDTAFMRKNWAWEEVKPQVHKIHRTGKDGFDAHNDDYLILLAEGRLVNLGNATGHPSRIMDGSFANQVLA
QIHLFEQKYADLPAAEKAKRLSVEVLPKKLDEEVALEMVKGFGGVVTQLTPKQAEYIGVSVEGPFKPDTYRY
;
_entity_poly.pdbx_strand_id   A,B,C,D
#
# COMPACT_ATOMS: atom_id res chain seq x y z
N THR A 9 4.72 1.41 -47.46
CA THR A 9 5.59 0.92 -48.54
C THR A 9 5.05 1.10 -49.98
N PRO A 10 3.75 0.88 -50.24
CA PRO A 10 3.26 0.91 -51.62
C PRO A 10 3.75 2.14 -52.39
N ALA A 11 4.05 1.94 -53.67
CA ALA A 11 4.63 3.01 -54.47
C ALA A 11 3.64 4.17 -54.59
N GLY A 12 4.14 5.39 -54.37
CA GLY A 12 3.32 6.58 -54.52
C GLY A 12 2.23 6.75 -53.49
N PHE A 13 2.31 6.06 -52.35
CA PHE A 13 1.26 6.14 -51.35
C PHE A 13 1.14 7.56 -50.79
N THR A 14 -0.05 8.15 -50.90
CA THR A 14 -0.35 9.48 -50.38
C THR A 14 -1.66 9.56 -49.62
N ASP A 15 -2.34 8.43 -49.41
CA ASP A 15 -3.68 8.39 -48.84
C ASP A 15 -3.60 8.36 -47.31
N TYR A 16 -3.11 9.47 -46.74
CA TYR A 16 -2.95 9.61 -45.30
C TYR A 16 -2.72 11.09 -45.00
N LYS A 17 -2.74 11.41 -43.70
CA LYS A 17 -2.30 12.73 -43.24
C LYS A 17 -1.82 12.58 -41.81
N VAL A 18 -0.51 12.76 -41.59
CA VAL A 18 0.12 12.62 -40.28
C VAL A 18 1.03 13.84 -40.07
N ALA A 19 1.61 13.93 -38.86
CA ALA A 19 2.42 15.10 -38.54
C ALA A 19 3.81 15.05 -39.17
N ASP A 20 4.45 13.88 -39.18
CA ASP A 20 5.87 13.81 -39.53
C ASP A 20 6.19 12.38 -39.94
N ILE A 21 6.19 12.12 -41.25
CA ILE A 21 6.49 10.78 -41.75
C ILE A 21 7.88 10.30 -41.35
N THR A 22 8.81 11.21 -41.02
CA THR A 22 10.16 10.78 -40.68
C THR A 22 10.22 10.05 -39.35
N LEU A 23 9.13 10.07 -38.57
CA LEU A 23 9.08 9.35 -37.32
C LEU A 23 8.75 7.87 -37.50
N ALA A 24 8.58 7.42 -38.74
CA ALA A 24 8.04 6.07 -38.97
C ALA A 24 8.98 4.99 -38.45
N ALA A 25 10.28 5.14 -38.65
CA ALA A 25 11.20 4.10 -38.22
C ALA A 25 11.21 3.98 -36.69
N TRP A 26 11.12 5.11 -35.99
CA TRP A 26 10.96 5.12 -34.55
C TRP A 26 9.66 4.41 -34.15
N GLY A 27 8.56 4.75 -34.82
CA GLY A 27 7.30 4.10 -34.55
C GLY A 27 7.37 2.60 -34.75
N ARG A 28 8.01 2.16 -35.85
CA ARG A 28 8.15 0.73 -36.10
C ARG A 28 8.93 0.04 -34.99
N ARG A 29 10.01 0.68 -34.50
CA ARG A 29 10.75 0.10 -33.38
C ARG A 29 9.86 -0.09 -32.16
N GLU A 30 9.00 0.88 -31.86
CA GLU A 30 8.13 0.77 -30.70
C GLU A 30 7.00 -0.23 -30.93
N LEU A 31 6.54 -0.38 -32.18
CA LEU A 31 5.55 -1.40 -32.49
C LEU A 31 6.10 -2.79 -32.26
N ILE A 32 7.38 -3.01 -32.61
CA ILE A 32 7.99 -4.32 -32.43
C ILE A 32 8.14 -4.65 -30.94
N ILE A 33 8.52 -3.66 -30.13
CA ILE A 33 8.51 -3.84 -28.68
C ILE A 33 7.09 -4.14 -28.19
N ALA A 34 6.11 -3.37 -28.67
CA ALA A 34 4.75 -3.54 -28.16
C ALA A 34 4.18 -4.91 -28.51
N GLU A 35 4.56 -5.46 -29.65
CA GLU A 35 4.13 -6.82 -29.98
C GLU A 35 4.56 -7.81 -28.91
N SER A 36 5.77 -7.66 -28.38
CA SER A 36 6.21 -8.52 -27.28
C SER A 36 5.42 -8.28 -26.00
N GLU A 37 4.73 -7.16 -25.88
CA GLU A 37 3.96 -6.85 -24.68
C GLU A 37 2.49 -7.21 -24.82
N MET A 38 2.05 -7.74 -25.97
CA MET A 38 0.63 -7.95 -26.24
C MET A 38 0.41 -9.40 -26.68
N PRO A 39 0.59 -10.36 -25.76
CA PRO A 39 0.53 -11.76 -26.18
C PRO A 39 -0.86 -12.24 -26.60
N ALA A 40 -1.93 -11.72 -26.00
CA ALA A 40 -3.27 -12.12 -26.44
C ALA A 40 -3.52 -11.67 -27.87
N LEU A 41 -3.23 -10.39 -28.16
CA LEU A 41 -3.44 -9.87 -29.50
C LEU A 41 -2.53 -10.58 -30.51
N MET A 42 -1.23 -10.70 -30.16
N MET A 42 -1.25 -10.73 -30.16
CA MET A 42 -0.30 -11.45 -30.99
CA MET A 42 -0.36 -11.43 -31.08
C MET A 42 -0.76 -12.89 -31.18
C MET A 42 -0.69 -12.92 -31.17
N GLY A 43 -1.28 -13.50 -30.11
CA GLY A 43 -1.73 -14.88 -30.21
C GLY A 43 -2.84 -15.04 -31.22
N LEU A 44 -3.77 -14.08 -31.27
CA LEU A 44 -4.83 -14.11 -32.27
C LEU A 44 -4.25 -13.99 -33.67
N ARG A 45 -3.22 -13.16 -33.83
CA ARG A 45 -2.58 -13.00 -35.12
C ARG A 45 -1.99 -14.32 -35.60
N ARG A 46 -1.28 -15.02 -34.72
CA ARG A 46 -0.71 -16.31 -35.10
C ARG A 46 -1.81 -17.34 -35.37
N LYS A 47 -2.87 -17.33 -34.58
CA LYS A 47 -3.86 -18.39 -34.65
C LYS A 47 -4.72 -18.27 -35.90
N TYR A 48 -5.05 -17.04 -36.31
CA TYR A 48 -6.04 -16.80 -37.35
C TYR A 48 -5.46 -16.28 -38.67
N ALA A 49 -4.16 -16.02 -38.74
CA ALA A 49 -3.61 -15.46 -39.98
C ALA A 49 -3.86 -16.38 -41.17
N GLY A 50 -3.68 -17.69 -40.99
CA GLY A 50 -3.90 -18.61 -42.09
C GLY A 50 -5.35 -18.68 -42.51
N GLN A 51 -6.28 -18.62 -41.55
CA GLN A 51 -7.70 -18.68 -41.88
C GLN A 51 -8.18 -17.41 -42.58
N GLN A 52 -7.50 -16.29 -42.37
CA GLN A 52 -7.91 -15.00 -42.93
C GLN A 52 -9.38 -14.68 -42.64
N PRO A 53 -9.80 -14.70 -41.37
CA PRO A 53 -11.23 -14.53 -41.08
C PRO A 53 -11.78 -13.16 -41.44
N LEU A 54 -10.93 -12.16 -41.61
CA LEU A 54 -11.40 -10.83 -41.97
C LEU A 54 -11.16 -10.50 -43.44
N LYS A 55 -10.85 -11.50 -44.27
CA LYS A 55 -10.73 -11.28 -45.71
C LYS A 55 -12.03 -10.68 -46.24
N GLY A 56 -11.92 -9.54 -46.91
CA GLY A 56 -13.07 -8.84 -47.42
C GLY A 56 -13.64 -7.80 -46.48
N ALA A 57 -13.25 -7.80 -45.21
CA ALA A 57 -13.70 -6.78 -44.29
C ALA A 57 -13.07 -5.44 -44.67
N LYS A 58 -13.87 -4.38 -44.61
CA LYS A 58 -13.38 -3.03 -44.86
C LYS A 58 -13.79 -2.18 -43.65
N ILE A 59 -12.84 -1.96 -42.74
CA ILE A 59 -13.14 -1.46 -41.41
C ILE A 59 -12.84 0.03 -41.34
N LEU A 60 -13.86 0.83 -40.99
CA LEU A 60 -13.64 2.20 -40.54
C LEU A 60 -13.28 2.21 -39.06
N GLY A 61 -12.11 2.74 -38.72
CA GLY A 61 -11.68 2.73 -37.33
C GLY A 61 -11.48 4.12 -36.77
N CYS A 62 -11.98 4.36 -35.56
CA CYS A 62 -11.82 5.66 -34.89
C CYS A 62 -11.46 5.40 -33.43
N ILE A 63 -10.16 5.38 -33.13
CA ILE A 63 -9.68 5.22 -31.75
C ILE A 63 -8.27 5.79 -31.70
N HIS A 64 -7.95 6.45 -30.57
CA HIS A 64 -6.63 7.02 -30.25
C HIS A 64 -5.48 6.37 -31.02
N MET A 65 -4.77 7.15 -31.83
CA MET A 65 -3.76 6.60 -32.75
C MET A 65 -2.42 6.47 -32.03
N THR A 66 -2.39 5.51 -31.11
CA THR A 66 -1.22 5.19 -30.30
C THR A 66 -0.47 4.00 -30.90
N ILE A 67 0.69 3.72 -30.30
CA ILE A 67 1.43 2.50 -30.64
C ILE A 67 0.58 1.27 -30.40
N GLN A 68 -0.23 1.27 -29.32
CA GLN A 68 -1.10 0.13 -29.03
C GLN A 68 -2.15 -0.07 -30.12
N THR A 69 -2.79 1.03 -30.55
CA THR A 69 -3.73 0.95 -31.66
C THR A 69 -3.05 0.50 -32.94
N GLY A 70 -1.79 0.88 -33.13
CA GLY A 70 -1.04 0.39 -34.28
C GLY A 70 -0.96 -1.12 -34.31
N VAL A 71 -0.73 -1.75 -33.16
CA VAL A 71 -0.67 -3.20 -33.11
C VAL A 71 -2.05 -3.82 -33.39
N LEU A 72 -3.11 -3.18 -32.89
CA LEU A 72 -4.47 -3.59 -33.25
C LEU A 72 -4.68 -3.52 -34.76
N ILE A 73 -4.37 -2.37 -35.36
CA ILE A 73 -4.59 -2.16 -36.80
C ILE A 73 -3.89 -3.25 -37.60
N GLU A 74 -2.62 -3.50 -37.30
CA GLU A 74 -1.87 -4.46 -38.10
C GLU A 74 -2.30 -5.89 -37.83
N THR A 75 -2.95 -6.16 -36.70
CA THR A 75 -3.56 -7.47 -36.49
C THR A 75 -4.77 -7.65 -37.38
N LEU A 76 -5.66 -6.65 -37.43
CA LEU A 76 -6.82 -6.72 -38.32
C LEU A 76 -6.37 -6.91 -39.77
N VAL A 77 -5.38 -6.14 -40.21
CA VAL A 77 -4.83 -6.29 -41.56
C VAL A 77 -4.24 -7.68 -41.74
N ALA A 78 -3.54 -8.19 -40.72
CA ALA A 78 -2.91 -9.51 -40.85
C ALA A 78 -3.96 -10.61 -41.01
N LEU A 79 -5.17 -10.37 -40.52
CA LEU A 79 -6.27 -11.32 -40.68
C LEU A 79 -7.10 -11.08 -41.92
N GLY A 80 -6.69 -10.14 -42.79
CA GLY A 80 -7.32 -9.99 -44.09
C GLY A 80 -8.04 -8.68 -44.32
N ALA A 81 -8.18 -7.83 -43.32
CA ALA A 81 -9.00 -6.64 -43.44
C ALA A 81 -8.24 -5.51 -44.15
N GLU A 82 -9.02 -4.64 -44.80
CA GLU A 82 -8.59 -3.28 -45.14
C GLU A 82 -9.19 -2.34 -44.12
N VAL A 83 -8.46 -1.29 -43.76
CA VAL A 83 -8.92 -0.33 -42.77
C VAL A 83 -8.66 1.07 -43.29
N ARG A 84 -9.41 2.03 -42.74
CA ARG A 84 -9.13 3.45 -42.88
C ARG A 84 -9.33 4.09 -41.51
N TRP A 85 -8.31 4.82 -41.01
CA TRP A 85 -8.22 5.08 -39.57
C TRP A 85 -8.11 6.56 -39.22
N SER A 86 -8.70 6.92 -38.07
CA SER A 86 -8.52 8.23 -37.46
C SER A 86 -8.47 8.07 -35.95
N SER A 87 -7.99 9.11 -35.27
CA SER A 87 -8.02 9.14 -33.81
C SER A 87 -9.38 9.63 -33.32
N CYS A 88 -9.74 9.23 -32.11
CA CYS A 88 -10.99 9.70 -31.48
C CYS A 88 -10.75 10.82 -30.48
N ASN A 89 -9.57 11.45 -30.51
CA ASN A 89 -9.31 12.60 -29.65
C ASN A 89 -8.21 13.45 -30.28
N ILE A 90 -8.35 14.77 -30.13
CA ILE A 90 -7.42 15.68 -30.80
C ILE A 90 -6.00 15.60 -30.24
N PHE A 91 -5.81 15.12 -29.01
CA PHE A 91 -4.50 15.14 -28.36
C PHE A 91 -3.92 13.74 -28.13
N SER A 92 -4.64 12.68 -28.49
CA SER A 92 -4.23 11.35 -28.05
C SER A 92 -3.32 10.62 -29.02
N THR A 93 -3.19 11.08 -30.26
CA THR A 93 -2.30 10.43 -31.22
C THR A 93 -0.85 10.48 -30.76
N GLN A 94 -0.12 9.39 -30.96
CA GLN A 94 1.34 9.41 -30.89
C GLN A 94 1.85 9.52 -32.32
N ASP A 95 2.56 10.61 -32.62
CA ASP A 95 2.87 10.90 -34.03
C ASP A 95 3.79 9.84 -34.63
N GLN A 96 4.65 9.20 -33.83
CA GLN A 96 5.46 8.13 -34.41
C GLN A 96 4.61 6.90 -34.74
N ALA A 97 3.53 6.65 -33.99
CA ALA A 97 2.64 5.53 -34.31
C ALA A 97 1.89 5.80 -35.61
N ALA A 98 1.32 7.00 -35.74
CA ALA A 98 0.64 7.36 -36.98
C ALA A 98 1.58 7.28 -38.18
N ALA A 99 2.83 7.75 -38.03
CA ALA A 99 3.76 7.72 -39.14
C ALA A 99 4.09 6.28 -39.57
N ALA A 100 4.29 5.37 -38.61
CA ALA A 100 4.62 3.99 -38.95
C ALA A 100 3.47 3.32 -39.70
N ILE A 101 2.24 3.61 -39.29
CA ILE A 101 1.09 3.02 -39.94
C ILE A 101 0.93 3.57 -41.36
N ALA A 102 1.13 4.88 -41.54
CA ALA A 102 1.07 5.45 -42.86
C ALA A 102 2.18 4.90 -43.76
N ALA A 103 3.40 4.78 -43.20
CA ALA A 103 4.51 4.21 -43.96
C ALA A 103 4.28 2.75 -44.34
N ALA A 104 3.41 2.06 -43.62
CA ALA A 104 3.05 0.68 -43.98
C ALA A 104 1.99 0.62 -45.07
N GLY A 105 1.56 1.75 -45.64
CA GLY A 105 0.54 1.74 -46.67
C GLY A 105 -0.88 1.67 -46.16
N ILE A 106 -1.12 2.05 -44.92
CA ILE A 106 -2.43 1.98 -44.30
C ILE A 106 -2.98 3.40 -44.19
N PRO A 107 -4.14 3.70 -44.76
CA PRO A 107 -4.67 5.07 -44.67
C PRO A 107 -4.99 5.46 -43.23
N VAL A 108 -4.34 6.52 -42.76
CA VAL A 108 -4.52 7.00 -41.39
C VAL A 108 -4.50 8.52 -41.40
N PHE A 109 -5.45 9.13 -40.67
CA PHE A 109 -5.55 10.58 -40.64
C PHE A 109 -5.60 11.03 -39.18
N ALA A 110 -4.45 11.43 -38.66
CA ALA A 110 -4.30 11.61 -37.21
C ALA A 110 -3.00 12.30 -36.86
N TRP A 111 -3.06 13.30 -35.98
CA TRP A 111 -1.84 13.85 -35.41
C TRP A 111 -2.15 14.42 -34.04
N LYS A 112 -1.12 14.53 -33.21
CA LYS A 112 -1.29 15.13 -31.89
C LYS A 112 -1.49 16.64 -32.04
N GLY A 113 -2.56 17.15 -31.44
CA GLY A 113 -2.81 18.58 -31.47
C GLY A 113 -3.69 19.05 -32.61
N GLU A 114 -4.66 18.23 -33.02
CA GLU A 114 -5.63 18.65 -34.02
C GLU A 114 -6.49 19.79 -33.49
N THR A 115 -6.99 20.61 -34.41
CA THR A 115 -8.12 21.46 -34.07
C THR A 115 -9.40 20.65 -34.19
N GLU A 116 -10.49 21.18 -33.63
CA GLU A 116 -11.77 20.46 -33.76
C GLU A 116 -12.17 20.31 -35.22
N GLU A 117 -11.92 21.34 -36.04
CA GLU A 117 -12.23 21.22 -37.47
C GLU A 117 -11.40 20.12 -38.11
N GLU A 118 -10.10 20.07 -37.79
CA GLU A 118 -9.23 19.02 -38.30
C GLU A 118 -9.66 17.63 -37.83
N TYR A 119 -10.11 17.54 -36.57
CA TYR A 119 -10.60 16.27 -36.04
C TYR A 119 -11.75 15.72 -36.88
N GLU A 120 -12.72 16.57 -37.21
CA GLU A 120 -13.86 16.11 -38.01
C GLU A 120 -13.42 15.78 -39.44
N TRP A 121 -12.51 16.58 -39.99
CA TRP A 121 -11.99 16.32 -41.32
C TRP A 121 -11.29 14.97 -41.39
N CYS A 122 -10.53 14.63 -40.35
CA CYS A 122 -9.84 13.33 -40.32
C CYS A 122 -10.84 12.17 -40.37
N ILE A 123 -11.89 12.23 -39.55
CA ILE A 123 -12.90 11.17 -39.63
C ILE A 123 -13.49 11.09 -41.04
N GLU A 124 -13.75 12.25 -41.64
CA GLU A 124 -14.36 12.23 -42.97
C GLU A 124 -13.41 11.69 -44.02
N GLN A 125 -12.10 11.84 -43.82
CA GLN A 125 -11.14 11.26 -44.75
C GLN A 125 -11.13 9.73 -44.68
N THR A 126 -11.52 9.15 -43.53
CA THR A 126 -11.67 7.70 -43.52
C THR A 126 -12.96 7.30 -44.22
N ILE A 127 -14.02 8.10 -44.05
CA ILE A 127 -15.33 7.82 -44.60
C ILE A 127 -15.30 7.91 -46.12
N LEU A 128 -14.63 8.93 -46.65
CA LEU A 128 -14.52 9.13 -48.09
C LEU A 128 -13.22 8.55 -48.63
N LYS A 129 -13.29 8.02 -49.85
CA LYS A 129 -12.09 7.68 -50.60
C LYS A 129 -12.27 8.22 -52.01
N ASP A 130 -11.33 9.07 -52.43
CA ASP A 130 -11.39 9.70 -53.75
C ASP A 130 -12.69 10.46 -53.94
N GLY A 131 -13.09 11.21 -52.91
CA GLY A 131 -14.25 12.06 -52.97
C GLY A 131 -15.58 11.37 -52.79
N GLN A 132 -15.60 10.05 -52.68
CA GLN A 132 -16.85 9.31 -52.58
C GLN A 132 -16.81 8.35 -51.41
N PRO A 133 -17.96 7.98 -50.87
CA PRO A 133 -17.98 7.03 -49.76
C PRO A 133 -17.20 5.76 -50.08
N TRP A 134 -16.29 5.40 -49.17
CA TRP A 134 -15.64 4.10 -49.23
C TRP A 134 -16.67 3.01 -49.04
N ASP A 135 -16.43 1.85 -49.65
CA ASP A 135 -17.35 0.71 -49.49
C ASP A 135 -17.04 -0.04 -48.19
N ALA A 136 -17.12 0.70 -47.08
CA ALA A 136 -16.94 0.13 -45.75
C ALA A 136 -18.05 -0.87 -45.42
N ASN A 137 -17.70 -1.88 -44.63
CA ASN A 137 -18.68 -2.82 -44.12
C ASN A 137 -18.49 -3.14 -42.64
N MET A 138 -17.54 -2.52 -41.97
CA MET A 138 -17.33 -2.69 -40.54
C MET A 138 -16.90 -1.37 -39.92
N VAL A 139 -17.19 -1.22 -38.64
CA VAL A 139 -16.89 -0.01 -37.88
C VAL A 139 -16.28 -0.42 -36.55
N LEU A 140 -15.16 0.21 -36.20
CA LEU A 140 -14.56 0.09 -34.87
C LEU A 140 -14.46 1.51 -34.31
N ASP A 141 -15.09 1.73 -33.16
CA ASP A 141 -15.27 3.08 -32.61
C ASP A 141 -14.88 3.09 -31.13
N ASP A 142 -14.52 4.28 -30.66
CA ASP A 142 -14.11 4.53 -29.28
C ASP A 142 -14.72 5.87 -28.88
N GLY A 143 -15.93 5.84 -28.31
CA GLY A 143 -16.60 7.04 -27.85
C GLY A 143 -17.83 7.40 -28.65
N GLY A 144 -18.04 6.78 -29.82
CA GLY A 144 -19.25 6.97 -30.59
C GLY A 144 -19.23 8.08 -31.62
N ASP A 145 -18.11 8.80 -31.79
CA ASP A 145 -18.12 9.93 -32.71
C ASP A 145 -18.24 9.48 -34.16
N LEU A 146 -17.51 8.42 -34.54
CA LEU A 146 -17.63 7.89 -35.90
C LEU A 146 -19.01 7.28 -36.13
N THR A 147 -19.50 6.54 -35.14
CA THR A 147 -20.86 6.01 -35.20
C THR A 147 -21.87 7.12 -35.43
N GLU A 148 -21.70 8.25 -34.72
CA GLU A 148 -22.66 9.35 -34.82
C GLU A 148 -22.61 10.00 -36.20
N ILE A 149 -21.41 10.24 -36.74
CA ILE A 149 -21.30 10.89 -38.04
C ILE A 149 -21.91 10.02 -39.13
N LEU A 150 -21.69 8.70 -39.08
CA LEU A 150 -22.26 7.83 -40.09
C LEU A 150 -23.79 7.85 -40.04
N HIS A 151 -24.37 7.77 -38.84
CA HIS A 151 -25.83 7.80 -38.72
C HIS A 151 -26.38 9.16 -39.12
N LYS A 152 -25.66 10.24 -38.79
CA LYS A 152 -26.16 11.58 -38.99
C LYS A 152 -25.98 12.04 -40.44
N LYS A 153 -24.79 11.82 -41.00
CA LYS A 153 -24.41 12.44 -42.27
C LYS A 153 -24.31 11.46 -43.43
N TYR A 154 -24.00 10.19 -43.19
CA TYR A 154 -23.90 9.20 -44.26
C TYR A 154 -24.78 7.98 -43.99
N PRO A 155 -26.07 8.17 -43.75
CA PRO A 155 -26.92 7.02 -43.38
C PRO A 155 -26.96 5.91 -44.43
N GLN A 156 -26.77 6.22 -45.71
CA GLN A 156 -26.81 5.18 -46.73
C GLN A 156 -25.63 4.22 -46.60
N MET A 157 -24.48 4.68 -46.09
CA MET A 157 -23.35 3.77 -45.90
C MET A 157 -23.68 2.66 -44.92
N LEU A 158 -24.53 2.94 -43.92
CA LEU A 158 -24.86 1.93 -42.92
C LEU A 158 -25.66 0.77 -43.52
N GLU A 159 -26.18 0.90 -44.74
CA GLU A 159 -26.84 -0.22 -45.40
C GLU A 159 -25.88 -1.35 -45.74
N ARG A 160 -24.58 -1.08 -45.79
CA ARG A 160 -23.60 -2.08 -46.17
C ARG A 160 -22.74 -2.55 -45.00
N ILE A 161 -23.00 -2.05 -43.79
CA ILE A 161 -22.14 -2.29 -42.64
C ILE A 161 -22.73 -3.38 -41.77
N HIS A 162 -21.91 -4.38 -41.43
CA HIS A 162 -22.39 -5.54 -40.67
C HIS A 162 -22.39 -5.32 -39.17
N GLY A 163 -21.62 -4.38 -38.65
CA GLY A 163 -21.61 -4.18 -37.22
C GLY A 163 -20.66 -3.08 -36.81
N ILE A 164 -20.82 -2.68 -35.55
CA ILE A 164 -19.99 -1.71 -34.85
C ILE A 164 -19.42 -2.41 -33.62
N THR A 165 -18.12 -2.26 -33.39
CA THR A 165 -17.50 -2.74 -32.15
C THR A 165 -17.02 -1.52 -31.36
N GLU A 166 -17.71 -1.21 -30.25
CA GLU A 166 -17.50 0.02 -29.51
C GLU A 166 -16.65 -0.25 -28.26
N GLU A 167 -15.65 0.62 -28.04
CA GLU A 167 -14.58 0.38 -27.09
C GLU A 167 -14.93 0.80 -25.65
N THR A 168 -15.58 1.94 -25.45
CA THR A 168 -15.49 2.61 -24.15
C THR A 168 -16.88 2.89 -23.59
N THR A 169 -16.91 3.17 -22.28
CA THR A 169 -18.16 3.28 -21.54
C THR A 169 -19.09 4.32 -22.17
N THR A 170 -18.55 5.50 -22.47
CA THR A 170 -19.36 6.58 -23.05
C THR A 170 -19.96 6.18 -24.40
N GLY A 171 -19.17 5.53 -25.25
CA GLY A 171 -19.68 5.04 -26.52
C GLY A 171 -20.82 4.05 -26.35
N VAL A 172 -20.68 3.10 -25.41
CA VAL A 172 -21.76 2.14 -25.21
C VAL A 172 -23.03 2.85 -24.77
N HIS A 173 -22.91 3.84 -23.87
CA HIS A 173 -24.10 4.55 -23.43
C HIS A 173 -24.84 5.18 -24.60
N ARG A 174 -24.10 5.84 -25.50
CA ARG A 174 -24.72 6.42 -26.68
C ARG A 174 -25.40 5.36 -27.55
N LEU A 175 -24.75 4.20 -27.71
CA LEU A 175 -25.34 3.12 -28.50
C LEU A 175 -26.65 2.65 -27.87
N LEU A 176 -26.66 2.47 -26.56
CA LEU A 176 -27.87 2.01 -25.89
C LEU A 176 -28.99 3.03 -25.98
N ASP A 177 -28.67 4.33 -25.95
CA ASP A 177 -29.70 5.34 -26.16
CA ASP A 177 -29.70 5.34 -26.15
C ASP A 177 -30.26 5.27 -27.57
N MET A 178 -29.40 5.04 -28.57
CA MET A 178 -29.88 4.92 -29.95
C MET A 178 -30.75 3.68 -30.11
N LEU A 179 -30.33 2.55 -29.51
CA LEU A 179 -31.13 1.34 -29.59
C LEU A 179 -32.50 1.56 -28.96
N LYS A 180 -32.53 2.25 -27.82
CA LYS A 180 -33.80 2.51 -27.14
C LYS A 180 -34.70 3.43 -27.95
N ASN A 181 -34.11 4.37 -28.71
CA ASN A 181 -34.90 5.30 -29.51
C ASN A 181 -35.19 4.80 -30.92
N GLY A 182 -34.75 3.59 -31.28
CA GLY A 182 -34.99 3.08 -32.61
C GLY A 182 -34.15 3.71 -33.71
N THR A 183 -33.02 4.33 -33.37
CA THR A 183 -32.18 5.00 -34.35
C THR A 183 -30.88 4.27 -34.66
N LEU A 184 -30.54 3.22 -33.91
CA LEU A 184 -29.38 2.42 -34.24
C LEU A 184 -29.67 1.54 -35.46
N LYS A 185 -28.82 1.61 -36.48
CA LYS A 185 -29.10 0.97 -37.77
C LYS A 185 -28.35 -0.34 -37.99
N VAL A 186 -27.39 -0.68 -37.14
CA VAL A 186 -26.61 -1.92 -37.28
C VAL A 186 -26.30 -2.47 -35.90
N PRO A 187 -26.12 -3.79 -35.80
CA PRO A 187 -25.81 -4.38 -34.50
C PRO A 187 -24.44 -3.96 -34.02
N ALA A 188 -24.24 -4.10 -32.71
CA ALA A 188 -23.00 -3.65 -32.08
C ALA A 188 -22.60 -4.64 -31.00
N ILE A 189 -21.30 -4.72 -30.76
CA ILE A 189 -20.76 -5.44 -29.63
C ILE A 189 -20.15 -4.43 -28.66
N ASN A 190 -20.59 -4.51 -27.42
CA ASN A 190 -20.06 -3.76 -26.28
C ASN A 190 -18.76 -4.45 -25.86
N VAL A 191 -17.64 -3.96 -26.41
CA VAL A 191 -16.33 -4.47 -26.03
C VAL A 191 -15.97 -4.00 -24.63
N ASN A 192 -16.49 -2.85 -24.21
CA ASN A 192 -16.15 -2.27 -22.91
C ASN A 192 -16.42 -3.24 -21.78
N ASP A 193 -17.53 -3.99 -21.84
CA ASP A 193 -17.97 -4.77 -20.68
C ASP A 193 -17.45 -6.21 -20.66
N SER A 194 -16.52 -6.60 -21.54
CA SER A 194 -15.69 -7.75 -21.21
C SER A 194 -14.94 -7.46 -19.93
N VAL A 195 -14.74 -8.49 -19.09
CA VAL A 195 -14.00 -8.22 -17.86
C VAL A 195 -12.55 -7.89 -18.18
N THR A 196 -11.98 -8.57 -19.19
CA THR A 196 -10.62 -8.25 -19.60
C THR A 196 -10.51 -6.91 -20.33
N LYS A 197 -11.61 -6.17 -20.44
CA LYS A 197 -11.55 -4.79 -20.87
C LYS A 197 -11.84 -3.90 -19.67
N SER A 198 -13.12 -3.83 -19.29
CA SER A 198 -13.57 -2.90 -18.25
C SER A 198 -12.71 -2.99 -16.99
N LYS A 199 -12.49 -4.19 -16.48
CA LYS A 199 -11.82 -4.34 -15.18
C LYS A 199 -10.33 -4.50 -15.34
N ASN A 200 -9.79 -4.12 -16.49
CA ASN A 200 -8.38 -4.18 -16.82
C ASN A 200 -7.98 -2.81 -17.37
N ASP A 201 -8.48 -2.52 -18.56
CA ASP A 201 -8.28 -1.21 -19.20
C ASP A 201 -8.78 -0.07 -18.31
N ASN A 202 -10.08 -0.05 -18.00
CA ASN A 202 -10.64 1.17 -17.40
C ASN A 202 -10.05 1.45 -16.02
N LYS A 203 -9.81 0.40 -15.24
CA LYS A 203 -9.27 0.56 -13.88
C LYS A 203 -7.75 0.56 -13.88
N TYR A 204 -7.13 -0.58 -14.22
CA TYR A 204 -5.68 -0.67 -14.12
C TYR A 204 -4.97 0.24 -15.11
N GLY A 205 -5.57 0.47 -16.28
CA GLY A 205 -4.94 1.38 -17.23
C GLY A 205 -4.76 2.78 -16.66
N CYS A 206 -5.80 3.29 -15.99
CA CYS A 206 -5.75 4.62 -15.41
C CYS A 206 -4.84 4.67 -14.20
N ARG A 207 -4.77 3.58 -13.44
N ARG A 207 -4.76 3.57 -13.44
CA ARG A 207 -3.79 3.51 -12.35
CA ARG A 207 -3.79 3.52 -12.35
C ARG A 207 -2.38 3.73 -12.89
C ARG A 207 -2.37 3.71 -12.87
N HIS A 208 -2.05 3.10 -14.03
CA HIS A 208 -0.71 3.27 -14.59
C HIS A 208 -0.52 4.67 -15.15
N SER A 209 -1.52 5.20 -15.84
CA SER A 209 -1.28 6.35 -16.72
C SER A 209 -1.73 7.69 -16.16
N LEU A 210 -2.50 7.74 -15.06
CA LEU A 210 -2.89 9.06 -14.54
C LEU A 210 -1.70 9.78 -13.90
N ASN A 211 -1.05 9.15 -12.91
CA ASN A 211 0.10 9.83 -12.32
CA ASN A 211 0.12 9.80 -12.30
C ASN A 211 1.22 10.02 -13.33
N ASP A 212 1.33 9.11 -14.31
CA ASP A 212 2.28 9.28 -15.42
C ASP A 212 2.05 10.63 -16.11
N ALA A 213 0.80 10.90 -16.51
CA ALA A 213 0.49 12.14 -17.22
C ALA A 213 0.71 13.38 -16.37
N ILE A 214 0.33 13.33 -15.09
CA ILE A 214 0.52 14.49 -14.22
C ILE A 214 2.01 14.78 -14.06
N LYS A 215 2.81 13.72 -13.90
CA LYS A 215 4.26 13.90 -13.77
C LYS A 215 4.85 14.51 -15.03
N ARG A 216 4.45 14.01 -16.21
CA ARG A 216 5.03 14.55 -17.43
C ARG A 216 4.61 16.01 -17.67
N GLY A 217 3.38 16.35 -17.30
CA GLY A 217 2.91 17.71 -17.54
C GLY A 217 3.48 18.73 -16.57
N THR A 218 3.59 18.36 -15.29
CA THR A 218 3.93 19.31 -14.23
C THR A 218 5.20 18.99 -13.49
N ASP A 219 5.62 17.72 -13.47
CA ASP A 219 6.71 17.26 -12.62
C ASP A 219 6.47 17.63 -11.15
N HIS A 220 5.20 17.75 -10.75
CA HIS A 220 4.85 18.00 -9.36
C HIS A 220 5.07 16.76 -8.49
N LEU A 221 5.70 16.95 -7.33
CA LEU A 221 5.58 15.97 -6.27
C LEU A 221 4.10 15.76 -5.96
N LEU A 222 3.68 14.50 -5.84
CA LEU A 222 2.30 14.21 -5.45
C LEU A 222 2.18 13.80 -4.00
N SER A 223 3.20 13.14 -3.45
CA SER A 223 3.19 12.67 -2.07
C SER A 223 2.92 13.83 -1.12
N GLY A 224 2.03 13.62 -0.15
CA GLY A 224 1.74 14.63 0.85
C GLY A 224 0.70 15.66 0.47
N LYS A 225 0.29 15.73 -0.80
CA LYS A 225 -0.65 16.75 -1.27
C LYS A 225 -2.07 16.19 -1.29
N GLN A 226 -3.05 17.09 -1.44
CA GLN A 226 -4.47 16.76 -1.36
C GLN A 226 -5.09 16.64 -2.75
N ALA A 227 -5.78 15.54 -3.00
CA ALA A 227 -6.44 15.31 -4.26
C ALA A 227 -7.92 15.08 -4.02
N LEU A 228 -8.72 15.48 -5.00
CA LEU A 228 -10.14 15.17 -5.05
C LEU A 228 -10.42 14.46 -6.38
N VAL A 229 -10.88 13.22 -6.30
CA VAL A 229 -11.30 12.47 -7.49
C VAL A 229 -12.81 12.52 -7.56
N ILE A 230 -13.34 13.05 -8.65
CA ILE A 230 -14.79 13.09 -8.88
C ILE A 230 -15.17 11.79 -9.61
N GLY A 231 -15.87 10.92 -8.92
CA GLY A 231 -16.27 9.65 -9.51
C GLY A 231 -15.46 8.49 -8.95
N TYR A 232 -16.13 7.33 -8.80
CA TYR A 232 -15.45 6.14 -8.29
C TYR A 232 -15.99 4.90 -8.99
N GLY A 233 -16.22 5.01 -10.30
CA GLY A 233 -16.43 3.86 -11.17
C GLY A 233 -15.12 3.20 -11.49
N ASP A 234 -15.04 2.53 -12.64
CA ASP A 234 -13.79 1.83 -12.92
C ASP A 234 -12.64 2.82 -13.09
N VAL A 235 -12.88 3.91 -13.83
CA VAL A 235 -11.84 4.92 -14.04
C VAL A 235 -11.53 5.64 -12.73
N GLY A 236 -12.55 5.97 -11.95
CA GLY A 236 -12.30 6.63 -10.66
C GLY A 236 -11.54 5.75 -9.68
N LYS A 237 -11.86 4.45 -9.67
CA LYS A 237 -11.13 3.52 -8.80
C LYS A 237 -9.65 3.47 -9.19
N GLY A 238 -9.38 3.28 -10.48
CA GLY A 238 -7.99 3.25 -10.93
C GLY A 238 -7.28 4.58 -10.72
N SER A 239 -7.99 5.69 -10.96
CA SER A 239 -7.41 7.02 -10.77
C SER A 239 -7.06 7.27 -9.31
N SER A 240 -7.99 6.93 -8.41
CA SER A 240 -7.73 7.14 -6.99
C SER A 240 -6.50 6.34 -6.54
N GLN A 241 -6.36 5.12 -7.04
CA GLN A 241 -5.21 4.29 -6.69
C GLN A 241 -3.92 4.89 -7.26
N SER A 242 -4.00 5.41 -8.50
CA SER A 242 -2.83 6.05 -9.11
C SER A 242 -2.26 7.12 -8.20
N LEU A 243 -3.14 7.88 -7.55
CA LEU A 243 -2.70 8.99 -6.70
C LEU A 243 -2.38 8.52 -5.28
N ARG A 244 -3.21 7.64 -4.72
CA ARG A 244 -2.95 7.15 -3.36
C ARG A 244 -1.62 6.41 -3.29
N GLN A 245 -1.26 5.66 -4.33
CA GLN A 245 -0.02 4.90 -4.27
C GLN A 245 1.21 5.81 -4.34
N GLU A 246 1.05 7.04 -4.79
CA GLU A 246 2.11 8.04 -4.76
C GLU A 246 2.17 8.77 -3.42
N GLY A 247 1.26 8.46 -2.50
CA GLY A 247 1.20 9.14 -1.23
C GLY A 247 0.33 10.37 -1.19
N MET A 248 -0.54 10.58 -2.17
CA MET A 248 -1.52 11.65 -2.05
C MET A 248 -2.54 11.33 -0.97
N ILE A 249 -3.05 12.36 -0.32
CA ILE A 249 -4.23 12.24 0.52
C ILE A 249 -5.42 12.45 -0.41
N VAL A 250 -6.14 11.37 -0.70
CA VAL A 250 -7.17 11.34 -1.75
C VAL A 250 -8.54 11.36 -1.10
N LYS A 251 -9.38 12.30 -1.52
CA LYS A 251 -10.81 12.33 -1.21
C LYS A 251 -11.59 12.01 -2.48
N VAL A 252 -12.74 11.39 -2.31
CA VAL A 252 -13.50 10.85 -3.43
C VAL A 252 -14.93 11.40 -3.35
N ALA A 253 -15.46 11.86 -4.48
CA ALA A 253 -16.87 12.24 -4.58
C ALA A 253 -17.61 11.24 -5.45
N GLU A 254 -18.86 10.96 -5.09
CA GLU A 254 -19.70 10.08 -5.89
C GLU A 254 -21.15 10.48 -5.74
N VAL A 255 -21.94 10.14 -6.76
CA VAL A 255 -23.40 10.16 -6.62
C VAL A 255 -23.96 8.78 -6.34
N ASP A 256 -23.19 7.71 -6.58
CA ASP A 256 -23.67 6.34 -6.44
C ASP A 256 -23.27 5.85 -5.06
N PRO A 257 -24.22 5.56 -4.17
CA PRO A 257 -23.83 5.16 -2.80
C PRO A 257 -23.07 3.85 -2.76
N ILE A 258 -23.29 2.93 -3.70
CA ILE A 258 -22.53 1.70 -3.69
C ILE A 258 -21.06 1.96 -4.01
N CYS A 259 -20.79 2.78 -5.04
CA CYS A 259 -19.41 3.13 -5.34
C CYS A 259 -18.80 3.94 -4.20
N ALA A 260 -19.59 4.80 -3.55
CA ALA A 260 -19.06 5.54 -2.40
C ALA A 260 -18.70 4.59 -1.27
N MET A 261 -19.54 3.56 -1.04
N MET A 261 -19.54 3.57 -1.03
CA MET A 261 -19.23 2.57 -0.02
CA MET A 261 -19.21 2.58 -0.01
C MET A 261 -17.89 1.89 -0.30
C MET A 261 -17.87 1.92 -0.30
N GLN A 262 -17.63 1.55 -1.57
CA GLN A 262 -16.35 0.94 -1.91
C GLN A 262 -15.20 1.90 -1.62
N ALA A 263 -15.40 3.19 -1.90
CA ALA A 263 -14.34 4.17 -1.63
C ALA A 263 -14.02 4.24 -0.14
N CYS A 264 -15.05 4.29 0.71
CA CYS A 264 -14.84 4.23 2.16
C CYS A 264 -14.03 3.00 2.54
N MET A 265 -14.50 1.81 2.13
CA MET A 265 -13.81 0.58 2.49
C MET A 265 -12.40 0.52 1.92
N ASP A 266 -12.17 1.15 0.77
CA ASP A 266 -10.82 1.19 0.19
C ASP A 266 -9.91 2.17 0.91
N GLY A 267 -10.42 2.89 1.90
CA GLY A 267 -9.61 3.78 2.70
C GLY A 267 -9.62 5.25 2.31
N PHE A 268 -10.65 5.70 1.59
CA PHE A 268 -10.81 7.09 1.18
C PHE A 268 -11.93 7.77 1.94
N GLU A 269 -11.74 9.07 2.19
CA GLU A 269 -12.81 9.90 2.72
C GLU A 269 -13.70 10.35 1.57
N VAL A 270 -15.02 10.17 1.72
CA VAL A 270 -15.99 10.54 0.68
C VAL A 270 -16.60 11.89 1.04
N VAL A 271 -16.50 12.83 0.10
CA VAL A 271 -16.87 14.22 0.32
C VAL A 271 -17.57 14.70 -0.94
N SER A 272 -18.27 15.82 -0.80
CA SER A 272 -18.92 16.50 -1.92
C SER A 272 -18.36 17.90 -2.07
N PRO A 273 -18.21 18.38 -3.31
CA PRO A 273 -17.86 19.80 -3.50
C PRO A 273 -18.94 20.74 -3.01
N TYR A 274 -20.18 20.25 -2.86
CA TYR A 274 -21.30 21.07 -2.45
C TYR A 274 -21.70 20.73 -1.02
N LYS A 275 -22.07 21.77 -0.27
CA LYS A 275 -22.51 21.58 1.10
C LYS A 275 -23.70 20.65 1.14
N ASN A 276 -23.60 19.60 1.96
CA ASN A 276 -24.62 18.58 2.08
C ASN A 276 -24.88 17.86 0.76
N GLY A 277 -23.98 18.01 -0.20
CA GLY A 277 -24.11 17.38 -1.49
C GLY A 277 -25.13 18.01 -2.42
N ILE A 278 -25.65 19.20 -2.11
CA ILE A 278 -26.72 19.83 -2.88
C ILE A 278 -26.13 21.00 -3.66
N ASN A 279 -26.15 20.90 -4.99
CA ASN A 279 -25.79 22.04 -5.84
C ASN A 279 -27.05 22.85 -6.15
N ASP A 280 -27.18 24.03 -5.54
CA ASP A 280 -28.32 24.89 -5.78
C ASP A 280 -28.01 25.99 -6.79
N GLY A 281 -26.91 25.86 -7.54
CA GLY A 281 -26.51 26.84 -8.52
C GLY A 281 -25.63 27.96 -7.99
N THR A 282 -25.78 28.34 -6.73
CA THR A 282 -25.14 29.52 -6.19
C THR A 282 -23.75 29.21 -5.64
N GLU A 283 -22.94 30.26 -5.52
CA GLU A 283 -21.62 30.10 -4.92
C GLU A 283 -21.70 29.67 -3.47
N ALA A 284 -22.78 30.06 -2.77
CA ALA A 284 -22.91 29.72 -1.36
C ALA A 284 -23.02 28.23 -1.11
N SER A 285 -23.44 27.44 -2.11
CA SER A 285 -23.52 26.01 -1.92
C SER A 285 -22.17 25.31 -2.04
N ILE A 286 -21.12 26.01 -2.49
CA ILE A 286 -19.80 25.40 -2.66
C ILE A 286 -19.14 25.27 -1.29
N ASP A 287 -18.56 24.11 -1.02
CA ASP A 287 -17.78 23.91 0.20
C ASP A 287 -16.42 24.54 -0.05
N ALA A 288 -16.34 25.86 0.20
CA ALA A 288 -15.12 26.59 -0.11
C ALA A 288 -13.95 26.14 0.75
N ALA A 289 -14.23 25.79 2.01
CA ALA A 289 -13.17 25.30 2.90
C ALA A 289 -12.54 24.03 2.37
N LEU A 290 -13.36 23.11 1.86
CA LEU A 290 -12.85 21.89 1.25
C LEU A 290 -12.03 22.18 0.00
N LEU A 291 -12.61 22.95 -0.93
CA LEU A 291 -11.95 23.16 -2.21
C LEU A 291 -10.68 23.99 -2.05
N GLY A 292 -10.65 24.89 -1.08
CA GLY A 292 -9.47 25.69 -0.84
C GLY A 292 -8.27 24.90 -0.32
N LYS A 293 -8.45 23.61 -0.03
CA LYS A 293 -7.35 22.76 0.42
C LYS A 293 -6.92 21.75 -0.62
N ILE A 294 -7.54 21.74 -1.79
CA ILE A 294 -7.31 20.69 -2.78
C ILE A 294 -6.20 21.12 -3.73
N ASP A 295 -5.18 20.27 -3.89
CA ASP A 295 -4.09 20.55 -4.80
C ASP A 295 -4.30 20.00 -6.20
N LEU A 296 -5.22 19.04 -6.36
CA LEU A 296 -5.38 18.33 -7.62
C LEU A 296 -6.81 17.82 -7.67
N ILE A 297 -7.52 18.12 -8.76
CA ILE A 297 -8.85 17.59 -8.98
C ILE A 297 -8.83 16.83 -10.30
N VAL A 298 -9.43 15.64 -10.30
CA VAL A 298 -9.47 14.74 -11.45
C VAL A 298 -10.91 14.31 -11.66
N THR A 299 -11.43 14.50 -12.87
CA THR A 299 -12.79 14.10 -13.19
C THR A 299 -12.76 12.76 -13.90
N THR A 300 -13.66 11.85 -13.51
CA THR A 300 -13.63 10.48 -14.01
C THR A 300 -15.02 9.93 -14.34
N THR A 301 -16.00 10.78 -14.58
CA THR A 301 -17.41 10.37 -14.47
C THR A 301 -18.09 9.98 -15.80
N GLY A 302 -17.66 10.51 -16.94
CA GLY A 302 -18.47 10.41 -18.13
C GLY A 302 -19.74 11.24 -18.08
N ASN A 303 -19.86 12.13 -17.11
CA ASN A 303 -21.02 13.00 -16.92
C ASN A 303 -20.61 14.43 -17.31
N VAL A 304 -21.55 15.36 -17.17
CA VAL A 304 -21.35 16.72 -17.66
C VAL A 304 -21.21 17.68 -16.48
N ASN A 305 -20.20 18.56 -16.56
CA ASN A 305 -20.06 19.68 -15.63
C ASN A 305 -19.93 19.23 -14.18
N VAL A 306 -19.09 18.20 -13.95
CA VAL A 306 -18.87 17.74 -12.58
C VAL A 306 -17.75 18.51 -11.88
N CYS A 307 -17.01 19.35 -12.60
CA CYS A 307 -16.09 20.33 -12.01
C CYS A 307 -16.51 21.66 -12.62
N ASP A 308 -17.40 22.40 -11.94
CA ASP A 308 -18.10 23.52 -12.56
C ASP A 308 -17.41 24.84 -12.24
N ALA A 309 -17.99 25.94 -12.73
CA ALA A 309 -17.31 27.23 -12.65
C ALA A 309 -17.13 27.66 -11.20
N ASN A 310 -18.14 27.43 -10.37
CA ASN A 310 -18.05 27.82 -8.97
C ASN A 310 -17.00 27.00 -8.23
N MET A 311 -16.87 25.71 -8.57
CA MET A 311 -15.79 24.90 -8.01
C MET A 311 -14.43 25.43 -8.46
N LEU A 312 -14.30 25.79 -9.74
CA LEU A 312 -13.03 26.31 -10.24
C LEU A 312 -12.67 27.62 -9.56
N LYS A 313 -13.66 28.46 -9.26
CA LYS A 313 -13.40 29.72 -8.56
C LYS A 313 -12.93 29.48 -7.13
N ALA A 314 -13.39 28.40 -6.50
CA ALA A 314 -13.08 28.11 -5.10
C ALA A 314 -11.80 27.30 -4.90
N LEU A 315 -11.24 26.72 -5.95
CA LEU A 315 -10.08 25.85 -5.78
C LEU A 315 -8.89 26.61 -5.21
N LYS A 316 -8.07 25.91 -4.43
CA LYS A 316 -6.82 26.42 -3.93
C LYS A 316 -5.96 27.01 -5.05
N LYS A 317 -5.30 28.14 -4.77
CA LYS A 317 -4.35 28.69 -5.73
C LYS A 317 -3.36 27.63 -6.19
N ARG A 318 -3.11 27.60 -7.51
CA ARG A 318 -2.09 26.75 -8.14
C ARG A 318 -2.46 25.26 -8.13
N ALA A 319 -3.73 24.94 -7.92
CA ALA A 319 -4.17 23.56 -8.04
C ALA A 319 -4.13 23.12 -9.51
N VAL A 320 -3.89 21.83 -9.69
CA VAL A 320 -3.94 21.22 -11.01
C VAL A 320 -5.34 20.69 -11.24
N VAL A 321 -5.84 20.89 -12.47
CA VAL A 321 -7.17 20.47 -12.88
C VAL A 321 -7.03 19.56 -14.10
N CYS A 322 -7.67 18.39 -14.08
CA CYS A 322 -7.60 17.55 -15.25
C CYS A 322 -8.80 16.62 -15.30
N ASN A 323 -8.99 16.04 -16.48
CA ASN A 323 -10.11 15.17 -16.76
C ASN A 323 -9.57 13.89 -17.41
N ILE A 324 -10.01 12.75 -16.91
CA ILE A 324 -9.64 11.48 -17.52
C ILE A 324 -10.86 10.70 -18.01
N GLY A 325 -12.04 11.31 -17.96
CA GLY A 325 -13.19 10.80 -18.70
C GLY A 325 -13.07 11.08 -20.19
N HIS A 326 -14.00 10.52 -20.96
CA HIS A 326 -13.84 10.54 -22.42
C HIS A 326 -13.92 11.94 -23.01
N PHE A 327 -14.80 12.81 -22.49
CA PHE A 327 -15.05 14.11 -23.11
C PHE A 327 -14.67 15.24 -22.16
N ASP A 328 -14.23 16.36 -22.74
CA ASP A 328 -13.73 17.47 -21.93
C ASP A 328 -14.83 18.22 -21.18
N ASN A 329 -16.11 18.03 -21.51
CA ASN A 329 -17.14 18.80 -20.84
C ASN A 329 -17.40 18.35 -19.40
N GLU A 330 -16.61 17.42 -18.86
CA GLU A 330 -16.65 17.18 -17.42
C GLU A 330 -16.28 18.43 -16.62
N ILE A 331 -15.36 19.23 -17.16
CA ILE A 331 -14.88 20.47 -16.57
C ILE A 331 -15.44 21.64 -17.38
N ASP A 332 -15.87 22.71 -16.69
CA ASP A 332 -16.36 23.88 -17.41
C ASP A 332 -15.15 24.70 -17.88
N THR A 333 -14.43 24.16 -18.86
CA THR A 333 -13.34 24.93 -19.44
C THR A 333 -13.83 26.11 -20.25
N ALA A 334 -15.08 26.05 -20.77
CA ALA A 334 -15.61 27.19 -21.51
C ALA A 334 -15.72 28.42 -20.61
N PHE A 335 -16.19 28.25 -19.37
CA PHE A 335 -16.16 29.35 -18.42
C PHE A 335 -14.76 29.93 -18.30
N MET A 336 -13.75 29.07 -18.22
CA MET A 336 -12.39 29.58 -18.04
C MET A 336 -11.87 30.30 -19.29
N ARG A 337 -12.25 29.83 -20.48
CA ARG A 337 -11.89 30.55 -21.69
C ARG A 337 -12.55 31.91 -21.75
N LYS A 338 -13.77 32.00 -21.22
CA LYS A 338 -14.53 33.24 -21.28
C LYS A 338 -13.96 34.30 -20.34
N ASN A 339 -13.45 33.88 -19.17
CA ASN A 339 -13.22 34.82 -18.09
C ASN A 339 -11.77 34.97 -17.66
N TRP A 340 -10.90 34.01 -17.96
CA TRP A 340 -9.56 33.98 -17.38
C TRP A 340 -8.52 33.90 -18.49
N ALA A 341 -7.32 34.41 -18.19
CA ALA A 341 -6.24 34.51 -19.17
C ALA A 341 -5.42 33.22 -19.17
N TRP A 342 -5.21 32.66 -20.37
CA TRP A 342 -4.47 31.42 -20.51
C TRP A 342 -3.03 31.69 -20.90
N GLU A 343 -2.10 31.09 -20.14
CA GLU A 343 -0.66 31.17 -20.42
C GLU A 343 -0.17 29.75 -20.70
N GLU A 344 0.23 29.48 -21.94
CA GLU A 344 0.77 28.16 -22.26
C GLU A 344 2.14 27.97 -21.62
N VAL A 345 2.26 26.94 -20.78
CA VAL A 345 3.57 26.56 -20.25
C VAL A 345 4.36 25.79 -21.30
N LYS A 346 3.75 24.76 -21.86
CA LYS A 346 4.28 23.93 -22.92
C LYS A 346 3.05 23.25 -23.51
N PRO A 347 3.14 22.51 -24.61
CA PRO A 347 1.93 21.92 -25.19
C PRO A 347 1.15 21.10 -24.15
N GLN A 348 -0.19 21.28 -24.18
CA GLN A 348 -1.11 20.58 -23.28
C GLN A 348 -0.88 20.90 -21.78
N VAL A 349 -0.24 22.03 -21.46
CA VAL A 349 -0.11 22.52 -20.08
C VAL A 349 -0.36 24.03 -20.09
N HIS A 350 -1.46 24.45 -19.47
CA HIS A 350 -1.81 25.88 -19.43
C HIS A 350 -1.98 26.36 -18.00
N LYS A 351 -1.37 27.50 -17.67
CA LYS A 351 -1.75 28.22 -16.47
C LYS A 351 -2.96 29.08 -16.78
N ILE A 352 -3.96 29.03 -15.92
CA ILE A 352 -5.19 29.78 -16.13
C ILE A 352 -5.27 30.80 -15.01
N HIS A 353 -5.10 32.07 -15.36
CA HIS A 353 -4.91 33.13 -14.39
C HIS A 353 -6.27 33.69 -14.00
N ARG A 354 -6.62 33.55 -12.73
CA ARG A 354 -7.94 33.93 -12.26
C ARG A 354 -8.06 35.42 -11.98
N THR A 355 -7.05 36.21 -12.33
CA THR A 355 -7.04 37.65 -12.10
C THR A 355 -7.82 38.44 -13.14
N GLY A 356 -8.15 37.84 -14.28
CA GLY A 356 -8.89 38.58 -15.28
C GLY A 356 -8.74 37.95 -16.65
N LYS A 357 -9.43 38.56 -17.61
CA LYS A 357 -9.53 38.00 -18.94
C LYS A 357 -8.41 38.43 -19.86
N ASP A 358 -8.05 39.71 -19.84
CA ASP A 358 -7.20 40.27 -20.88
C ASP A 358 -5.75 39.83 -20.71
N GLY A 359 -4.99 40.53 -19.87
CA GLY A 359 -3.61 40.17 -19.64
C GLY A 359 -3.45 39.29 -18.42
N PHE A 360 -2.19 38.99 -18.13
CA PHE A 360 -1.83 38.37 -16.86
C PHE A 360 -0.45 38.85 -16.46
N ASP A 361 -0.23 38.91 -15.15
CA ASP A 361 1.10 39.14 -14.61
C ASP A 361 1.89 37.84 -14.70
N ALA A 362 3.08 37.90 -15.31
CA ALA A 362 3.89 36.68 -15.44
C ALA A 362 4.19 36.03 -14.10
N HIS A 363 4.14 36.80 -13.01
CA HIS A 363 4.44 36.29 -11.67
C HIS A 363 3.21 36.21 -10.79
N ASN A 364 2.02 36.32 -11.39
CA ASN A 364 0.79 36.17 -10.64
C ASN A 364 0.75 34.82 -9.93
N ASP A 365 0.35 34.82 -8.66
CA ASP A 365 0.27 33.60 -7.88
C ASP A 365 -1.10 32.92 -7.95
N ASP A 366 -2.11 33.58 -8.51
CA ASP A 366 -3.48 33.07 -8.48
C ASP A 366 -3.84 32.49 -9.84
N TYR A 367 -3.37 31.27 -10.08
CA TYR A 367 -3.66 30.55 -11.31
C TYR A 367 -3.98 29.10 -10.98
N LEU A 368 -4.61 28.43 -11.92
CA LEU A 368 -4.72 26.98 -11.91
C LEU A 368 -3.91 26.44 -13.08
N ILE A 369 -3.49 25.17 -12.97
CA ILE A 369 -2.84 24.48 -14.07
C ILE A 369 -3.82 23.47 -14.65
N LEU A 370 -4.16 23.64 -15.92
CA LEU A 370 -5.06 22.75 -16.64
C LEU A 370 -4.24 21.90 -17.58
N LEU A 371 -4.47 20.59 -17.55
CA LEU A 371 -3.76 19.66 -18.41
C LEU A 371 -4.63 19.24 -19.59
N ALA A 372 -4.01 19.20 -20.78
CA ALA A 372 -4.64 18.73 -22.03
C ALA A 372 -5.92 19.51 -22.35
N GLU A 373 -5.99 20.76 -21.92
CA GLU A 373 -7.19 21.60 -22.11
C GLU A 373 -8.46 20.86 -21.70
N GLY A 374 -8.37 20.02 -20.68
CA GLY A 374 -9.51 19.27 -20.20
C GLY A 374 -9.79 17.98 -20.92
N ARG A 375 -9.03 17.64 -21.96
CA ARG A 375 -9.22 16.38 -22.67
C ARG A 375 -8.53 15.25 -21.90
N LEU A 376 -8.88 14.00 -22.26
CA LEU A 376 -8.36 12.82 -21.56
C LEU A 376 -6.89 12.98 -21.25
N VAL A 377 -6.56 13.09 -19.96
CA VAL A 377 -5.24 13.58 -19.59
C VAL A 377 -4.19 12.49 -19.77
N ASN A 378 -4.55 11.22 -19.59
CA ASN A 378 -3.54 10.18 -19.70
C ASN A 378 -3.03 10.09 -21.13
N LEU A 379 -3.91 10.23 -22.12
CA LEU A 379 -3.48 10.23 -23.51
C LEU A 379 -2.95 11.59 -23.95
N GLY A 380 -3.42 12.68 -23.34
CA GLY A 380 -3.05 14.02 -23.75
C GLY A 380 -1.66 14.43 -23.29
N ASN A 381 -1.32 14.08 -22.05
CA ASN A 381 -0.04 14.44 -21.46
C ASN A 381 0.93 13.29 -21.32
N ALA A 382 0.50 12.05 -21.58
CA ALA A 382 1.44 10.93 -21.62
C ALA A 382 1.11 10.06 -22.83
N THR A 383 1.11 8.73 -22.66
CA THR A 383 0.85 7.84 -23.78
C THR A 383 -0.36 6.93 -23.53
N GLY A 384 -1.23 7.30 -22.62
CA GLY A 384 -2.34 6.39 -22.34
C GLY A 384 -1.89 5.11 -21.65
N HIS A 385 -2.76 4.09 -21.75
CA HIS A 385 -2.50 2.81 -21.10
C HIS A 385 -1.31 2.10 -21.74
N PRO A 386 -0.59 1.27 -20.97
CA PRO A 386 0.53 0.50 -21.53
C PRO A 386 0.07 -0.65 -22.41
N SER A 387 0.98 -1.09 -23.30
CA SER A 387 0.66 -2.17 -24.23
C SER A 387 0.08 -3.40 -23.53
N ARG A 388 0.69 -3.83 -22.42
CA ARG A 388 0.25 -5.09 -21.82
C ARG A 388 -1.19 -5.01 -21.29
N ILE A 389 -1.67 -3.81 -20.98
CA ILE A 389 -3.07 -3.66 -20.60
C ILE A 389 -3.96 -3.57 -21.84
N MET A 390 -3.55 -2.78 -22.84
CA MET A 390 -4.33 -2.65 -24.06
C MET A 390 -4.44 -3.97 -24.81
N ASP A 391 -3.51 -4.89 -24.56
CA ASP A 391 -3.62 -6.25 -25.09
C ASP A 391 -5.00 -6.85 -24.86
N GLY A 392 -5.50 -6.76 -23.62
CA GLY A 392 -6.81 -7.34 -23.33
C GLY A 392 -7.92 -6.68 -24.12
N SER A 393 -7.96 -5.35 -24.08
CA SER A 393 -9.00 -4.60 -24.80
C SER A 393 -8.99 -4.93 -26.29
N PHE A 394 -7.82 -4.94 -26.90
CA PHE A 394 -7.76 -5.02 -28.35
C PHE A 394 -7.90 -6.47 -28.83
N ALA A 395 -7.53 -7.45 -28.01
CA ALA A 395 -7.90 -8.83 -28.32
C ALA A 395 -9.41 -8.99 -28.38
N ASN A 396 -10.11 -8.39 -27.43
CA ASN A 396 -11.58 -8.37 -27.49
C ASN A 396 -12.07 -7.69 -28.77
N GLN A 397 -11.45 -6.57 -29.16
CA GLN A 397 -11.86 -5.86 -30.37
C GLN A 397 -11.73 -6.75 -31.60
N VAL A 398 -10.65 -7.50 -31.70
CA VAL A 398 -10.46 -8.38 -32.85
C VAL A 398 -11.50 -9.49 -32.87
N LEU A 399 -11.79 -10.09 -31.71
CA LEU A 399 -12.79 -11.14 -31.67
C LEU A 399 -14.17 -10.60 -31.99
N ALA A 400 -14.45 -9.37 -31.54
CA ALA A 400 -15.72 -8.71 -31.85
C ALA A 400 -15.87 -8.46 -33.34
N GLN A 401 -14.81 -7.90 -33.95
CA GLN A 401 -14.82 -7.69 -35.41
C GLN A 401 -15.05 -8.98 -36.17
N ILE A 402 -14.32 -10.04 -35.83
CA ILE A 402 -14.51 -11.32 -36.51
C ILE A 402 -15.95 -11.78 -36.37
N HIS A 403 -16.50 -11.70 -35.16
CA HIS A 403 -17.84 -12.23 -34.94
C HIS A 403 -18.88 -11.50 -35.78
N LEU A 404 -18.87 -10.16 -35.74
CA LEU A 404 -19.88 -9.41 -36.47
C LEU A 404 -19.67 -9.51 -37.98
N PHE A 405 -18.43 -9.49 -38.43
CA PHE A 405 -18.19 -9.61 -39.87
C PHE A 405 -18.68 -10.96 -40.38
N GLU A 406 -18.50 -12.03 -39.60
CA GLU A 406 -18.96 -13.35 -40.03
C GLU A 406 -20.46 -13.46 -39.99
N GLN A 407 -21.13 -12.66 -39.16
CA GLN A 407 -22.58 -12.71 -39.06
C GLN A 407 -23.26 -12.11 -40.29
N LYS A 408 -22.60 -11.17 -40.96
CA LYS A 408 -23.07 -10.59 -42.22
C LYS A 408 -24.46 -9.98 -42.09
N TYR A 409 -24.63 -9.11 -41.08
CA TYR A 409 -25.94 -8.52 -40.81
C TYR A 409 -26.49 -7.78 -42.02
N ALA A 410 -25.64 -7.06 -42.75
CA ALA A 410 -26.12 -6.26 -43.86
C ALA A 410 -26.65 -7.10 -45.01
N ASP A 411 -26.32 -8.39 -45.06
CA ASP A 411 -26.80 -9.28 -46.11
C ASP A 411 -28.10 -10.00 -45.73
N LEU A 412 -28.65 -9.73 -44.57
CA LEU A 412 -29.84 -10.45 -44.12
C LEU A 412 -31.11 -9.80 -44.66
N PRO A 413 -32.17 -10.57 -44.84
CA PRO A 413 -33.46 -9.96 -45.19
C PRO A 413 -34.01 -9.14 -44.04
N ALA A 414 -34.90 -8.20 -44.38
CA ALA A 414 -35.33 -7.18 -43.42
C ALA A 414 -35.91 -7.80 -42.16
N ALA A 415 -36.70 -8.87 -42.31
CA ALA A 415 -37.29 -9.53 -41.14
C ALA A 415 -36.20 -10.07 -40.22
N GLU A 416 -35.25 -10.82 -40.77
CA GLU A 416 -34.17 -11.36 -39.94
C GLU A 416 -33.30 -10.26 -39.34
N LYS A 417 -33.28 -9.08 -39.96
CA LYS A 417 -32.45 -7.99 -39.44
C LYS A 417 -32.99 -7.48 -38.11
N ALA A 418 -34.31 -7.26 -38.03
CA ALA A 418 -34.89 -6.78 -36.78
C ALA A 418 -34.64 -7.74 -35.63
N LYS A 419 -34.49 -9.04 -35.93
CA LYS A 419 -34.22 -10.02 -34.89
C LYS A 419 -32.80 -9.94 -34.35
N ARG A 420 -31.86 -9.38 -35.12
CA ARG A 420 -30.47 -9.33 -34.70
C ARG A 420 -29.96 -7.92 -34.42
N LEU A 421 -30.80 -6.90 -34.55
CA LEU A 421 -30.39 -5.55 -34.21
C LEU A 421 -30.26 -5.39 -32.69
N SER A 422 -29.05 -5.60 -32.18
CA SER A 422 -28.87 -5.65 -30.73
C SER A 422 -27.50 -5.10 -30.37
N VAL A 423 -27.31 -4.86 -29.07
CA VAL A 423 -26.00 -4.55 -28.50
C VAL A 423 -25.66 -5.69 -27.55
N GLU A 424 -24.65 -6.47 -27.89
CA GLU A 424 -24.29 -7.69 -27.18
C GLU A 424 -22.88 -7.57 -26.62
N VAL A 425 -22.58 -8.39 -25.62
CA VAL A 425 -21.22 -8.57 -25.16
C VAL A 425 -20.71 -9.90 -25.70
N LEU A 426 -19.40 -10.06 -25.67
CA LEU A 426 -18.77 -11.32 -26.05
C LEU A 426 -19.03 -12.39 -24.97
N PRO A 427 -19.12 -13.65 -25.36
CA PRO A 427 -19.37 -14.70 -24.37
C PRO A 427 -18.21 -14.81 -23.39
N LYS A 428 -18.54 -15.32 -22.20
CA LYS A 428 -17.56 -15.36 -21.10
C LYS A 428 -16.41 -16.33 -21.42
N LYS A 429 -16.69 -17.40 -22.17
CA LYS A 429 -15.61 -18.30 -22.57
C LYS A 429 -14.49 -17.54 -23.29
N LEU A 430 -14.85 -16.60 -24.16
CA LEU A 430 -13.81 -15.85 -24.88
C LEU A 430 -13.10 -14.86 -23.97
N ASP A 431 -13.87 -14.17 -23.11
CA ASP A 431 -13.30 -13.33 -22.07
C ASP A 431 -12.24 -14.10 -21.28
N GLU A 432 -12.54 -15.36 -20.91
CA GLU A 432 -11.59 -16.17 -20.15
C GLU A 432 -10.35 -16.52 -20.98
N GLU A 433 -10.53 -16.87 -22.25
CA GLU A 433 -9.38 -17.21 -23.08
C GLU A 433 -8.46 -16.02 -23.25
N VAL A 434 -9.01 -14.81 -23.40
CA VAL A 434 -8.17 -13.61 -23.44
C VAL A 434 -7.39 -13.48 -22.13
N ALA A 435 -8.10 -13.63 -21.00
CA ALA A 435 -7.43 -13.51 -19.70
C ALA A 435 -6.31 -14.52 -19.55
N LEU A 436 -6.51 -15.76 -20.03
CA LEU A 436 -5.49 -16.78 -19.92
C LEU A 436 -4.21 -16.37 -20.62
N GLU A 437 -4.33 -15.76 -21.80
CA GLU A 437 -3.12 -15.33 -22.51
C GLU A 437 -2.44 -14.20 -21.76
N MET A 438 -3.23 -13.31 -21.14
CA MET A 438 -2.64 -12.23 -20.35
C MET A 438 -1.85 -12.80 -19.17
N VAL A 439 -2.46 -13.77 -18.46
CA VAL A 439 -1.80 -14.37 -17.29
C VAL A 439 -0.50 -15.05 -17.71
N LYS A 440 -0.54 -15.80 -18.81
CA LYS A 440 0.67 -16.43 -19.32
C LYS A 440 1.75 -15.39 -19.65
N GLY A 441 1.35 -14.21 -20.12
CA GLY A 441 2.33 -13.17 -20.43
C GLY A 441 3.06 -12.66 -19.20
N PHE A 442 2.43 -12.75 -18.03
CA PHE A 442 3.11 -12.47 -16.77
C PHE A 442 3.92 -13.65 -16.25
N GLY A 443 3.86 -14.80 -16.92
CA GLY A 443 4.42 -16.04 -16.40
C GLY A 443 3.57 -16.72 -15.35
N GLY A 444 2.33 -16.30 -15.19
CA GLY A 444 1.46 -16.94 -14.22
C GLY A 444 1.01 -18.31 -14.71
N VAL A 445 0.78 -19.20 -13.75
CA VAL A 445 0.36 -20.58 -14.03
C VAL A 445 -1.03 -20.78 -13.42
N VAL A 446 -2.03 -20.92 -14.29
CA VAL A 446 -3.39 -21.24 -13.87
C VAL A 446 -3.48 -22.73 -13.55
N THR A 447 -4.16 -23.06 -12.45
CA THR A 447 -4.39 -24.46 -12.08
C THR A 447 -5.58 -25.03 -12.86
N GLN A 448 -5.48 -26.31 -13.18
CA GLN A 448 -6.55 -27.05 -13.84
C GLN A 448 -7.38 -27.83 -12.82
N LEU A 449 -8.70 -27.65 -12.86
CA LEU A 449 -9.59 -28.42 -12.00
C LEU A 449 -9.48 -29.90 -12.28
N THR A 450 -9.57 -30.72 -11.22
CA THR A 450 -9.78 -32.14 -11.44
C THR A 450 -11.23 -32.36 -11.85
N PRO A 451 -11.55 -33.50 -12.48
CA PRO A 451 -12.96 -33.76 -12.78
C PRO A 451 -13.85 -33.72 -11.55
N LYS A 452 -13.41 -34.28 -10.43
CA LYS A 452 -14.24 -34.25 -9.23
C LYS A 452 -14.41 -32.83 -8.70
N GLN A 453 -13.37 -31.99 -8.82
CA GLN A 453 -13.52 -30.61 -8.38
C GLN A 453 -14.48 -29.85 -9.28
N ALA A 454 -14.38 -30.05 -10.61
CA ALA A 454 -15.27 -29.34 -11.52
C ALA A 454 -16.72 -29.76 -11.31
N GLU A 455 -16.93 -31.05 -11.06
CA GLU A 455 -18.27 -31.51 -10.70
C GLU A 455 -18.74 -30.87 -9.40
N TYR A 456 -17.83 -30.72 -8.42
CA TYR A 456 -18.24 -30.24 -7.11
C TYR A 456 -18.81 -28.83 -7.17
N ILE A 457 -18.19 -27.95 -7.97
CA ILE A 457 -18.67 -26.57 -8.10
C ILE A 457 -19.52 -26.38 -9.34
N GLY A 458 -19.84 -27.46 -10.06
CA GLY A 458 -20.74 -27.40 -11.20
C GLY A 458 -20.24 -26.67 -12.43
N VAL A 459 -18.95 -26.79 -12.76
CA VAL A 459 -18.40 -26.19 -13.97
C VAL A 459 -17.73 -27.27 -14.81
N SER A 460 -17.49 -26.95 -16.08
CA SER A 460 -16.62 -27.78 -16.92
C SER A 460 -15.16 -27.48 -16.60
N VAL A 461 -14.30 -28.49 -16.78
CA VAL A 461 -12.87 -28.26 -16.52
C VAL A 461 -12.34 -27.16 -17.41
N GLU A 462 -12.86 -27.02 -18.62
CA GLU A 462 -12.37 -26.00 -19.53
C GLU A 462 -13.08 -24.65 -19.36
N GLY A 463 -14.00 -24.55 -18.41
CA GLY A 463 -14.74 -23.33 -18.22
C GLY A 463 -15.96 -23.27 -19.13
N PRO A 464 -16.79 -22.21 -19.01
CA PRO A 464 -16.57 -21.07 -18.10
C PRO A 464 -16.71 -21.43 -16.63
N PHE A 465 -16.06 -20.62 -15.79
CA PHE A 465 -15.94 -20.93 -14.38
C PHE A 465 -16.90 -20.14 -13.51
N LYS A 466 -17.59 -19.16 -14.07
CA LYS A 466 -18.48 -18.28 -13.33
C LYS A 466 -19.79 -18.11 -14.07
N PRO A 467 -20.88 -17.91 -13.35
CA PRO A 467 -22.13 -17.57 -14.01
C PRO A 467 -22.05 -16.17 -14.57
N ASP A 468 -22.89 -15.90 -15.57
CA ASP A 468 -22.89 -14.57 -16.18
C ASP A 468 -23.18 -13.45 -15.18
N THR A 469 -23.84 -13.78 -14.05
CA THR A 469 -24.11 -12.78 -13.01
C THR A 469 -22.89 -12.36 -12.21
N TYR A 470 -21.77 -13.07 -12.34
CA TYR A 470 -20.62 -12.82 -11.47
C TYR A 470 -19.99 -11.47 -11.76
N ARG A 471 -19.57 -10.78 -10.71
CA ARG A 471 -19.07 -9.40 -10.84
C ARG A 471 -17.57 -9.27 -10.71
N TYR A 472 -16.86 -10.33 -10.27
CA TYR A 472 -15.41 -10.28 -10.10
C TYR A 472 -14.98 -9.12 -9.20
N GLY B 12 24.98 41.36 -25.21
CA GLY B 12 26.15 40.76 -25.82
C GLY B 12 26.83 39.70 -24.97
N PHE B 13 26.07 39.11 -24.04
CA PHE B 13 26.59 38.05 -23.18
C PHE B 13 26.83 36.79 -24.01
N THR B 14 28.08 36.31 -24.03
CA THR B 14 28.43 35.13 -24.80
C THR B 14 29.10 34.04 -23.97
N ASP B 15 29.21 34.20 -22.66
CA ASP B 15 30.04 33.35 -21.81
C ASP B 15 29.22 32.15 -21.32
N TYR B 16 28.83 31.31 -22.27
CA TYR B 16 28.00 30.15 -21.95
C TYR B 16 28.05 29.18 -23.13
N LYS B 17 27.49 27.98 -22.90
CA LYS B 17 27.26 27.08 -24.03
C LYS B 17 26.12 26.14 -23.65
N VAL B 18 25.00 26.28 -24.35
CA VAL B 18 23.80 25.49 -24.12
C VAL B 18 23.32 24.97 -25.47
N ALA B 19 22.36 24.04 -25.42
CA ALA B 19 21.87 23.44 -26.66
C ALA B 19 21.17 24.47 -27.54
N ASP B 20 20.36 25.34 -26.95
CA ASP B 20 19.44 26.17 -27.73
C ASP B 20 18.96 27.30 -26.81
N ILE B 21 19.50 28.50 -27.01
CA ILE B 21 19.14 29.65 -26.19
C ILE B 21 17.69 30.06 -26.37
N THR B 22 17.06 29.72 -27.51
CA THR B 22 15.66 30.11 -27.71
C THR B 22 14.70 29.35 -26.81
N LEU B 23 15.18 28.35 -26.07
CA LEU B 23 14.33 27.68 -25.10
C LEU B 23 14.21 28.44 -23.79
N ALA B 24 14.82 29.63 -23.69
CA ALA B 24 14.94 30.31 -22.40
C ALA B 24 13.56 30.71 -21.85
N ALA B 25 12.68 31.21 -22.71
CA ALA B 25 11.37 31.65 -22.24
C ALA B 25 10.59 30.49 -21.64
N TRP B 26 10.67 29.31 -22.27
CA TRP B 26 10.04 28.12 -21.72
C TRP B 26 10.65 27.76 -20.37
N GLY B 27 11.99 27.79 -20.29
CA GLY B 27 12.64 27.52 -19.02
C GLY B 27 12.22 28.50 -17.93
N ARG B 28 12.07 29.77 -18.28
CA ARG B 28 11.68 30.78 -17.29
C ARG B 28 10.27 30.51 -16.77
N ARG B 29 9.35 30.10 -17.65
CA ARG B 29 8.01 29.73 -17.19
C ARG B 29 8.08 28.60 -16.17
N GLU B 30 8.91 27.59 -16.45
CA GLU B 30 9.02 26.48 -15.51
C GLU B 30 9.75 26.87 -14.22
N LEU B 31 10.74 27.79 -14.28
CA LEU B 31 11.37 28.26 -13.06
C LEU B 31 10.38 28.96 -12.15
N ILE B 32 9.47 29.74 -12.74
CA ILE B 32 8.48 30.49 -11.97
C ILE B 32 7.53 29.53 -11.27
N ILE B 33 7.16 28.43 -11.94
CA ILE B 33 6.36 27.39 -11.29
C ILE B 33 7.16 26.73 -10.18
N ALA B 34 8.42 26.39 -10.46
CA ALA B 34 9.22 25.68 -9.45
C ALA B 34 9.40 26.52 -8.20
N GLU B 35 9.55 27.84 -8.35
CA GLU B 35 9.68 28.71 -7.19
C GLU B 35 8.51 28.51 -6.24
N SER B 36 7.29 28.38 -6.78
CA SER B 36 6.12 28.14 -5.95
C SER B 36 6.13 26.76 -5.29
N GLU B 37 6.97 25.84 -5.76
CA GLU B 37 7.10 24.51 -5.19
C GLU B 37 8.27 24.37 -4.25
N MET B 38 9.03 25.45 -4.01
CA MET B 38 10.26 25.39 -3.24
C MET B 38 10.26 26.44 -2.13
N PRO B 39 9.39 26.26 -1.11
CA PRO B 39 9.25 27.29 -0.08
C PRO B 39 10.46 27.46 0.82
N ALA B 40 11.17 26.38 1.16
CA ALA B 40 12.37 26.54 1.99
C ALA B 40 13.40 27.37 1.26
N LEU B 41 13.62 27.07 0.00
CA LEU B 41 14.66 27.76 -0.78
C LEU B 41 14.27 29.22 -1.06
N MET B 42 13.02 29.45 -1.47
CA MET B 42 12.58 30.82 -1.66
C MET B 42 12.48 31.56 -0.34
N GLY B 43 12.15 30.86 0.74
CA GLY B 43 12.21 31.48 2.06
C GLY B 43 13.60 32.02 2.39
N LEU B 44 14.64 31.27 2.03
CA LEU B 44 16.01 31.77 2.24
C LEU B 44 16.30 32.97 1.36
N ARG B 45 15.83 32.91 0.11
CA ARG B 45 16.00 34.02 -0.81
C ARG B 45 15.41 35.31 -0.23
N ARG B 46 14.21 35.22 0.33
CA ARG B 46 13.56 36.41 0.88
C ARG B 46 14.22 36.84 2.19
N LYS B 47 14.65 35.88 2.99
CA LYS B 47 15.18 36.19 4.31
C LYS B 47 16.56 36.86 4.23
N TYR B 48 17.39 36.43 3.29
CA TYR B 48 18.77 36.87 3.24
C TYR B 48 19.07 37.88 2.15
N ALA B 49 18.08 38.25 1.33
CA ALA B 49 18.38 39.10 0.18
C ALA B 49 18.94 40.46 0.59
N GLY B 50 18.41 41.04 1.67
CA GLY B 50 18.90 42.34 2.10
C GLY B 50 20.32 42.28 2.65
N GLN B 51 20.65 41.19 3.35
CA GLN B 51 21.96 41.05 3.97
C GLN B 51 23.06 40.73 2.97
N GLN B 52 22.72 40.08 1.86
CA GLN B 52 23.70 39.69 0.85
C GLN B 52 24.85 38.89 1.47
N PRO B 53 24.56 37.72 2.07
CA PRO B 53 25.61 36.97 2.78
C PRO B 53 26.64 36.34 1.86
N LEU B 54 26.35 36.23 0.56
CA LEU B 54 27.30 35.67 -0.40
C LEU B 54 27.92 36.75 -1.27
N LYS B 55 27.82 38.02 -0.88
CA LYS B 55 28.54 39.07 -1.60
C LYS B 55 30.03 38.78 -1.55
N GLY B 56 30.66 38.75 -2.72
CA GLY B 56 32.05 38.37 -2.82
C GLY B 56 32.30 36.89 -3.04
N ALA B 57 31.28 36.04 -2.89
CA ALA B 57 31.42 34.62 -3.19
C ALA B 57 31.49 34.40 -4.69
N LYS B 58 32.38 33.52 -5.12
CA LYS B 58 32.52 33.17 -6.52
CA LYS B 58 32.54 33.17 -6.53
C LYS B 58 32.54 31.64 -6.59
N ILE B 59 31.41 31.08 -7.00
CA ILE B 59 31.12 29.66 -6.80
C ILE B 59 31.29 28.90 -8.12
N LEU B 60 32.17 27.91 -8.11
CA LEU B 60 32.19 26.88 -9.14
C LEU B 60 31.14 25.84 -8.78
N GLY B 61 30.16 25.65 -9.66
CA GLY B 61 29.09 24.71 -9.44
C GLY B 61 29.04 23.60 -10.48
N CYS B 62 28.93 22.36 -10.01
CA CYS B 62 28.84 21.18 -10.88
C CYS B 62 27.72 20.30 -10.36
N ILE B 63 26.53 20.44 -10.95
CA ILE B 63 25.38 19.64 -10.55
C ILE B 63 24.34 19.73 -11.65
N HIS B 64 23.68 18.60 -11.93
CA HIS B 64 22.62 18.44 -12.92
C HIS B 64 21.89 19.75 -13.22
N MET B 65 21.99 20.24 -14.45
CA MET B 65 21.45 21.56 -14.83
C MET B 65 19.97 21.41 -15.13
N THR B 66 19.21 21.09 -14.08
CA THR B 66 17.76 20.95 -14.12
C THR B 66 17.08 22.28 -13.75
N ILE B 67 15.77 22.30 -13.91
CA ILE B 67 14.97 23.44 -13.47
C ILE B 67 15.19 23.70 -11.98
N GLN B 68 15.30 22.62 -11.20
CA GLN B 68 15.52 22.76 -9.76
C GLN B 68 16.86 23.41 -9.46
N THR B 69 17.91 22.95 -10.14
CA THR B 69 19.21 23.61 -10.03
C THR B 69 19.14 25.07 -10.46
N GLY B 70 18.29 25.39 -11.44
CA GLY B 70 18.12 26.79 -11.82
C GLY B 70 17.66 27.66 -10.66
N VAL B 71 16.73 27.16 -9.85
CA VAL B 71 16.24 27.93 -8.71
C VAL B 71 17.35 28.08 -7.66
N LEU B 72 18.14 27.02 -7.47
CA LEU B 72 19.28 27.09 -6.57
C LEU B 72 20.28 28.16 -7.03
N ILE B 73 20.65 28.13 -8.32
CA ILE B 73 21.60 29.09 -8.87
C ILE B 73 21.10 30.52 -8.67
N GLU B 74 19.84 30.76 -9.02
CA GLU B 74 19.33 32.11 -8.87
C GLU B 74 19.14 32.50 -7.40
N THR B 75 19.03 31.54 -6.48
CA THR B 75 19.04 31.90 -5.07
C THR B 75 20.44 32.32 -4.63
N LEU B 76 21.47 31.58 -5.05
CA LEU B 76 22.83 31.96 -4.72
C LEU B 76 23.16 33.34 -5.26
N VAL B 77 22.76 33.64 -6.50
CA VAL B 77 23.01 34.93 -7.13
C VAL B 77 22.23 36.04 -6.43
N ALA B 78 20.98 35.76 -6.07
CA ALA B 78 20.16 36.73 -5.34
C ALA B 78 20.77 37.06 -3.99
N LEU B 79 21.54 36.15 -3.41
CA LEU B 79 22.19 36.41 -2.13
C LEU B 79 23.57 37.04 -2.29
N GLY B 80 24.00 37.33 -3.52
CA GLY B 80 25.22 38.08 -3.77
C GLY B 80 26.29 37.35 -4.55
N ALA B 81 26.16 36.04 -4.75
CA ALA B 81 27.24 35.27 -5.35
C ALA B 81 27.34 35.51 -6.85
N GLU B 82 28.54 35.27 -7.38
CA GLU B 82 28.71 34.99 -8.80
C GLU B 82 29.03 33.52 -8.95
N VAL B 83 28.60 32.92 -10.07
CA VAL B 83 28.78 31.50 -10.30
C VAL B 83 29.19 31.22 -11.74
N ARG B 84 29.83 30.07 -11.94
CA ARG B 84 30.07 29.47 -13.24
C ARG B 84 29.70 28.01 -13.13
N TRP B 85 28.81 27.54 -14.00
CA TRP B 85 28.08 26.29 -13.76
C TRP B 85 28.29 25.26 -14.86
N SER B 86 28.31 23.99 -14.47
CA SER B 86 28.26 22.85 -15.39
C SER B 86 27.37 21.77 -14.79
N SER B 87 26.98 20.81 -15.61
CA SER B 87 26.25 19.65 -15.12
C SER B 87 27.23 18.59 -14.63
N CYS B 88 26.80 17.77 -13.68
CA CYS B 88 27.62 16.64 -13.24
C CYS B 88 27.23 15.33 -13.93
N ASN B 89 26.40 15.38 -14.98
CA ASN B 89 26.11 14.18 -15.75
C ASN B 89 25.78 14.55 -17.19
N ILE B 90 26.21 13.68 -18.12
CA ILE B 90 26.08 13.97 -19.56
C ILE B 90 24.63 14.00 -20.04
N PHE B 91 23.70 13.34 -19.34
CA PHE B 91 22.30 13.24 -19.78
C PHE B 91 21.30 13.96 -18.87
N SER B 92 21.74 14.65 -17.82
CA SER B 92 20.80 15.11 -16.79
C SER B 92 20.32 16.54 -17.00
N THR B 93 20.99 17.33 -17.85
CA THR B 93 20.56 18.70 -18.11
C THR B 93 19.16 18.72 -18.72
N GLN B 94 18.35 19.67 -18.26
CA GLN B 94 17.15 20.11 -18.97
C GLN B 94 17.53 21.33 -19.79
N ASP B 95 17.50 21.20 -21.12
CA ASP B 95 18.01 22.27 -21.96
C ASP B 95 17.24 23.59 -21.76
N GLN B 96 15.96 23.53 -21.41
CA GLN B 96 15.27 24.80 -21.20
C GLN B 96 15.75 25.48 -19.91
N ALA B 97 16.20 24.69 -18.93
CA ALA B 97 16.75 25.28 -17.71
C ALA B 97 18.10 25.93 -17.99
N ALA B 98 18.96 25.23 -18.73
CA ALA B 98 20.26 25.80 -19.06
C ALA B 98 20.11 27.08 -19.87
N ALA B 99 19.16 27.09 -20.82
CA ALA B 99 18.90 28.27 -21.63
C ALA B 99 18.45 29.45 -20.76
N ALA B 100 17.51 29.20 -19.84
CA ALA B 100 17.04 30.30 -19.00
C ALA B 100 18.16 30.88 -18.17
N ILE B 101 19.02 30.03 -17.61
CA ILE B 101 20.15 30.50 -16.81
C ILE B 101 21.11 31.31 -17.68
N ALA B 102 21.48 30.77 -18.85
CA ALA B 102 22.34 31.52 -19.77
C ALA B 102 21.72 32.84 -20.17
N ALA B 103 20.42 32.84 -20.47
CA ALA B 103 19.78 34.07 -20.92
C ALA B 103 19.72 35.12 -19.81
N ALA B 104 19.86 34.72 -18.56
CA ALA B 104 19.94 35.62 -17.43
C ALA B 104 21.35 36.17 -17.22
N GLY B 105 22.30 35.83 -18.08
CA GLY B 105 23.64 36.36 -17.94
C GLY B 105 24.53 35.59 -16.98
N ILE B 106 24.20 34.33 -16.74
CA ILE B 106 24.94 33.49 -15.80
C ILE B 106 25.74 32.49 -16.63
N PRO B 107 27.06 32.39 -16.45
CA PRO B 107 27.84 31.40 -17.23
C PRO B 107 27.43 29.97 -16.89
N VAL B 108 26.98 29.24 -17.90
CA VAL B 108 26.57 27.85 -17.74
C VAL B 108 26.97 27.08 -18.98
N PHE B 109 27.58 25.92 -18.79
CA PHE B 109 28.07 25.07 -19.88
C PHE B 109 27.48 23.68 -19.68
N ALA B 110 26.37 23.40 -20.39
CA ALA B 110 25.60 22.21 -20.10
C ALA B 110 24.53 21.96 -21.16
N TRP B 111 24.42 20.72 -21.61
CA TRP B 111 23.33 20.34 -22.49
C TRP B 111 23.06 18.85 -22.30
N LYS B 112 21.83 18.46 -22.62
CA LYS B 112 21.48 17.05 -22.56
C LYS B 112 22.12 16.32 -23.74
N GLY B 113 22.84 15.23 -23.45
CA GLY B 113 23.47 14.46 -24.50
C GLY B 113 24.91 14.80 -24.77
N GLU B 114 25.66 15.20 -23.75
CA GLU B 114 27.09 15.49 -23.93
C GLU B 114 27.87 14.20 -24.20
N THR B 115 28.96 14.34 -24.94
CA THR B 115 29.98 13.30 -24.94
C THR B 115 30.84 13.44 -23.68
N GLU B 116 31.66 12.42 -23.42
CA GLU B 116 32.58 12.49 -22.29
C GLU B 116 33.58 13.63 -22.45
N GLU B 117 34.06 13.83 -23.68
CA GLU B 117 34.97 14.95 -23.94
C GLU B 117 34.28 16.30 -23.70
N GLU B 118 33.02 16.43 -24.13
CA GLU B 118 32.28 17.67 -23.90
C GLU B 118 32.02 17.90 -22.42
N TYR B 119 31.68 16.84 -21.68
CA TYR B 119 31.48 16.94 -20.25
C TYR B 119 32.69 17.53 -19.56
N GLU B 120 33.87 17.00 -19.89
CA GLU B 120 35.11 17.51 -19.31
C GLU B 120 35.34 18.97 -19.72
N TRP B 121 35.04 19.30 -20.97
CA TRP B 121 35.25 20.67 -21.45
C TRP B 121 34.34 21.64 -20.74
N CYS B 122 33.11 21.21 -20.44
CA CYS B 122 32.19 22.09 -19.70
C CYS B 122 32.70 22.41 -18.30
N ILE B 123 33.22 21.43 -17.58
CA ILE B 123 33.76 21.73 -16.24
C ILE B 123 34.92 22.71 -16.37
N GLU B 124 35.77 22.48 -17.37
CA GLU B 124 36.94 23.34 -17.57
C GLU B 124 36.52 24.79 -17.89
N GLN B 125 35.42 24.97 -18.61
CA GLN B 125 34.94 26.32 -18.89
C GLN B 125 34.46 27.04 -17.63
N THR B 126 34.03 26.30 -16.60
CA THR B 126 33.70 26.99 -15.36
C THR B 126 34.98 27.37 -14.60
N ILE B 127 36.00 26.51 -14.67
CA ILE B 127 37.25 26.72 -13.93
C ILE B 127 38.05 27.87 -14.53
N LEU B 128 38.08 27.97 -15.85
CA LEU B 128 38.85 28.99 -16.55
C LEU B 128 37.93 30.10 -17.04
N LYS B 129 38.39 31.34 -16.92
CA LYS B 129 37.69 32.46 -17.54
C LYS B 129 38.70 33.26 -18.34
N ASP B 130 38.39 33.46 -19.63
CA ASP B 130 39.32 34.09 -20.56
C ASP B 130 40.66 33.35 -20.56
N GLY B 131 40.60 32.03 -20.49
CA GLY B 131 41.78 31.20 -20.60
C GLY B 131 42.67 31.16 -19.38
N GLN B 132 42.23 31.70 -18.26
CA GLN B 132 43.02 31.72 -17.04
C GLN B 132 42.13 31.30 -15.89
N PRO B 133 42.70 30.80 -14.80
CA PRO B 133 41.88 30.41 -13.65
C PRO B 133 40.97 31.54 -13.20
N TRP B 134 39.69 31.21 -13.03
CA TRP B 134 38.76 32.17 -12.44
C TRP B 134 39.17 32.45 -11.00
N ASP B 135 38.74 33.60 -10.49
CA ASP B 135 39.04 33.92 -9.08
C ASP B 135 37.97 33.28 -8.16
N ALA B 136 37.86 31.98 -8.30
CA ALA B 136 36.89 31.21 -7.53
C ALA B 136 37.27 31.16 -6.06
N ASN B 137 36.27 31.07 -5.19
CA ASN B 137 36.56 30.93 -3.76
C ASN B 137 35.57 30.00 -3.07
N MET B 138 34.69 29.34 -3.82
CA MET B 138 33.75 28.35 -3.26
C MET B 138 33.49 27.29 -4.32
N VAL B 139 33.15 26.08 -3.86
CA VAL B 139 32.82 24.97 -4.75
C VAL B 139 31.51 24.34 -4.30
N LEU B 140 30.61 24.09 -5.25
CA LEU B 140 29.40 23.31 -5.01
C LEU B 140 29.45 22.15 -5.98
N ASP B 141 29.39 20.93 -5.46
CA ASP B 141 29.68 19.74 -6.26
C ASP B 141 28.65 18.66 -5.98
N ASP B 142 28.45 17.80 -6.98
CA ASP B 142 27.54 16.65 -6.87
C ASP B 142 28.26 15.46 -7.51
N GLY B 143 28.89 14.63 -6.70
CA GLY B 143 29.60 13.45 -7.17
C GLY B 143 31.10 13.55 -7.10
N GLY B 144 31.66 14.74 -6.94
CA GLY B 144 33.09 14.88 -6.74
C GLY B 144 33.94 15.10 -7.98
N ASP B 145 33.36 15.13 -9.19
CA ASP B 145 34.18 15.26 -10.40
C ASP B 145 34.88 16.62 -10.47
N LEU B 146 34.16 17.70 -10.19
CA LEU B 146 34.79 19.02 -10.14
C LEU B 146 35.83 19.08 -9.03
N THR B 147 35.51 18.51 -7.87
CA THR B 147 36.45 18.48 -6.74
C THR B 147 37.74 17.76 -7.12
N GLU B 148 37.61 16.64 -7.84
CA GLU B 148 38.78 15.86 -8.22
C GLU B 148 39.66 16.62 -9.21
N ILE B 149 39.04 17.27 -10.21
CA ILE B 149 39.80 18.02 -11.20
C ILE B 149 40.57 19.16 -10.55
N LEU B 150 39.94 19.85 -9.59
CA LEU B 150 40.63 20.93 -8.89
C LEU B 150 41.85 20.40 -8.14
N HIS B 151 41.68 19.28 -7.42
CA HIS B 151 42.80 18.75 -6.64
C HIS B 151 43.91 18.21 -7.52
N LYS B 152 43.57 17.60 -8.66
CA LYS B 152 44.58 17.02 -9.53
C LYS B 152 45.27 18.08 -10.38
N LYS B 153 44.52 19.06 -10.85
CA LYS B 153 44.96 19.93 -11.93
C LYS B 153 45.14 21.39 -11.54
N TYR B 154 44.37 21.89 -10.56
CA TYR B 154 44.40 23.30 -10.19
C TYR B 154 44.63 23.51 -8.70
N PRO B 155 45.69 22.93 -8.12
CA PRO B 155 45.92 23.13 -6.69
C PRO B 155 46.08 24.59 -6.31
N GLN B 156 46.69 25.43 -7.17
CA GLN B 156 46.86 26.83 -6.82
C GLN B 156 45.52 27.53 -6.66
N MET B 157 44.47 27.04 -7.34
CA MET B 157 43.13 27.60 -7.14
C MET B 157 42.56 27.22 -5.79
N LEU B 158 42.83 26.00 -5.33
CA LEU B 158 42.29 25.55 -4.05
C LEU B 158 42.85 26.39 -2.89
N GLU B 159 44.06 26.92 -3.04
CA GLU B 159 44.61 27.79 -1.98
C GLU B 159 43.68 28.93 -1.62
N ARG B 160 42.88 29.42 -2.58
CA ARG B 160 42.00 30.56 -2.39
C ARG B 160 40.54 30.18 -2.21
N ILE B 161 40.23 28.89 -2.13
CA ILE B 161 38.85 28.43 -2.01
C ILE B 161 38.56 28.12 -0.55
N HIS B 162 37.40 28.60 -0.07
CA HIS B 162 37.03 28.50 1.34
C HIS B 162 36.35 27.19 1.70
N GLY B 163 35.83 26.46 0.73
CA GLY B 163 35.12 25.25 1.09
C GLY B 163 34.43 24.64 -0.10
N ILE B 164 33.96 23.41 0.13
CA ILE B 164 33.22 22.61 -0.85
C ILE B 164 31.92 22.19 -0.16
N THR B 165 30.80 22.35 -0.84
CA THR B 165 29.54 21.79 -0.35
C THR B 165 29.11 20.67 -1.31
N GLU B 166 29.08 19.43 -0.80
CA GLU B 166 28.97 18.25 -1.63
C GLU B 166 27.59 17.61 -1.45
N GLU B 167 26.93 17.35 -2.58
CA GLU B 167 25.52 16.98 -2.61
C GLU B 167 25.26 15.53 -2.23
N THR B 168 26.08 14.58 -2.70
CA THR B 168 25.59 13.22 -2.81
C THR B 168 26.54 12.22 -2.16
N THR B 169 25.96 11.05 -1.85
CA THR B 169 26.67 10.00 -1.12
C THR B 169 28.03 9.69 -1.73
N THR B 170 28.06 9.48 -3.06
CA THR B 170 29.31 9.12 -3.70
C THR B 170 30.36 10.21 -3.57
N GLY B 171 29.96 11.47 -3.72
CA GLY B 171 30.92 12.56 -3.60
C GLY B 171 31.46 12.68 -2.18
N VAL B 172 30.61 12.45 -1.19
CA VAL B 172 31.07 12.48 0.20
C VAL B 172 32.09 11.39 0.45
N HIS B 173 31.84 10.18 -0.06
CA HIS B 173 32.83 9.12 0.06
C HIS B 173 34.18 9.55 -0.49
N ARG B 174 34.18 10.21 -1.66
CA ARG B 174 35.45 10.64 -2.24
C ARG B 174 36.14 11.68 -1.38
N LEU B 175 35.37 12.60 -0.79
CA LEU B 175 35.92 13.56 0.16
C LEU B 175 36.55 12.86 1.36
N LEU B 176 35.85 11.87 1.92
CA LEU B 176 36.38 11.21 3.09
C LEU B 176 37.66 10.45 2.76
N ASP B 177 37.75 9.88 1.56
CA ASP B 177 39.00 9.24 1.16
C ASP B 177 40.13 10.24 1.09
N MET B 178 39.87 11.42 0.53
CA MET B 178 40.91 12.46 0.47
C MET B 178 41.33 12.87 1.86
N LEU B 179 40.36 13.09 2.75
CA LEU B 179 40.69 13.47 4.13
C LEU B 179 41.52 12.39 4.80
N LYS B 180 41.11 11.12 4.65
CA LYS B 180 41.87 10.00 5.19
C LYS B 180 43.30 9.99 4.68
N ASN B 181 43.50 10.28 3.40
CA ASN B 181 44.85 10.26 2.80
C ASN B 181 45.61 11.55 2.99
N GLY B 182 45.04 12.55 3.65
CA GLY B 182 45.73 13.81 3.76
C GLY B 182 45.87 14.57 2.47
N THR B 183 45.04 14.30 1.47
CA THR B 183 45.09 15.01 0.20
C THR B 183 43.97 16.05 0.03
N LEU B 184 43.00 16.11 0.93
CA LEU B 184 41.94 17.11 0.83
C LEU B 184 42.49 18.49 1.23
N LYS B 185 42.27 19.50 0.37
CA LYS B 185 42.91 20.81 0.53
C LYS B 185 42.04 21.86 1.17
N VAL B 186 40.72 21.71 1.18
CA VAL B 186 39.81 22.68 1.78
C VAL B 186 38.72 21.92 2.53
N PRO B 187 38.07 22.56 3.52
CA PRO B 187 37.04 21.85 4.27
C PRO B 187 35.78 21.70 3.43
N ALA B 188 34.91 20.80 3.88
CA ALA B 188 33.71 20.51 3.12
C ALA B 188 32.53 20.41 4.07
N ILE B 189 31.35 20.71 3.55
CA ILE B 189 30.12 20.33 4.23
C ILE B 189 29.48 19.19 3.44
N ASN B 190 29.23 18.08 4.15
CA ASN B 190 28.48 16.93 3.66
C ASN B 190 27.01 17.33 3.75
N VAL B 191 26.48 17.83 2.63
CA VAL B 191 25.07 18.22 2.54
C VAL B 191 24.18 16.98 2.47
N ASN B 192 24.72 15.88 1.91
CA ASN B 192 23.95 14.65 1.75
C ASN B 192 23.30 14.21 3.06
N ASP B 193 24.04 14.31 4.17
CA ASP B 193 23.60 13.69 5.41
C ASP B 193 22.74 14.58 6.30
N SER B 194 22.26 15.73 5.82
CA SER B 194 21.09 16.34 6.44
C SER B 194 19.91 15.38 6.28
N VAL B 195 19.02 15.33 7.27
CA VAL B 195 17.87 14.44 7.13
C VAL B 195 16.95 14.96 6.04
N THR B 196 16.82 16.30 5.93
CA THR B 196 16.06 16.93 4.86
C THR B 196 16.75 16.81 3.51
N LYS B 197 17.89 16.13 3.43
CA LYS B 197 18.48 15.73 2.16
C LYS B 197 18.42 14.21 2.03
N SER B 198 19.21 13.47 2.82
CA SER B 198 19.33 12.02 2.67
C SER B 198 17.97 11.30 2.73
N LYS B 199 17.17 11.58 3.78
CA LYS B 199 15.92 10.86 3.95
C LYS B 199 14.74 11.60 3.32
N ASN B 200 15.01 12.43 2.31
CA ASN B 200 14.02 13.16 1.55
C ASN B 200 14.35 12.98 0.06
N ASP B 201 15.50 13.53 -0.33
CA ASP B 201 16.01 13.42 -1.69
C ASP B 201 16.36 11.98 -2.06
N ASN B 202 17.29 11.35 -1.32
CA ASN B 202 17.78 10.05 -1.76
C ASN B 202 16.66 9.02 -1.81
N LYS B 203 15.76 9.06 -0.83
CA LYS B 203 14.70 8.07 -0.72
C LYS B 203 13.44 8.52 -1.46
N TYR B 204 12.76 9.57 -0.96
CA TYR B 204 11.47 9.92 -1.57
C TYR B 204 11.64 10.45 -2.99
N GLY B 205 12.75 11.12 -3.29
CA GLY B 205 12.95 11.57 -4.66
C GLY B 205 13.02 10.42 -5.65
N CYS B 206 13.68 9.33 -5.24
CA CYS B 206 13.76 8.18 -6.14
C CYS B 206 12.42 7.45 -6.20
N ARG B 207 11.65 7.47 -5.12
CA ARG B 207 10.29 6.93 -5.16
CA ARG B 207 10.29 6.93 -5.18
C ARG B 207 9.48 7.62 -6.27
N HIS B 208 9.57 8.95 -6.35
CA HIS B 208 8.84 9.69 -7.36
C HIS B 208 9.40 9.43 -8.76
N SER B 209 10.73 9.47 -8.93
CA SER B 209 11.27 9.59 -10.28
C SER B 209 11.74 8.28 -10.91
N LEU B 210 11.89 7.19 -10.16
CA LEU B 210 12.33 5.95 -10.81
C LEU B 210 11.25 5.40 -11.74
N ASN B 211 10.04 5.13 -11.21
CA ASN B 211 9.00 4.62 -12.11
CA ASN B 211 8.97 4.64 -12.09
C ASN B 211 8.64 5.66 -13.17
N ASP B 212 8.81 6.96 -12.85
CA ASP B 212 8.64 8.03 -13.83
C ASP B 212 9.53 7.80 -15.05
N ALA B 213 10.83 7.59 -14.82
CA ALA B 213 11.78 7.44 -15.92
C ALA B 213 11.55 6.14 -16.68
N ILE B 214 11.21 5.05 -15.99
CA ILE B 214 10.95 3.79 -16.68
C ILE B 214 9.73 3.90 -17.58
N LYS B 215 8.67 4.57 -17.10
CA LYS B 215 7.50 4.80 -17.94
C LYS B 215 7.85 5.66 -19.15
N ARG B 216 8.61 6.74 -18.95
CA ARG B 216 8.91 7.61 -20.08
C ARG B 216 9.77 6.90 -21.12
N GLY B 217 10.66 6.03 -20.69
CA GLY B 217 11.56 5.38 -21.62
C GLY B 217 10.94 4.21 -22.35
N THR B 218 10.11 3.43 -21.66
CA THR B 218 9.58 2.20 -22.24
C THR B 218 8.07 2.18 -22.35
N ASP B 219 7.35 2.97 -21.53
CA ASP B 219 5.89 2.83 -21.37
C ASP B 219 5.49 1.40 -20.99
N HIS B 220 6.37 0.66 -20.31
CA HIS B 220 6.02 -0.69 -19.88
C HIS B 220 5.05 -0.66 -18.70
N LEU B 221 4.03 -1.51 -18.78
CA LEU B 221 3.29 -1.89 -17.57
C LEU B 221 4.26 -2.46 -16.56
N LEU B 222 4.17 -2.02 -15.31
CA LEU B 222 5.02 -2.56 -14.25
C LEU B 222 4.28 -3.50 -13.31
N SER B 223 2.98 -3.26 -13.08
CA SER B 223 2.16 -4.13 -12.24
C SER B 223 2.28 -5.59 -12.66
N GLY B 224 2.49 -6.46 -11.69
CA GLY B 224 2.51 -7.89 -11.96
C GLY B 224 3.82 -8.44 -12.47
N LYS B 225 4.80 -7.60 -12.77
CA LYS B 225 6.10 -8.04 -13.26
C LYS B 225 7.12 -8.13 -12.12
N GLN B 226 8.22 -8.80 -12.40
CA GLN B 226 9.25 -9.12 -11.40
CA GLN B 226 9.23 -9.09 -11.39
C GLN B 226 10.41 -8.13 -11.52
N ALA B 227 10.78 -7.52 -10.40
CA ALA B 227 11.87 -6.58 -10.33
C ALA B 227 12.92 -7.07 -9.34
N LEU B 228 14.17 -6.72 -9.61
CA LEU B 228 15.26 -6.97 -8.67
C LEU B 228 15.96 -5.63 -8.44
N VAL B 229 15.97 -5.17 -7.21
CA VAL B 229 16.64 -3.92 -6.84
C VAL B 229 17.93 -4.32 -6.13
N ILE B 230 19.05 -3.85 -6.65
CA ILE B 230 20.35 -4.15 -6.05
C ILE B 230 20.64 -3.00 -5.07
N GLY B 231 20.55 -3.30 -3.79
CA GLY B 231 20.83 -2.32 -2.75
C GLY B 231 19.56 -1.85 -2.07
N TYR B 232 19.69 -1.49 -0.79
CA TYR B 232 18.55 -1.07 0.02
C TYR B 232 19.02 -0.03 1.04
N GLY B 233 19.92 0.85 0.61
CA GLY B 233 20.19 2.10 1.31
C GLY B 233 19.06 3.07 1.07
N ASP B 234 19.36 4.37 1.13
CA ASP B 234 18.28 5.34 0.96
C ASP B 234 17.71 5.29 -0.45
N VAL B 235 18.59 5.25 -1.46
CA VAL B 235 18.12 5.18 -2.85
C VAL B 235 17.43 3.84 -3.13
N GLY B 236 18.00 2.74 -2.64
CA GLY B 236 17.36 1.44 -2.84
C GLY B 236 16.01 1.33 -2.15
N LYS B 237 15.88 1.94 -0.96
CA LYS B 237 14.58 1.98 -0.28
C LYS B 237 13.55 2.75 -1.10
N GLY B 238 13.92 3.94 -1.58
CA GLY B 238 12.99 4.72 -2.37
C GLY B 238 12.67 4.06 -3.69
N SER B 239 13.68 3.42 -4.31
CA SER B 239 13.48 2.74 -5.59
C SER B 239 12.58 1.53 -5.44
N SER B 240 12.81 0.73 -4.40
CA SER B 240 11.97 -0.45 -4.17
C SER B 240 10.52 -0.04 -3.95
N GLN B 241 10.30 1.05 -3.22
CA GLN B 241 8.94 1.55 -3.05
C GLN B 241 8.36 2.07 -4.36
N SER B 242 9.19 2.74 -5.19
CA SER B 242 8.72 3.23 -6.49
C SER B 242 8.12 2.10 -7.31
N LEU B 243 8.72 0.91 -7.25
CA LEU B 243 8.25 -0.21 -8.04
C LEU B 243 7.12 -0.97 -7.36
N ARG B 244 7.22 -1.17 -6.04
CA ARG B 244 6.18 -1.92 -5.33
C ARG B 244 4.85 -1.18 -5.34
N GLN B 245 4.88 0.16 -5.22
CA GLN B 245 3.63 0.92 -5.24
C GLN B 245 2.94 0.84 -6.59
N GLU B 246 3.68 0.54 -7.66
CA GLU B 246 3.11 0.29 -8.97
C GLU B 246 2.60 -1.13 -9.12
N GLY B 247 2.79 -1.97 -8.11
CA GLY B 247 2.36 -3.36 -8.17
C GLY B 247 3.39 -4.34 -8.69
N MET B 248 4.65 -3.95 -8.79
CA MET B 248 5.69 -4.92 -9.12
C MET B 248 5.88 -5.88 -7.95
N ILE B 249 6.33 -7.10 -8.28
CA ILE B 249 6.82 -8.05 -7.30
C ILE B 249 8.33 -7.80 -7.18
N VAL B 250 8.74 -7.23 -6.06
CA VAL B 250 10.10 -6.67 -5.92
C VAL B 250 10.92 -7.59 -5.03
N LYS B 251 12.08 -8.02 -5.54
CA LYS B 251 13.10 -8.67 -4.72
C LYS B 251 14.28 -7.72 -4.55
N VAL B 252 14.95 -7.83 -3.42
CA VAL B 252 16.00 -6.90 -3.01
C VAL B 252 17.27 -7.69 -2.73
N ALA B 253 18.42 -7.21 -3.23
CA ALA B 253 19.71 -7.77 -2.87
C ALA B 253 20.48 -6.78 -2.02
N GLU B 254 21.30 -7.29 -1.10
CA GLU B 254 22.05 -6.41 -0.22
C GLU B 254 23.28 -7.15 0.29
N VAL B 255 24.34 -6.40 0.53
CA VAL B 255 25.49 -6.93 1.27
C VAL B 255 25.44 -6.57 2.75
N ASP B 256 24.64 -5.59 3.13
CA ASP B 256 24.55 -5.10 4.50
C ASP B 256 23.39 -5.79 5.19
N PRO B 257 23.63 -6.67 6.16
CA PRO B 257 22.52 -7.43 6.75
C PRO B 257 21.51 -6.56 7.51
N ILE B 258 21.89 -5.36 7.96
CA ILE B 258 20.90 -4.51 8.62
C ILE B 258 19.94 -3.94 7.59
N CYS B 259 20.46 -3.48 6.44
CA CYS B 259 19.55 -3.03 5.38
C CYS B 259 18.71 -4.19 4.84
N ALA B 260 19.30 -5.38 4.74
CA ALA B 260 18.54 -6.55 4.31
C ALA B 260 17.41 -6.85 5.29
N MET B 261 17.68 -6.75 6.59
N MET B 261 17.68 -6.76 6.59
CA MET B 261 16.64 -6.94 7.59
CA MET B 261 16.63 -6.95 7.58
C MET B 261 15.49 -5.96 7.41
C MET B 261 15.49 -5.97 7.38
N GLN B 262 15.81 -4.71 7.05
CA GLN B 262 14.77 -3.72 6.79
C GLN B 262 13.93 -4.11 5.58
N ALA B 263 14.58 -4.57 4.50
CA ALA B 263 13.84 -5.02 3.32
C ALA B 263 12.87 -6.13 3.67
N CYS B 264 13.33 -7.10 4.46
CA CYS B 264 12.43 -8.20 4.87
C CYS B 264 11.24 -7.65 5.65
N MET B 265 11.50 -6.80 6.65
CA MET B 265 10.41 -6.28 7.46
C MET B 265 9.49 -5.39 6.65
N ASP B 266 10.01 -4.74 5.62
CA ASP B 266 9.19 -3.93 4.71
C ASP B 266 8.40 -4.77 3.72
N GLY B 267 8.50 -6.09 3.80
CA GLY B 267 7.68 -6.93 2.94
C GLY B 267 8.30 -7.36 1.64
N PHE B 268 9.63 -7.34 1.54
CA PHE B 268 10.33 -7.74 0.34
C PHE B 268 11.06 -9.05 0.60
N GLU B 269 11.17 -9.85 -0.44
CA GLU B 269 12.00 -11.04 -0.40
C GLU B 269 13.43 -10.64 -0.73
N VAL B 270 14.38 -11.07 0.09
CA VAL B 270 15.79 -10.70 -0.08
C VAL B 270 16.52 -11.87 -0.74
N VAL B 271 17.10 -11.62 -1.91
CA VAL B 271 17.73 -12.66 -2.72
C VAL B 271 19.12 -12.17 -3.12
N SER B 272 19.94 -13.11 -3.60
CA SER B 272 21.23 -12.76 -4.17
C SER B 272 21.29 -13.20 -5.62
N PRO B 273 21.92 -12.41 -6.50
CA PRO B 273 22.18 -12.92 -7.87
C PRO B 273 23.02 -14.18 -7.88
N TYR B 274 23.77 -14.44 -6.81
CA TYR B 274 24.75 -15.52 -6.76
C TYR B 274 24.29 -16.59 -5.77
N LYS B 275 24.56 -17.85 -6.12
CA LYS B 275 24.21 -18.95 -5.25
C LYS B 275 24.90 -18.81 -3.90
N ASN B 276 24.12 -18.88 -2.83
CA ASN B 276 24.58 -18.64 -1.46
C ASN B 276 25.27 -17.28 -1.30
N GLY B 277 24.99 -16.34 -2.19
CA GLY B 277 25.57 -15.00 -2.08
C GLY B 277 27.04 -14.89 -2.43
N ILE B 278 27.66 -15.95 -2.96
CA ILE B 278 29.10 -15.99 -3.20
C ILE B 278 29.40 -15.56 -4.63
N ASN B 279 29.98 -14.38 -4.79
CA ASN B 279 30.29 -13.82 -6.10
C ASN B 279 31.74 -14.19 -6.42
N ASP B 280 31.94 -15.37 -6.99
CA ASP B 280 33.30 -15.86 -7.27
C ASP B 280 33.74 -15.59 -8.70
N GLY B 281 32.91 -14.97 -9.52
CA GLY B 281 33.28 -14.62 -10.88
C GLY B 281 32.93 -15.64 -11.93
N THR B 282 32.36 -16.78 -11.55
CA THR B 282 32.02 -17.84 -12.50
C THR B 282 30.57 -17.72 -12.95
N GLU B 283 30.32 -18.10 -14.21
CA GLU B 283 28.95 -18.22 -14.69
C GLU B 283 28.14 -19.18 -13.82
N ALA B 284 28.78 -20.25 -13.37
CA ALA B 284 28.09 -21.27 -12.57
C ALA B 284 27.56 -20.71 -11.26
N SER B 285 28.11 -19.60 -10.76
CA SER B 285 27.64 -19.02 -9.51
C SER B 285 26.35 -18.23 -9.67
N ILE B 286 25.92 -17.94 -10.90
CA ILE B 286 24.70 -17.18 -11.11
C ILE B 286 23.48 -18.04 -10.81
N ASP B 287 22.55 -17.51 -10.03
CA ASP B 287 21.27 -18.16 -9.85
C ASP B 287 20.47 -17.96 -11.14
N ALA B 288 20.62 -18.88 -12.10
CA ALA B 288 20.00 -18.67 -13.41
C ALA B 288 18.49 -18.67 -13.31
N ALA B 289 17.93 -19.54 -12.46
CA ALA B 289 16.47 -19.58 -12.31
C ALA B 289 15.94 -18.23 -11.84
N LEU B 290 16.59 -17.62 -10.86
CA LEU B 290 16.19 -16.29 -10.40
C LEU B 290 16.30 -15.26 -11.52
N LEU B 291 17.49 -15.11 -12.10
CA LEU B 291 17.68 -14.07 -13.11
C LEU B 291 16.79 -14.27 -14.32
N GLY B 292 16.44 -15.52 -14.63
CA GLY B 292 15.58 -15.76 -15.77
C GLY B 292 14.12 -15.37 -15.55
N LYS B 293 13.77 -14.94 -14.34
CA LYS B 293 12.41 -14.49 -13.98
C LYS B 293 12.28 -12.99 -13.92
N ILE B 294 13.38 -12.26 -13.98
CA ILE B 294 13.39 -10.84 -13.66
C ILE B 294 13.08 -10.04 -14.91
N ASP B 295 12.08 -9.16 -14.82
CA ASP B 295 11.72 -8.27 -15.91
C ASP B 295 12.43 -6.92 -15.85
N LEU B 296 12.99 -6.57 -14.70
CA LEU B 296 13.55 -5.24 -14.48
C LEU B 296 14.59 -5.34 -13.38
N ILE B 297 15.79 -4.85 -13.63
CA ILE B 297 16.82 -4.78 -12.60
C ILE B 297 17.25 -3.32 -12.46
N VAL B 298 17.35 -2.85 -11.22
CA VAL B 298 17.74 -1.48 -10.92
C VAL B 298 18.91 -1.54 -9.94
N THR B 299 20.00 -0.85 -10.26
CA THR B 299 21.15 -0.78 -9.35
C THR B 299 21.12 0.54 -8.61
N THR B 300 21.39 0.49 -7.29
CA THR B 300 21.22 1.65 -6.41
C THR B 300 22.36 1.81 -5.41
N THR B 301 23.57 1.32 -5.72
CA THR B 301 24.53 1.02 -4.66
C THR B 301 25.63 2.05 -4.46
N GLY B 302 25.99 2.81 -5.51
CA GLY B 302 27.24 3.55 -5.44
C GLY B 302 28.47 2.68 -5.52
N ASN B 303 28.32 1.39 -5.82
CA ASN B 303 29.41 0.43 -5.87
C ASN B 303 29.71 0.11 -7.33
N VAL B 304 30.64 -0.80 -7.57
CA VAL B 304 31.10 -1.10 -8.91
C VAL B 304 30.66 -2.51 -9.31
N ASN B 305 30.07 -2.62 -10.50
CA ASN B 305 29.82 -3.90 -11.16
C ASN B 305 28.88 -4.79 -10.33
N VAL B 306 27.79 -4.20 -9.84
CA VAL B 306 26.79 -4.97 -9.09
C VAL B 306 25.73 -5.57 -10.00
N CYS B 307 25.75 -5.23 -11.29
CA CYS B 307 24.98 -5.94 -12.33
C CYS B 307 26.03 -6.27 -13.39
N ASP B 308 26.60 -7.47 -13.29
CA ASP B 308 27.82 -7.80 -14.02
C ASP B 308 27.50 -8.57 -15.30
N ALA B 309 28.54 -8.96 -16.03
CA ALA B 309 28.35 -9.57 -17.33
C ALA B 309 27.59 -10.88 -17.23
N ASN B 310 27.92 -11.70 -16.23
CA ASN B 310 27.24 -12.99 -16.08
C ASN B 310 25.79 -12.81 -15.70
N MET B 311 25.47 -11.80 -14.88
CA MET B 311 24.06 -11.49 -14.63
C MET B 311 23.36 -11.06 -15.92
N LEU B 312 24.02 -10.19 -16.70
CA LEU B 312 23.40 -9.69 -17.92
C LEU B 312 23.14 -10.83 -18.90
N LYS B 313 24.03 -11.82 -18.94
CA LYS B 313 23.84 -12.97 -19.81
C LYS B 313 22.68 -13.86 -19.37
N ALA B 314 22.40 -13.90 -18.06
CA ALA B 314 21.35 -14.77 -17.53
C ALA B 314 19.99 -14.11 -17.46
N LEU B 315 19.89 -12.79 -17.64
CA LEU B 315 18.61 -12.12 -17.49
C LEU B 315 17.59 -12.65 -18.48
N LYS B 316 16.33 -12.65 -18.04
CA LYS B 316 15.20 -12.93 -18.89
C LYS B 316 15.27 -12.09 -20.15
N LYS B 317 14.92 -12.70 -21.29
CA LYS B 317 14.82 -11.95 -22.52
C LYS B 317 13.90 -10.76 -22.33
N ARG B 318 14.32 -9.62 -22.89
CA ARG B 318 13.59 -8.36 -22.95
C ARG B 318 13.49 -7.65 -21.60
N ALA B 319 14.27 -8.06 -20.61
CA ALA B 319 14.30 -7.35 -19.33
C ALA B 319 14.85 -5.94 -19.54
N VAL B 320 14.41 -5.04 -18.67
CA VAL B 320 14.91 -3.67 -18.61
C VAL B 320 16.02 -3.59 -17.58
N VAL B 321 17.13 -2.94 -17.95
CA VAL B 321 18.29 -2.76 -17.08
C VAL B 321 18.53 -1.25 -16.90
N CYS B 322 18.66 -0.81 -15.65
CA CYS B 322 18.92 0.59 -15.42
C CYS B 322 19.63 0.78 -14.09
N ASN B 323 20.18 1.99 -13.92
CA ASN B 323 21.02 2.37 -12.81
C ASN B 323 20.53 3.72 -12.29
N ILE B 324 20.33 3.83 -10.98
CA ILE B 324 19.97 5.09 -10.36
C ILE B 324 21.01 5.54 -9.34
N GLY B 325 22.16 4.80 -9.21
CA GLY B 325 23.32 5.32 -8.50
C GLY B 325 24.07 6.37 -9.32
N HIS B 326 25.05 7.02 -8.68
CA HIS B 326 25.68 8.19 -9.30
C HIS B 326 26.39 7.85 -10.62
N PHE B 327 27.09 6.72 -10.69
CA PHE B 327 27.95 6.43 -11.85
C PHE B 327 27.47 5.19 -12.59
N ASP B 328 27.77 5.13 -13.89
CA ASP B 328 27.30 4.04 -14.75
C ASP B 328 28.07 2.74 -14.58
N ASN B 329 29.19 2.74 -13.86
CA ASN B 329 29.91 1.49 -13.70
C ASN B 329 29.23 0.52 -12.74
N GLU B 330 28.05 0.86 -12.19
CA GLU B 330 27.29 -0.15 -11.45
C GLU B 330 26.92 -1.30 -12.35
N ILE B 331 26.72 -1.04 -13.63
CA ILE B 331 26.40 -2.04 -14.64
C ILE B 331 27.62 -2.20 -15.55
N ASP B 332 27.91 -3.45 -15.94
CA ASP B 332 29.02 -3.69 -16.86
C ASP B 332 28.55 -3.40 -18.29
N THR B 333 28.36 -2.11 -18.59
CA THR B 333 27.98 -1.76 -19.95
C THR B 333 29.14 -1.91 -20.92
N ALA B 334 30.38 -1.79 -20.44
CA ALA B 334 31.54 -2.03 -21.29
C ALA B 334 31.51 -3.42 -21.91
N PHE B 335 31.15 -4.43 -21.12
CA PHE B 335 30.99 -5.77 -21.65
C PHE B 335 29.96 -5.80 -22.77
N MET B 336 28.84 -5.09 -22.58
CA MET B 336 27.80 -5.09 -23.60
C MET B 336 28.25 -4.35 -24.86
N ARG B 337 29.00 -3.26 -24.71
CA ARG B 337 29.53 -2.58 -25.90
C ARG B 337 30.47 -3.48 -26.69
N LYS B 338 31.27 -4.29 -25.98
CA LYS B 338 32.27 -5.14 -26.64
C LYS B 338 31.65 -6.33 -27.35
N ASN B 339 30.56 -6.87 -26.82
CA ASN B 339 30.06 -8.17 -27.25
C ASN B 339 28.72 -8.14 -27.98
N TRP B 340 27.89 -7.14 -27.73
CA TRP B 340 26.51 -7.18 -28.20
C TRP B 340 26.19 -5.97 -29.06
N ALA B 341 25.18 -6.12 -29.91
CA ALA B 341 24.78 -5.09 -30.86
C ALA B 341 23.76 -4.15 -30.22
N TRP B 342 23.99 -2.85 -30.35
CA TRP B 342 23.12 -1.84 -29.77
C TRP B 342 22.20 -1.25 -30.83
N GLU B 343 20.90 -1.23 -30.53
CA GLU B 343 19.89 -0.64 -31.41
C GLU B 343 19.22 0.49 -30.64
N GLU B 344 19.40 1.72 -31.10
CA GLU B 344 18.75 2.83 -30.43
C GLU B 344 17.25 2.84 -30.76
N VAL B 345 16.43 2.79 -29.71
CA VAL B 345 14.98 2.94 -29.88
C VAL B 345 14.64 4.41 -30.05
N LYS B 346 15.14 5.21 -29.13
CA LYS B 346 15.03 6.67 -29.11
C LYS B 346 16.08 7.16 -28.12
N PRO B 347 16.31 8.48 -28.01
CA PRO B 347 17.37 8.95 -27.12
C PRO B 347 17.27 8.33 -25.72
N GLN B 348 18.40 7.85 -25.23
CA GLN B 348 18.55 7.23 -23.91
C GLN B 348 17.75 5.92 -23.75
N VAL B 349 17.39 5.27 -24.86
CA VAL B 349 16.76 3.95 -24.80
C VAL B 349 17.40 3.06 -25.87
N HIS B 350 18.08 2.00 -25.46
CA HIS B 350 18.74 1.11 -26.40
C HIS B 350 18.33 -0.34 -26.16
N LYS B 351 18.04 -1.07 -27.24
CA LYS B 351 17.94 -2.52 -27.18
C LYS B 351 19.33 -3.12 -27.42
N ILE B 352 19.73 -4.04 -26.55
CA ILE B 352 21.04 -4.68 -26.61
C ILE B 352 20.80 -6.12 -27.05
N HIS B 353 21.22 -6.45 -28.27
CA HIS B 353 20.93 -7.76 -28.85
C HIS B 353 22.04 -8.72 -28.47
N ARG B 354 21.69 -9.75 -27.70
CA ARG B 354 22.65 -10.71 -27.18
C ARG B 354 22.98 -11.80 -28.17
N THR B 355 22.54 -11.64 -29.41
CA THR B 355 22.82 -12.61 -30.47
C THR B 355 24.19 -12.39 -31.11
N GLY B 356 24.85 -11.28 -30.82
CA GLY B 356 26.19 -11.05 -31.35
C GLY B 356 26.46 -9.56 -31.45
N LYS B 357 27.66 -9.26 -31.96
CA LYS B 357 28.09 -7.88 -32.11
C LYS B 357 27.89 -7.33 -33.51
N ASP B 358 27.98 -8.18 -34.54
CA ASP B 358 27.96 -7.73 -35.93
C ASP B 358 26.52 -7.68 -36.41
N GLY B 359 25.86 -6.54 -36.16
CA GLY B 359 24.49 -6.35 -36.59
C GLY B 359 23.49 -7.13 -35.75
N PHE B 360 22.22 -6.98 -36.12
CA PHE B 360 21.13 -7.61 -35.41
C PHE B 360 19.95 -7.78 -36.35
N ASP B 361 19.10 -8.75 -36.04
CA ASP B 361 17.79 -8.86 -36.67
C ASP B 361 16.84 -7.88 -36.00
N ALA B 362 16.15 -7.07 -36.81
CA ALA B 362 15.23 -6.08 -36.24
C ALA B 362 14.11 -6.74 -35.44
N HIS B 363 13.82 -8.02 -35.72
CA HIS B 363 12.79 -8.77 -35.02
C HIS B 363 13.37 -9.81 -34.06
N ASN B 364 14.65 -9.68 -33.72
CA ASN B 364 15.24 -10.53 -32.70
C ASN B 364 14.47 -10.41 -31.39
N ASP B 365 14.27 -11.55 -30.73
CA ASP B 365 13.60 -11.54 -29.42
C ASP B 365 14.57 -11.54 -28.25
N ASP B 366 15.86 -11.85 -28.48
CA ASP B 366 16.82 -11.96 -27.39
C ASP B 366 17.57 -10.64 -27.24
N TYR B 367 16.96 -9.71 -26.53
CA TYR B 367 17.58 -8.42 -26.29
C TYR B 367 17.25 -7.94 -24.88
N LEU B 368 18.08 -7.04 -24.38
CA LEU B 368 17.78 -6.28 -23.17
C LEU B 368 17.50 -4.85 -23.56
N ILE B 369 16.76 -4.15 -22.71
CA ILE B 369 16.55 -2.71 -22.87
C ILE B 369 17.36 -1.99 -21.80
N LEU B 370 18.32 -1.18 -22.24
CA LEU B 370 19.14 -0.38 -21.35
C LEU B 370 18.67 1.07 -21.40
N LEU B 371 18.47 1.66 -20.22
CA LEU B 371 18.03 3.04 -20.09
C LEU B 371 19.22 3.93 -19.78
N ALA B 372 19.27 5.08 -20.49
CA ALA B 372 20.26 6.15 -20.28
C ALA B 372 21.69 5.64 -20.35
N GLU B 373 21.91 4.57 -21.14
CA GLU B 373 23.23 3.96 -21.31
C GLU B 373 23.86 3.66 -19.96
N GLY B 374 23.01 3.30 -18.97
CA GLY B 374 23.48 3.01 -17.64
C GLY B 374 23.75 4.21 -16.75
N ARG B 375 23.54 5.43 -17.24
CA ARG B 375 23.68 6.60 -16.39
C ARG B 375 22.43 6.80 -15.54
N LEU B 376 22.55 7.66 -14.52
CA LEU B 376 21.45 7.97 -13.61
C LEU B 376 20.12 8.04 -14.35
N VAL B 377 19.25 7.04 -14.13
CA VAL B 377 18.10 6.89 -15.03
C VAL B 377 17.00 7.92 -14.73
N ASN B 378 16.79 8.29 -13.46
CA ASN B 378 15.73 9.26 -13.20
C ASN B 378 16.01 10.58 -13.89
N LEU B 379 17.27 11.02 -13.88
CA LEU B 379 17.63 12.25 -14.58
C LEU B 379 17.83 12.03 -16.08
N GLY B 380 18.28 10.85 -16.48
CA GLY B 380 18.54 10.61 -17.90
C GLY B 380 17.29 10.42 -18.74
N ASN B 381 16.28 9.75 -18.17
CA ASN B 381 15.06 9.43 -18.90
C ASN B 381 13.85 10.20 -18.42
N ALA B 382 13.98 10.97 -17.34
CA ALA B 382 12.91 11.89 -16.96
C ALA B 382 13.52 13.21 -16.49
N THR B 383 13.06 13.77 -15.38
CA THR B 383 13.56 15.07 -14.94
C THR B 383 14.15 15.02 -13.53
N GLY B 384 14.61 13.85 -13.10
CA GLY B 384 15.05 13.74 -11.74
C GLY B 384 13.96 14.02 -10.72
N HIS B 385 14.40 14.40 -9.53
CA HIS B 385 13.48 14.61 -8.43
C HIS B 385 12.61 15.84 -8.68
N PRO B 386 11.43 15.88 -8.08
CA PRO B 386 10.56 17.06 -8.24
C PRO B 386 11.01 18.22 -7.37
N SER B 387 10.56 19.41 -7.79
CA SER B 387 10.99 20.65 -7.13
C SER B 387 10.74 20.62 -5.63
N ARG B 388 9.57 20.15 -5.20
CA ARG B 388 9.26 20.21 -3.77
C ARG B 388 10.18 19.31 -2.94
N ILE B 389 10.75 18.26 -3.55
CA ILE B 389 11.73 17.46 -2.84
C ILE B 389 13.10 18.12 -2.90
N MET B 390 13.49 18.62 -4.07
CA MET B 390 14.81 19.28 -4.19
C MET B 390 14.87 20.55 -3.35
N ASP B 391 13.70 21.11 -2.99
CA ASP B 391 13.64 22.23 -2.07
C ASP B 391 14.51 21.98 -0.84
N GLY B 392 14.38 20.79 -0.26
CA GLY B 392 15.12 20.48 0.96
C GLY B 392 16.62 20.41 0.72
N SER B 393 17.04 19.64 -0.29
CA SER B 393 18.47 19.55 -0.60
C SER B 393 19.07 20.91 -0.85
N PHE B 394 18.39 21.76 -1.61
CA PHE B 394 19.04 22.97 -2.09
C PHE B 394 18.97 24.09 -1.07
N ALA B 395 17.96 24.09 -0.19
CA ALA B 395 18.03 24.94 0.99
C ALA B 395 19.26 24.61 1.83
N ASN B 396 19.55 23.31 2.00
CA ASN B 396 20.78 22.91 2.69
C ASN B 396 22.02 23.40 1.95
N GLN B 397 22.05 23.28 0.62
CA GLN B 397 23.21 23.76 -0.14
C GLN B 397 23.45 25.23 0.09
N VAL B 398 22.39 26.05 0.07
CA VAL B 398 22.55 27.49 0.24
C VAL B 398 23.10 27.78 1.63
N LEU B 399 22.53 27.16 2.66
CA LEU B 399 23.01 27.36 4.02
C LEU B 399 24.46 26.88 4.18
N ALA B 400 24.82 25.78 3.53
CA ALA B 400 26.19 25.29 3.61
C ALA B 400 27.17 26.25 2.92
N GLN B 401 26.77 26.80 1.75
CA GLN B 401 27.59 27.80 1.08
C GLN B 401 27.82 29.02 1.98
N ILE B 402 26.75 29.52 2.60
CA ILE B 402 26.87 30.66 3.51
C ILE B 402 27.84 30.33 4.64
N HIS B 403 27.67 29.15 5.26
CA HIS B 403 28.47 28.81 6.42
C HIS B 403 29.97 28.80 6.10
N LEU B 404 30.36 28.08 5.05
CA LEU B 404 31.79 27.96 4.74
C LEU B 404 32.36 29.27 4.17
N PHE B 405 31.56 29.99 3.38
CA PHE B 405 32.07 31.27 2.87
C PHE B 405 32.32 32.25 4.02
N GLU B 406 31.42 32.29 5.01
CA GLU B 406 31.63 33.19 6.14
C GLU B 406 32.81 32.76 7.02
N GLN B 407 33.16 31.46 7.03
CA GLN B 407 34.29 31.00 7.83
CA GLN B 407 34.28 31.01 7.84
C GLN B 407 35.62 31.47 7.26
N LYS B 408 35.70 31.64 5.94
CA LYS B 408 36.90 32.19 5.26
C LYS B 408 38.16 31.35 5.51
N TYR B 409 38.03 30.02 5.35
CA TYR B 409 39.15 29.11 5.56
C TYR B 409 40.41 29.55 4.81
N ALA B 410 40.27 29.95 3.54
CA ALA B 410 41.45 30.29 2.76
C ALA B 410 42.27 31.42 3.36
N ASP B 411 41.66 32.26 4.19
CA ASP B 411 42.35 33.40 4.78
C ASP B 411 42.96 33.10 6.14
N LEU B 412 42.76 31.89 6.68
CA LEU B 412 43.26 31.55 8.01
C LEU B 412 44.76 31.23 7.97
N PRO B 413 45.48 31.48 9.07
CA PRO B 413 46.86 31.00 9.17
C PRO B 413 46.93 29.49 9.07
N ALA B 414 48.12 29.00 8.69
CA ALA B 414 48.28 27.56 8.48
C ALA B 414 47.87 26.75 9.71
N ALA B 415 48.23 27.23 10.91
CA ALA B 415 47.89 26.49 12.12
C ALA B 415 46.39 26.44 12.35
N GLU B 416 45.66 27.46 11.93
CA GLU B 416 44.21 27.43 12.11
C GLU B 416 43.55 26.62 11.01
N LYS B 417 44.13 26.59 9.82
CA LYS B 417 43.63 25.70 8.78
C LYS B 417 43.62 24.26 9.23
N ALA B 418 44.70 23.82 9.87
CA ALA B 418 44.80 22.42 10.29
C ALA B 418 43.69 22.06 11.27
N LYS B 419 43.23 23.03 12.07
CA LYS B 419 42.17 22.78 13.03
C LYS B 419 40.78 22.77 12.41
N ARG B 420 40.64 23.23 11.17
CA ARG B 420 39.34 23.35 10.52
C ARG B 420 39.19 22.50 9.27
N LEU B 421 40.24 21.80 8.86
CA LEU B 421 40.18 20.94 7.67
C LEU B 421 39.41 19.67 8.04
N SER B 422 38.14 19.65 7.70
CA SER B 422 37.28 18.53 8.06
C SER B 422 36.12 18.43 7.07
N VAL B 423 35.38 17.34 7.18
CA VAL B 423 34.12 17.14 6.47
C VAL B 423 33.01 17.07 7.53
N GLU B 424 32.14 18.07 7.54
CA GLU B 424 31.12 18.21 8.57
C GLU B 424 29.73 18.26 7.97
N VAL B 425 28.73 18.05 8.81
CA VAL B 425 27.34 18.21 8.43
C VAL B 425 26.82 19.51 9.05
N LEU B 426 25.69 19.99 8.51
CA LEU B 426 25.05 21.15 9.12
C LEU B 426 24.43 20.76 10.46
N PRO B 427 24.31 21.73 11.39
CA PRO B 427 23.71 21.43 12.69
C PRO B 427 22.22 21.09 12.60
N LYS B 428 21.75 20.32 13.60
CA LYS B 428 20.38 19.83 13.58
C LYS B 428 19.35 20.97 13.58
N LYS B 429 19.65 22.09 14.24
CA LYS B 429 18.68 23.19 14.26
C LYS B 429 18.35 23.69 12.84
N LEU B 430 19.37 23.80 11.98
CA LEU B 430 19.14 24.16 10.58
C LEU B 430 18.32 23.10 9.87
N ASP B 431 18.70 21.82 10.03
CA ASP B 431 17.97 20.71 9.45
C ASP B 431 16.49 20.77 9.82
N GLU B 432 16.19 21.06 11.09
CA GLU B 432 14.80 21.19 11.54
C GLU B 432 14.11 22.40 10.91
N GLU B 433 14.81 23.53 10.80
CA GLU B 433 14.17 24.72 10.23
C GLU B 433 13.87 24.54 8.74
N VAL B 434 14.75 23.85 7.99
CA VAL B 434 14.42 23.48 6.62
C VAL B 434 13.18 22.59 6.60
N ALA B 435 13.13 21.61 7.50
CA ALA B 435 11.98 20.69 7.51
C ALA B 435 10.69 21.44 7.79
N LEU B 436 10.73 22.44 8.67
CA LEU B 436 9.51 23.15 9.01
C LEU B 436 8.94 23.88 7.80
N GLU B 437 9.80 24.56 7.02
CA GLU B 437 9.30 25.20 5.80
C GLU B 437 8.73 24.18 4.81
N MET B 438 9.35 23.01 4.73
CA MET B 438 8.79 21.96 3.87
C MET B 438 7.40 21.55 4.35
N VAL B 439 7.25 21.32 5.65
CA VAL B 439 5.95 20.90 6.19
C VAL B 439 4.91 21.99 5.95
N LYS B 440 5.27 23.25 6.17
CA LYS B 440 4.33 24.34 5.89
C LYS B 440 3.95 24.39 4.40
N GLY B 441 4.85 23.97 3.51
CA GLY B 441 4.49 23.93 2.10
C GLY B 441 3.37 22.93 1.81
N PHE B 442 3.28 21.87 2.59
CA PHE B 442 2.16 20.93 2.47
C PHE B 442 0.91 21.39 3.19
N GLY B 443 0.97 22.53 3.89
CA GLY B 443 -0.12 22.94 4.76
C GLY B 443 -0.12 22.25 6.11
N GLY B 444 0.95 21.54 6.45
CA GLY B 444 0.99 20.85 7.73
C GLY B 444 1.18 21.82 8.89
N VAL B 445 0.64 21.45 10.04
CA VAL B 445 0.68 22.29 11.24
C VAL B 445 1.44 21.53 12.33
N VAL B 446 2.64 22.01 12.66
CA VAL B 446 3.44 21.42 13.71
C VAL B 446 2.92 21.92 15.05
N THR B 447 2.87 21.02 16.04
CA THR B 447 2.46 21.41 17.39
C THR B 447 3.63 22.05 18.14
N GLN B 448 3.32 23.01 19.01
CA GLN B 448 4.33 23.60 19.89
C GLN B 448 4.25 22.95 21.28
N LEU B 449 5.38 22.45 21.77
CA LEU B 449 5.46 21.94 23.14
C LEU B 449 5.09 23.02 24.15
N THR B 450 4.38 22.62 25.22
CA THR B 450 4.28 23.49 26.39
C THR B 450 5.61 23.50 27.15
N PRO B 451 5.84 24.51 28.00
CA PRO B 451 7.04 24.48 28.87
C PRO B 451 7.18 23.19 29.67
N LYS B 452 6.07 22.67 30.21
CA LYS B 452 6.10 21.45 31.01
C LYS B 452 6.47 20.24 30.17
N GLN B 453 5.95 20.17 28.94
CA GLN B 453 6.31 19.08 28.04
C GLN B 453 7.76 19.15 27.62
N ALA B 454 8.24 20.35 27.29
CA ALA B 454 9.65 20.51 26.92
C ALA B 454 10.55 20.10 28.07
N GLU B 455 10.24 20.55 29.28
CA GLU B 455 10.98 20.09 30.46
C GLU B 455 10.90 18.57 30.60
N TYR B 456 9.73 17.99 30.35
CA TYR B 456 9.52 16.56 30.61
C TYR B 456 10.43 15.69 29.75
N ILE B 457 10.56 16.01 28.45
CA ILE B 457 11.43 15.24 27.57
C ILE B 457 12.82 15.85 27.44
N GLY B 458 13.07 16.98 28.11
CA GLY B 458 14.40 17.54 28.16
C GLY B 458 14.87 18.20 26.89
N VAL B 459 14.00 18.95 26.22
CA VAL B 459 14.36 19.74 25.05
C VAL B 459 13.93 21.18 25.25
N SER B 460 14.51 22.05 24.43
CA SER B 460 14.01 23.41 24.29
C SER B 460 12.75 23.42 23.44
N VAL B 461 11.84 24.35 23.73
CA VAL B 461 10.59 24.47 22.98
C VAL B 461 10.85 24.71 21.50
N GLU B 462 11.93 25.42 21.17
CA GLU B 462 12.25 25.70 19.77
C GLU B 462 13.14 24.64 19.13
N GLY B 463 13.51 23.60 19.88
CA GLY B 463 14.41 22.58 19.38
C GLY B 463 15.86 22.94 19.64
N PRO B 464 16.80 22.06 19.23
CA PRO B 464 16.55 20.80 18.52
C PRO B 464 15.77 19.77 19.36
N PHE B 465 15.02 18.89 18.72
CA PHE B 465 14.12 17.99 19.44
C PHE B 465 14.70 16.60 19.65
N LYS B 466 15.82 16.27 19.00
CA LYS B 466 16.41 14.94 19.04
C LYS B 466 17.90 15.06 19.32
N PRO B 467 18.50 14.08 19.99
CA PRO B 467 19.95 14.04 20.10
C PRO B 467 20.57 13.80 18.73
N ASP B 468 21.84 14.19 18.60
CA ASP B 468 22.52 14.03 17.32
C ASP B 468 22.60 12.56 16.89
N THR B 469 22.47 11.61 17.82
CA THR B 469 22.51 10.19 17.48
C THR B 469 21.20 9.68 16.89
N TYR B 470 20.14 10.48 16.91
CA TYR B 470 18.83 9.99 16.47
C TYR B 470 18.81 9.66 14.98
N ARG B 471 18.17 8.55 14.61
CA ARG B 471 18.23 8.07 13.24
C ARG B 471 16.99 8.36 12.41
N TYR B 472 15.89 8.78 13.03
CA TYR B 472 14.64 9.04 12.32
C TYR B 472 14.20 7.81 11.54
N PHE C 13 9.64 -26.05 45.01
CA PHE C 13 9.93 -24.68 44.61
C PHE C 13 8.73 -23.77 44.84
N THR C 14 8.91 -22.76 45.69
CA THR C 14 7.83 -21.84 46.07
C THR C 14 8.20 -20.38 45.88
N ASP C 15 9.35 -20.09 45.25
CA ASP C 15 9.89 -18.73 45.21
C ASP C 15 9.39 -18.05 43.93
N TYR C 16 8.11 -17.72 43.93
CA TYR C 16 7.46 -17.14 42.74
C TYR C 16 6.05 -16.72 43.12
N LYS C 17 5.44 -15.92 42.26
CA LYS C 17 4.00 -15.67 42.39
C LYS C 17 3.44 -15.37 41.01
N VAL C 18 2.53 -16.22 40.55
CA VAL C 18 1.91 -16.08 39.24
C VAL C 18 0.41 -16.30 39.40
N ALA C 19 -0.33 -16.07 38.31
CA ALA C 19 -1.79 -16.15 38.39
C ALA C 19 -2.27 -17.59 38.52
N ASP C 20 -1.64 -18.52 37.80
CA ASP C 20 -2.14 -19.89 37.74
C ASP C 20 -1.00 -20.77 37.23
N ILE C 21 -0.36 -21.50 38.15
CA ILE C 21 0.77 -22.35 37.79
C ILE C 21 0.34 -23.49 36.87
N THR C 22 -0.96 -23.83 36.85
CA THR C 22 -1.40 -24.91 35.96
C THR C 22 -1.38 -24.50 34.49
N LEU C 23 -1.12 -23.22 34.18
CA LEU C 23 -0.95 -22.80 32.79
C LEU C 23 0.43 -23.13 32.24
N ALA C 24 1.29 -23.77 33.04
CA ALA C 24 2.69 -23.94 32.65
C ALA C 24 2.83 -24.76 31.38
N ALA C 25 2.09 -25.87 31.27
CA ALA C 25 2.19 -26.70 30.08
C ALA C 25 1.83 -25.93 28.82
N TRP C 26 0.79 -25.11 28.90
CA TRP C 26 0.42 -24.26 27.77
C TRP C 26 1.54 -23.28 27.45
N GLY C 27 2.03 -22.58 28.46
CA GLY C 27 3.14 -21.66 28.24
C GLY C 27 4.35 -22.35 27.62
N ARG C 28 4.63 -23.59 28.04
CA ARG C 28 5.77 -24.31 27.50
C ARG C 28 5.55 -24.68 26.03
N ARG C 29 4.32 -25.05 25.66
CA ARG C 29 4.05 -25.25 24.24
C ARG C 29 4.33 -23.98 23.44
N GLU C 30 3.86 -22.82 23.92
CA GLU C 30 4.09 -21.60 23.17
C GLU C 30 5.55 -21.15 23.20
N LEU C 31 6.31 -21.53 24.23
CA LEU C 31 7.74 -21.22 24.23
C LEU C 31 8.49 -22.06 23.20
N ILE C 32 8.10 -23.33 23.04
CA ILE C 32 8.75 -24.17 22.04
C ILE C 32 8.50 -23.61 20.64
N ILE C 33 7.29 -23.10 20.38
CA ILE C 33 7.02 -22.47 19.10
C ILE C 33 7.84 -21.19 18.95
N ALA C 34 7.85 -20.37 20.00
CA ALA C 34 8.56 -19.10 19.92
C ALA C 34 10.04 -19.31 19.63
N GLU C 35 10.64 -20.37 20.19
CA GLU C 35 12.03 -20.66 19.92
C GLU C 35 12.29 -20.80 18.43
N SER C 36 11.35 -21.43 17.71
CA SER C 36 11.48 -21.55 16.26
C SER C 36 11.31 -20.22 15.55
N GLU C 37 10.79 -19.20 16.22
CA GLU C 37 10.59 -17.88 15.64
C GLU C 37 11.68 -16.88 16.01
N MET C 38 12.68 -17.30 16.79
CA MET C 38 13.71 -16.40 17.32
C MET C 38 15.09 -16.94 16.98
N PRO C 39 15.48 -16.89 15.70
CA PRO C 39 16.78 -17.49 15.32
C PRO C 39 17.99 -16.77 15.89
N ALA C 40 17.96 -15.44 16.00
CA ALA C 40 19.13 -14.76 16.55
C ALA C 40 19.34 -15.15 18.01
N LEU C 41 18.26 -15.18 18.78
CA LEU C 41 18.35 -15.52 20.20
C LEU C 41 18.77 -16.98 20.38
N MET C 42 18.14 -17.90 19.63
N MET C 42 18.16 -17.90 19.63
CA MET C 42 18.52 -19.31 19.67
CA MET C 42 18.56 -19.30 19.75
C MET C 42 19.98 -19.48 19.26
C MET C 42 19.97 -19.53 19.23
N GLY C 43 20.41 -18.75 18.23
CA GLY C 43 21.79 -18.86 17.79
C GLY C 43 22.78 -18.50 18.89
N LEU C 44 22.43 -17.51 19.72
CA LEU C 44 23.30 -17.15 20.84
C LEU C 44 23.36 -18.28 21.86
N ARG C 45 22.24 -18.98 22.09
CA ARG C 45 22.26 -20.15 22.96
C ARG C 45 23.28 -21.16 22.47
N ARG C 46 23.24 -21.45 21.17
CA ARG C 46 24.09 -22.52 20.66
C ARG C 46 25.55 -22.13 20.70
N LYS C 47 25.85 -20.86 20.43
CA LYS C 47 27.22 -20.45 20.25
C LYS C 47 27.91 -20.13 21.57
N TYR C 48 27.15 -19.71 22.58
CA TYR C 48 27.74 -19.40 23.87
C TYR C 48 27.51 -20.47 24.93
N ALA C 49 26.73 -21.52 24.61
CA ALA C 49 26.46 -22.57 25.60
C ALA C 49 27.75 -23.18 26.13
N GLY C 50 28.72 -23.41 25.24
CA GLY C 50 29.97 -24.00 25.67
C GLY C 50 30.74 -23.10 26.62
N GLN C 51 30.83 -21.80 26.30
CA GLN C 51 31.61 -20.89 27.13
C GLN C 51 30.94 -20.60 28.47
N GLN C 52 29.61 -20.61 28.54
CA GLN C 52 28.88 -20.18 29.72
C GLN C 52 29.34 -18.78 30.15
N PRO C 53 29.19 -17.76 29.30
CA PRO C 53 29.71 -16.42 29.63
C PRO C 53 29.01 -15.76 30.80
N LEU C 54 27.82 -16.21 31.18
CA LEU C 54 27.08 -15.62 32.29
C LEU C 54 27.13 -16.46 33.55
N LYS C 55 28.01 -17.47 33.61
CA LYS C 55 28.20 -18.21 34.85
C LYS C 55 28.63 -17.26 35.97
N GLY C 56 27.90 -17.30 37.08
CA GLY C 56 28.12 -16.37 38.17
C GLY C 56 27.29 -15.10 38.11
N ALA C 57 26.65 -14.81 36.98
CA ALA C 57 25.77 -13.65 36.90
C ALA C 57 24.49 -13.89 37.69
N LYS C 58 24.05 -12.87 38.41
CA LYS C 58 22.78 -12.90 39.15
C LYS C 58 22.00 -11.67 38.72
N ILE C 59 21.03 -11.88 37.83
CA ILE C 59 20.40 -10.82 37.07
C ILE C 59 19.04 -10.50 37.67
N LEU C 60 18.84 -9.26 38.09
CA LEU C 60 17.50 -8.74 38.34
C LEU C 60 16.90 -8.29 37.00
N GLY C 61 15.76 -8.86 36.63
CA GLY C 61 15.14 -8.49 35.38
C GLY C 61 13.75 -7.90 35.54
N CYS C 62 13.46 -6.80 34.85
CA CYS C 62 12.14 -6.15 34.93
C CYS C 62 11.69 -5.81 33.50
N ILE C 63 10.91 -6.70 32.89
CA ILE C 63 10.39 -6.47 31.55
C ILE C 63 9.17 -7.36 31.36
N HIS C 64 8.18 -6.83 30.64
CA HIS C 64 6.93 -7.51 30.28
C HIS C 64 7.07 -9.02 30.25
N MET C 65 6.40 -9.73 31.15
CA MET C 65 6.57 -11.18 31.28
C MET C 65 5.72 -11.89 30.24
N THR C 66 6.17 -11.79 29.00
CA THR C 66 5.55 -12.41 27.83
C THR C 66 6.24 -13.73 27.50
N ILE C 67 5.70 -14.43 26.50
CA ILE C 67 6.36 -15.60 25.95
C ILE C 67 7.73 -15.21 25.41
N GLN C 68 7.83 -14.04 24.79
CA GLN C 68 9.09 -13.61 24.20
C GLN C 68 10.14 -13.38 25.28
N THR C 69 9.73 -12.77 26.40
CA THR C 69 10.62 -12.60 27.54
C THR C 69 11.02 -13.94 28.16
N GLY C 70 10.13 -14.94 28.09
CA GLY C 70 10.50 -16.26 28.56
C GLY C 70 11.66 -16.86 27.77
N VAL C 71 11.68 -16.63 26.45
CA VAL C 71 12.78 -17.18 25.67
C VAL C 71 14.07 -16.43 25.99
N LEU C 72 13.97 -15.11 26.24
CA LEU C 72 15.10 -14.33 26.72
C LEU C 72 15.61 -14.86 28.06
N ILE C 73 14.69 -15.09 29.01
CA ILE C 73 15.09 -15.56 30.33
C ILE C 73 15.84 -16.87 30.23
N GLU C 74 15.27 -17.84 29.50
CA GLU C 74 15.90 -19.15 29.44
C GLU C 74 17.20 -19.13 28.67
N THR C 75 17.39 -18.15 27.77
CA THR C 75 18.69 -17.99 27.13
C THR C 75 19.73 -17.54 28.14
N LEU C 76 19.39 -16.51 28.94
CA LEU C 76 20.31 -16.07 29.99
C LEU C 76 20.66 -17.20 30.93
N VAL C 77 19.67 -18.01 31.31
CA VAL C 77 19.92 -19.16 32.17
C VAL C 77 20.77 -20.19 31.46
N ALA C 78 20.47 -20.46 30.19
CA ALA C 78 21.24 -21.44 29.42
C ALA C 78 22.70 -21.06 29.34
N LEU C 79 23.01 -19.77 29.42
CA LEU C 79 24.39 -19.30 29.34
C LEU C 79 25.04 -19.15 30.71
N GLY C 80 24.36 -19.57 31.78
CA GLY C 80 24.97 -19.65 33.10
C GLY C 80 24.36 -18.75 34.15
N ALA C 81 23.47 -17.82 33.81
CA ALA C 81 22.96 -16.85 34.78
C ALA C 81 21.93 -17.46 35.72
N GLU C 82 21.83 -16.87 36.91
CA GLU C 82 20.63 -16.92 37.72
C GLU C 82 19.88 -15.61 37.57
N VAL C 83 18.54 -15.65 37.68
CA VAL C 83 17.72 -14.46 37.52
C VAL C 83 16.59 -14.44 38.57
N ARG C 84 16.04 -13.24 38.79
CA ARG C 84 14.78 -13.05 39.50
C ARG C 84 14.01 -12.00 38.72
N TRP C 85 12.75 -12.29 38.37
CA TRP C 85 12.10 -11.55 37.30
C TRP C 85 10.78 -10.92 37.73
N SER C 86 10.44 -9.79 37.10
CA SER C 86 9.15 -9.16 37.27
C SER C 86 8.77 -8.49 35.95
N SER C 87 7.48 -8.19 35.79
CA SER C 87 7.04 -7.44 34.62
C SER C 87 7.25 -5.95 34.84
N CYS C 88 7.36 -5.21 33.73
CA CYS C 88 7.47 -3.76 33.82
C CYS C 88 6.17 -3.04 33.51
N ASN C 89 5.05 -3.76 33.43
CA ASN C 89 3.73 -3.15 33.30
C ASN C 89 2.68 -4.05 33.92
N ILE C 90 1.66 -3.44 34.54
CA ILE C 90 0.65 -4.20 35.27
C ILE C 90 -0.22 -5.07 34.37
N PHE C 91 -0.26 -4.79 33.06
CA PHE C 91 -1.17 -5.48 32.15
C PHE C 91 -0.45 -6.31 31.10
N SER C 92 0.89 -6.31 31.07
CA SER C 92 1.60 -6.89 29.94
C SER C 92 1.92 -8.36 30.11
N THR C 93 1.89 -8.89 31.33
CA THR C 93 2.22 -10.29 31.52
C THR C 93 1.26 -11.19 30.74
N GLN C 94 1.81 -12.25 30.15
CA GLN C 94 1.03 -13.39 29.68
C GLN C 94 1.10 -14.45 30.76
N ASP C 95 -0.06 -14.79 31.34
CA ASP C 95 -0.04 -15.64 32.52
C ASP C 95 0.54 -17.02 32.23
N GLN C 96 0.41 -17.52 31.00
CA GLN C 96 0.97 -18.83 30.71
C GLN C 96 2.49 -18.77 30.57
N ALA C 97 3.04 -17.64 30.12
CA ALA C 97 4.50 -17.48 30.09
C ALA C 97 5.07 -17.45 31.52
N ALA C 98 4.50 -16.62 32.38
CA ALA C 98 4.98 -16.56 33.76
C ALA C 98 4.90 -17.93 34.44
N ALA C 99 3.82 -18.67 34.20
CA ALA C 99 3.69 -19.99 34.82
C ALA C 99 4.78 -20.95 34.34
N ALA C 100 5.05 -20.97 33.03
CA ALA C 100 6.09 -21.84 32.48
C ALA C 100 7.45 -21.53 33.10
N ILE C 101 7.74 -20.25 33.29
CA ILE C 101 9.03 -19.85 33.87
C ILE C 101 9.09 -20.29 35.34
N ALA C 102 8.03 -20.03 36.10
CA ALA C 102 7.97 -20.48 37.48
C ALA C 102 8.08 -22.01 37.58
N ALA C 103 7.38 -22.73 36.71
CA ALA C 103 7.44 -24.19 36.75
C ALA C 103 8.81 -24.72 36.40
N ALA C 104 9.64 -23.92 35.72
CA ALA C 104 11.01 -24.29 35.44
C ALA C 104 11.95 -24.05 36.62
N GLY C 105 11.42 -23.60 37.76
CA GLY C 105 12.25 -23.34 38.92
C GLY C 105 12.92 -21.98 38.91
N ILE C 106 12.42 -21.04 38.14
CA ILE C 106 12.99 -19.70 38.01
C ILE C 106 12.09 -18.73 38.77
N PRO C 107 12.63 -17.97 39.73
CA PRO C 107 11.79 -17.02 40.47
C PRO C 107 11.25 -15.93 39.55
N VAL C 108 9.92 -15.75 39.59
CA VAL C 108 9.27 -14.72 38.79
C VAL C 108 8.03 -14.27 39.57
N PHE C 109 7.72 -12.98 39.49
CA PHE C 109 6.60 -12.40 40.22
C PHE C 109 5.88 -11.47 39.25
N ALA C 110 4.79 -11.97 38.67
CA ALA C 110 4.14 -11.27 37.56
C ALA C 110 2.82 -11.94 37.16
N TRP C 111 1.76 -11.14 37.01
CA TRP C 111 0.52 -11.62 36.42
C TRP C 111 -0.16 -10.47 35.69
N LYS C 112 -1.08 -10.83 34.80
CA LYS C 112 -1.85 -9.83 34.08
C LYS C 112 -2.92 -9.26 35.00
N GLY C 113 -2.97 -7.95 35.11
CA GLY C 113 -3.97 -7.31 35.95
C GLY C 113 -3.49 -6.98 37.34
N GLU C 114 -2.21 -6.70 37.53
CA GLU C 114 -1.70 -6.25 38.82
C GLU C 114 -2.27 -4.88 39.19
N THR C 115 -2.39 -4.63 40.49
CA THR C 115 -2.58 -3.27 40.94
C THR C 115 -1.22 -2.56 41.00
N GLU C 116 -1.27 -1.23 41.12
CA GLU C 116 -0.02 -0.47 41.26
C GLU C 116 0.76 -0.94 42.47
N GLU C 117 0.07 -1.25 43.57
CA GLU C 117 0.76 -1.74 44.76
C GLU C 117 1.38 -3.10 44.51
N GLU C 118 0.64 -3.99 43.82
CA GLU C 118 1.16 -5.32 43.55
C GLU C 118 2.37 -5.25 42.63
N TYR C 119 2.33 -4.32 41.67
CA TYR C 119 3.44 -4.12 40.75
C TYR C 119 4.72 -3.79 41.50
N GLU C 120 4.64 -2.87 42.46
CA GLU C 120 5.80 -2.53 43.26
C GLU C 120 6.24 -3.70 44.12
N TRP C 121 5.29 -4.41 44.71
CA TRP C 121 5.61 -5.60 45.51
C TRP C 121 6.37 -6.63 44.66
N CYS C 122 5.98 -6.79 43.40
CA CYS C 122 6.62 -7.78 42.53
C CYS C 122 8.08 -7.43 42.30
N ILE C 123 8.38 -6.16 42.01
CA ILE C 123 9.77 -5.75 41.83
C ILE C 123 10.54 -5.99 43.13
N GLU C 124 9.92 -5.70 44.27
CA GLU C 124 10.58 -5.92 45.56
CA GLU C 124 10.59 -5.93 45.55
C GLU C 124 10.89 -7.39 45.78
N GLN C 125 10.05 -8.30 45.26
CA GLN C 125 10.30 -9.72 45.45
C GLN C 125 11.50 -10.21 44.65
N THR C 126 11.82 -9.56 43.53
CA THR C 126 13.06 -9.92 42.87
C THR C 126 14.25 -9.35 43.62
N ILE C 127 14.12 -8.13 44.15
CA ILE C 127 15.21 -7.50 44.88
C ILE C 127 15.56 -8.28 46.14
N LEU C 128 14.54 -8.75 46.86
CA LEU C 128 14.74 -9.44 48.12
C LEU C 128 14.59 -10.95 47.96
N LYS C 129 15.48 -11.69 48.60
CA LYS C 129 15.35 -13.13 48.73
C LYS C 129 15.45 -13.49 50.21
N ASP C 130 14.45 -14.20 50.72
CA ASP C 130 14.38 -14.55 52.14
C ASP C 130 14.52 -13.32 53.01
N GLY C 131 13.80 -12.26 52.63
CA GLY C 131 13.73 -11.06 53.44
C GLY C 131 14.98 -10.21 53.46
N GLN C 132 15.98 -10.53 52.63
CA GLN C 132 17.22 -9.80 52.60
C GLN C 132 17.57 -9.49 51.15
N PRO C 133 18.36 -8.45 50.91
CA PRO C 133 18.77 -8.16 49.53
C PRO C 133 19.47 -9.36 48.92
N TRP C 134 19.02 -9.74 47.72
CA TRP C 134 19.70 -10.77 46.95
C TRP C 134 21.07 -10.25 46.54
N ASP C 135 22.03 -11.17 46.41
CA ASP C 135 23.37 -10.79 45.96
C ASP C 135 23.39 -10.62 44.44
N ALA C 136 22.54 -9.70 43.96
CA ALA C 136 22.48 -9.40 42.55
C ALA C 136 23.77 -8.73 42.09
N ASN C 137 24.09 -8.92 40.80
CA ASN C 137 25.24 -8.23 40.23
C ASN C 137 25.02 -7.72 38.81
N MET C 138 23.82 -7.88 38.25
CA MET C 138 23.46 -7.38 36.92
C MET C 138 22.00 -6.96 36.92
N VAL C 139 21.67 -5.95 36.11
CA VAL C 139 20.31 -5.44 36.02
C VAL C 139 19.87 -5.43 34.56
N LEU C 140 18.68 -5.96 34.29
CA LEU C 140 18.03 -5.87 32.98
C LEU C 140 16.69 -5.17 33.18
N ASP C 141 16.50 -4.03 32.52
CA ASP C 141 15.38 -3.16 32.81
C ASP C 141 14.70 -2.71 31.52
N ASP C 142 13.38 -2.45 31.60
CA ASP C 142 12.58 -1.95 30.46
C ASP C 142 11.72 -0.79 30.97
N GLY C 143 12.23 0.43 30.83
CA GLY C 143 11.52 1.62 31.25
C GLY C 143 12.11 2.31 32.46
N GLY C 144 13.01 1.65 33.17
CA GLY C 144 13.78 2.29 34.23
C GLY C 144 13.19 2.23 35.62
N ASP C 145 12.06 1.55 35.82
CA ASP C 145 11.45 1.50 37.15
C ASP C 145 12.32 0.74 38.15
N LEU C 146 12.85 -0.42 37.73
CA LEU C 146 13.74 -1.17 38.61
C LEU C 146 15.03 -0.39 38.87
N THR C 147 15.59 0.22 37.82
CA THR C 147 16.76 1.08 37.98
C THR C 147 16.50 2.16 39.01
N GLU C 148 15.35 2.82 38.92
CA GLU C 148 15.00 3.89 39.85
C GLU C 148 14.87 3.37 41.27
N ILE C 149 14.23 2.20 41.45
CA ILE C 149 14.03 1.69 42.81
C ILE C 149 15.36 1.34 43.46
N LEU C 150 16.28 0.74 42.70
CA LEU C 150 17.59 0.41 43.26
C LEU C 150 18.32 1.67 43.71
N HIS C 151 18.34 2.71 42.86
CA HIS C 151 19.08 3.93 43.19
C HIS C 151 18.47 4.65 44.39
N LYS C 152 17.14 4.71 44.45
CA LYS C 152 16.49 5.51 45.49
C LYS C 152 16.34 4.75 46.80
N LYS C 153 16.06 3.44 46.75
CA LYS C 153 15.74 2.68 47.95
C LYS C 153 16.83 1.68 48.36
N TYR C 154 17.56 1.10 47.42
CA TYR C 154 18.59 0.10 47.73
C TYR C 154 19.94 0.52 47.15
N PRO C 155 20.44 1.72 47.48
CA PRO C 155 21.68 2.18 46.85
C PRO C 155 22.88 1.29 47.13
N GLN C 156 22.92 0.64 48.30
CA GLN C 156 24.07 -0.22 48.63
C GLN C 156 24.11 -1.46 47.76
N MET C 157 22.96 -1.93 47.25
CA MET C 157 22.99 -3.05 46.32
C MET C 157 23.76 -2.70 45.06
N LEU C 158 23.70 -1.43 44.63
CA LEU C 158 24.36 -1.02 43.40
C LEU C 158 25.87 -1.09 43.48
N GLU C 159 26.44 -1.26 44.68
CA GLU C 159 27.87 -1.39 44.83
C GLU C 159 28.37 -2.75 44.36
N ARG C 160 27.49 -3.73 44.15
CA ARG C 160 27.87 -5.05 43.70
C ARG C 160 27.46 -5.32 42.26
N ILE C 161 26.80 -4.38 41.60
CA ILE C 161 26.22 -4.60 40.28
C ILE C 161 27.17 -4.07 39.23
N HIS C 162 27.43 -4.89 38.20
CA HIS C 162 28.38 -4.53 37.16
C HIS C 162 27.77 -3.67 36.07
N GLY C 163 26.47 -3.70 35.87
CA GLY C 163 25.89 -2.88 34.83
C GLY C 163 24.40 -3.09 34.71
N ILE C 164 23.77 -2.18 33.96
CA ILE C 164 22.35 -2.20 33.61
C ILE C 164 22.26 -2.29 32.09
N THR C 165 21.34 -3.11 31.60
CA THR C 165 21.02 -3.11 30.17
C THR C 165 19.57 -2.69 30.01
N GLU C 166 19.35 -1.50 29.43
CA GLU C 166 18.02 -0.89 29.35
C GLU C 166 17.43 -1.03 27.96
N GLU C 167 16.15 -1.42 27.91
CA GLU C 167 15.48 -1.86 26.69
C GLU C 167 14.90 -0.71 25.85
N THR C 168 14.33 0.30 26.47
CA THR C 168 13.38 1.14 25.76
C THR C 168 13.74 2.62 25.83
N THR C 169 13.13 3.38 24.91
CA THR C 169 13.48 4.77 24.72
C THR C 169 13.32 5.56 26.01
N THR C 170 12.16 5.41 26.67
CA THR C 170 11.89 6.13 27.91
C THR C 170 12.93 5.81 28.99
N GLY C 171 13.30 4.53 29.13
CA GLY C 171 14.30 4.18 30.14
C GLY C 171 15.67 4.76 29.84
N VAL C 172 16.04 4.81 28.55
CA VAL C 172 17.31 5.42 28.17
C VAL C 172 17.32 6.88 28.56
N HIS C 173 16.24 7.59 28.26
CA HIS C 173 16.16 9.00 28.66
C HIS C 173 16.38 9.14 30.16
N ARG C 174 15.75 8.28 30.96
CA ARG C 174 15.95 8.34 32.41
C ARG C 174 17.40 8.08 32.79
N LEU C 175 18.06 7.14 32.09
CA LEU C 175 19.47 6.87 32.36
C LEU C 175 20.34 8.06 32.05
N LEU C 176 20.09 8.72 30.91
CA LEU C 176 20.91 9.88 30.54
C LEU C 176 20.72 11.03 31.52
N ASP C 177 19.50 11.20 32.04
CA ASP C 177 19.26 12.24 33.03
CA ASP C 177 19.28 12.26 33.02
C ASP C 177 20.08 12.00 34.29
N MET C 178 20.16 10.72 34.71
CA MET C 178 20.96 10.41 35.89
C MET C 178 22.46 10.59 35.61
N LEU C 179 22.91 10.22 34.41
CA LEU C 179 24.31 10.44 34.07
C LEU C 179 24.64 11.92 34.07
N LYS C 180 23.78 12.74 33.46
CA LYS C 180 23.99 14.18 33.45
C LYS C 180 24.01 14.75 34.87
N ASN C 181 23.22 14.18 35.77
CA ASN C 181 23.11 14.69 37.14
C ASN C 181 24.14 14.09 38.08
N GLY C 182 24.96 13.15 37.62
CA GLY C 182 25.94 12.52 38.49
C GLY C 182 25.35 11.56 39.51
N THR C 183 24.17 11.02 39.24
CA THR C 183 23.50 10.12 40.16
C THR C 183 23.45 8.68 39.67
N LEU C 184 23.91 8.40 38.45
CA LEU C 184 24.03 7.04 37.97
C LEU C 184 25.23 6.35 38.63
N LYS C 185 25.00 5.15 39.18
CA LYS C 185 26.01 4.48 39.99
C LYS C 185 26.77 3.38 39.26
N VAL C 186 26.23 2.85 38.17
CA VAL C 186 26.87 1.75 37.44
C VAL C 186 26.74 2.01 35.95
N PRO C 187 27.62 1.42 35.14
CA PRO C 187 27.54 1.63 33.69
C PRO C 187 26.31 0.94 33.10
N ALA C 188 25.88 1.45 31.95
CA ALA C 188 24.70 0.91 31.30
C ALA C 188 24.96 0.80 29.81
N ILE C 189 24.28 -0.14 29.18
CA ILE C 189 24.24 -0.23 27.73
C ILE C 189 22.85 0.15 27.28
N ASN C 190 22.79 1.11 26.35
CA ASN C 190 21.58 1.50 25.66
C ASN C 190 21.30 0.45 24.60
N VAL C 191 20.42 -0.49 24.93
CA VAL C 191 20.03 -1.53 23.97
C VAL C 191 19.05 -0.97 22.95
N ASN C 192 18.29 0.06 23.33
CA ASN C 192 17.27 0.60 22.44
C ASN C 192 17.85 1.02 21.10
N ASP C 193 19.03 1.64 21.10
CA ASP C 193 19.54 2.29 19.91
C ASP C 193 20.41 1.38 19.04
N SER C 194 20.47 0.08 19.31
CA SER C 194 20.85 -0.83 18.24
C SER C 194 19.82 -0.70 17.14
N VAL C 195 20.27 -0.78 15.89
CA VAL C 195 19.32 -0.71 14.78
C VAL C 195 18.42 -1.94 14.79
N THR C 196 18.98 -3.10 15.12
CA THR C 196 18.13 -4.29 15.19
C THR C 196 17.20 -4.28 16.38
N LYS C 197 17.24 -3.22 17.19
CA LYS C 197 16.23 -2.99 18.21
C LYS C 197 15.33 -1.84 17.79
N SER C 198 15.84 -0.61 17.82
CA SER C 198 15.03 0.57 17.58
C SER C 198 14.25 0.50 16.26
N LYS C 199 14.94 0.14 15.18
CA LYS C 199 14.34 0.19 13.84
C LYS C 199 13.78 -1.14 13.43
N ASN C 200 13.33 -1.92 14.40
CA ASN C 200 12.75 -3.24 14.21
C ASN C 200 11.61 -3.37 15.21
N ASP C 201 11.98 -3.39 16.48
CA ASP C 201 11.06 -3.37 17.61
C ASP C 201 10.15 -2.14 17.58
N ASN C 202 10.72 -0.95 17.81
CA ASN C 202 9.91 0.23 18.07
C ASN C 202 8.98 0.55 16.90
N LYS C 203 9.43 0.29 15.67
CA LYS C 203 8.63 0.62 14.49
C LYS C 203 7.82 -0.60 14.05
N TYR C 204 8.50 -1.65 13.57
CA TYR C 204 7.78 -2.79 12.98
C TYR C 204 6.96 -3.53 14.03
N GLY C 205 7.42 -3.56 15.27
CA GLY C 205 6.64 -4.23 16.31
C GLY C 205 5.28 -3.58 16.52
N CYS C 206 5.24 -2.25 16.53
CA CYS C 206 3.97 -1.53 16.70
C CYS C 206 3.12 -1.63 15.44
N ARG C 207 3.74 -1.79 14.28
CA ARG C 207 2.97 -2.03 13.07
CA ARG C 207 2.97 -2.03 13.06
C ARG C 207 2.19 -3.32 13.17
N HIS C 208 2.81 -4.36 13.74
CA HIS C 208 2.14 -5.64 13.92
C HIS C 208 1.07 -5.58 15.01
N SER C 209 1.39 -4.95 16.14
CA SER C 209 0.61 -5.17 17.35
C SER C 209 -0.40 -4.07 17.68
N LEU C 210 -0.34 -2.89 17.04
CA LEU C 210 -1.32 -1.86 17.38
C LEU C 210 -2.70 -2.22 16.88
N ASN C 211 -2.83 -2.45 15.56
CA ASN C 211 -4.14 -2.83 15.05
CA ASN C 211 -4.15 -2.84 15.04
C ASN C 211 -4.61 -4.15 15.64
N ASP C 212 -3.67 -5.06 15.93
CA ASP C 212 -3.98 -6.30 16.61
C ASP C 212 -4.71 -6.01 17.92
N ALA C 213 -4.15 -5.12 18.74
CA ALA C 213 -4.76 -4.82 20.05
C ALA C 213 -6.11 -4.13 19.90
N ILE C 214 -6.24 -3.24 18.92
CA ILE C 214 -7.50 -2.52 18.78
C ILE C 214 -8.61 -3.48 18.36
N LYS C 215 -8.30 -4.40 17.45
CA LYS C 215 -9.27 -5.42 17.05
C LYS C 215 -9.67 -6.31 18.23
N ARG C 216 -8.70 -6.79 19.00
CA ARG C 216 -9.05 -7.68 20.12
C ARG C 216 -9.93 -6.97 21.14
N GLY C 217 -9.69 -5.69 21.36
CA GLY C 217 -10.43 -4.96 22.37
C GLY C 217 -11.82 -4.54 21.96
N THR C 218 -11.99 -4.11 20.70
CA THR C 218 -13.23 -3.53 20.24
C THR C 218 -13.87 -4.30 19.09
N ASP C 219 -13.09 -5.08 18.35
CA ASP C 219 -13.50 -5.68 17.08
C ASP C 219 -14.11 -4.65 16.13
N HIS C 220 -13.64 -3.40 16.23
CA HIS C 220 -14.11 -2.34 15.34
C HIS C 220 -13.50 -2.49 13.95
N LEU C 221 -14.33 -2.33 12.92
CA LEU C 221 -13.78 -2.00 11.61
C LEU C 221 -12.90 -0.78 11.69
N LEU C 222 -11.74 -0.84 11.04
CA LEU C 222 -10.87 0.34 10.99
C LEU C 222 -10.90 1.03 9.63
N SER C 223 -11.09 0.27 8.55
CA SER C 223 -11.15 0.82 7.20
C SER C 223 -12.19 1.93 7.11
N GLY C 224 -11.79 3.06 6.50
CA GLY C 224 -12.72 4.15 6.23
C GLY C 224 -12.94 5.11 7.39
N LYS C 225 -12.40 4.81 8.57
CA LYS C 225 -12.55 5.68 9.73
C LYS C 225 -11.32 6.58 9.85
N GLN C 226 -11.44 7.59 10.70
CA GLN C 226 -10.40 8.61 10.83
C GLN C 226 -9.59 8.35 12.09
N ALA C 227 -8.26 8.40 11.96
CA ALA C 227 -7.39 8.24 13.11
C ALA C 227 -6.51 9.48 13.24
N LEU C 228 -6.15 9.79 14.48
CA LEU C 228 -5.13 10.79 14.79
C LEU C 228 -4.03 10.11 15.59
N VAL C 229 -2.82 10.09 15.03
CA VAL C 229 -1.68 9.52 15.73
C VAL C 229 -0.83 10.68 16.23
N ILE C 230 -0.66 10.78 17.54
CA ILE C 230 0.14 11.83 18.17
C ILE C 230 1.56 11.33 18.27
N GLY C 231 2.46 11.90 17.49
CA GLY C 231 3.84 11.50 17.46
C GLY C 231 4.19 10.73 16.19
N TYR C 232 5.41 10.93 15.71
CA TYR C 232 5.84 10.21 14.52
C TYR C 232 7.33 9.88 14.63
N GLY C 233 7.76 9.45 15.83
CA GLY C 233 9.03 8.79 16.02
C GLY C 233 8.94 7.35 15.56
N ASP C 234 9.78 6.48 16.12
CA ASP C 234 9.75 5.11 15.63
C ASP C 234 8.42 4.45 15.93
N VAL C 235 7.87 4.67 17.13
CA VAL C 235 6.59 4.06 17.48
C VAL C 235 5.46 4.69 16.70
N GLY C 236 5.50 6.01 16.49
CA GLY C 236 4.44 6.66 15.71
C GLY C 236 4.47 6.27 14.24
N LYS C 237 5.66 6.06 13.69
CA LYS C 237 5.78 5.56 12.32
C LYS C 237 5.13 4.18 12.18
N GLY C 238 5.49 3.24 13.05
CA GLY C 238 4.90 1.92 12.99
C GLY C 238 3.41 1.94 13.27
N SER C 239 2.99 2.78 14.23
CA SER C 239 1.57 2.86 14.57
C SER C 239 0.76 3.41 13.40
N SER C 240 1.25 4.48 12.78
CA SER C 240 0.56 5.08 11.64
C SER C 240 0.41 4.08 10.51
N GLN C 241 1.46 3.30 10.26
CA GLN C 241 1.41 2.25 9.25
C GLN C 241 0.42 1.16 9.63
N SER C 242 0.40 0.75 10.90
CA SER C 242 -0.57 -0.26 11.38
C SER C 242 -1.98 0.15 11.02
N LEU C 243 -2.29 1.44 11.13
CA LEU C 243 -3.65 1.94 10.88
C LEU C 243 -3.89 2.19 9.40
N ARG C 244 -2.92 2.78 8.70
CA ARG C 244 -3.12 3.09 7.29
C ARG C 244 -3.26 1.81 6.45
N GLN C 245 -2.49 0.78 6.78
CA GLN C 245 -2.56 -0.46 6.01
C GLN C 245 -3.91 -1.14 6.17
N GLU C 246 -4.65 -0.85 7.24
CA GLU C 246 -6.03 -1.31 7.42
C GLU C 246 -7.04 -0.44 6.68
N GLY C 247 -6.62 0.64 6.05
CA GLY C 247 -7.52 1.55 5.37
C GLY C 247 -8.02 2.71 6.18
N MET C 248 -7.44 2.99 7.34
CA MET C 248 -7.80 4.21 8.07
C MET C 248 -7.30 5.44 7.31
N ILE C 249 -8.02 6.55 7.47
CA ILE C 249 -7.54 7.86 7.04
C ILE C 249 -6.79 8.43 8.23
N VAL C 250 -5.46 8.46 8.14
CA VAL C 250 -4.60 8.75 9.28
C VAL C 250 -4.08 10.17 9.16
N LYS C 251 -4.28 10.96 10.21
CA LYS C 251 -3.60 12.23 10.41
C LYS C 251 -2.56 12.08 11.50
N VAL C 252 -1.48 12.87 11.40
CA VAL C 252 -0.33 12.74 12.27
C VAL C 252 -0.06 14.10 12.90
N ALA C 253 0.18 14.12 14.21
CA ALA C 253 0.65 15.32 14.90
C ALA C 253 2.09 15.12 15.35
N GLU C 254 2.86 16.21 15.34
CA GLU C 254 4.27 16.15 15.71
C GLU C 254 4.71 17.50 16.24
N VAL C 255 5.72 17.49 17.11
CA VAL C 255 6.40 18.73 17.46
C VAL C 255 7.74 18.84 16.76
N ASP C 256 8.23 17.74 16.18
CA ASP C 256 9.53 17.72 15.53
C ASP C 256 9.30 17.93 14.05
N PRO C 257 9.73 19.05 13.47
CA PRO C 257 9.43 19.28 12.05
C PRO C 257 10.07 18.26 11.11
N ILE C 258 11.19 17.63 11.48
CA ILE C 258 11.79 16.62 10.61
C ILE C 258 10.90 15.38 10.56
N CYS C 259 10.46 14.91 11.72
CA CYS C 259 9.53 13.79 11.74
C CYS C 259 8.22 14.14 11.03
N ALA C 260 7.74 15.37 11.20
CA ALA C 260 6.54 15.81 10.46
C ALA C 260 6.76 15.78 8.95
N MET C 261 7.96 16.17 8.51
N MET C 261 7.96 16.18 8.50
CA MET C 261 8.28 16.09 7.08
CA MET C 261 8.28 16.09 7.08
C MET C 261 8.19 14.65 6.58
C MET C 261 8.18 14.66 6.59
N GLN C 262 8.70 13.69 7.37
CA GLN C 262 8.58 12.30 6.99
C GLN C 262 7.12 11.89 6.90
N ALA C 263 6.28 12.36 7.83
CA ALA C 263 4.87 11.96 7.76
C ALA C 263 4.23 12.47 6.47
N CYS C 264 4.53 13.72 6.09
CA CYS C 264 3.98 14.26 4.85
C CYS C 264 4.41 13.42 3.66
N MET C 265 5.72 13.19 3.55
CA MET C 265 6.25 12.41 2.43
C MET C 265 5.72 10.97 2.45
N ASP C 266 5.41 10.43 3.63
CA ASP C 266 4.83 9.11 3.73
C ASP C 266 3.35 9.08 3.37
N GLY C 267 2.77 10.23 3.04
CA GLY C 267 1.41 10.27 2.60
C GLY C 267 0.38 10.59 3.66
N PHE C 268 0.77 11.24 4.74
CA PHE C 268 -0.15 11.63 5.80
C PHE C 268 -0.30 13.14 5.86
N GLU C 269 -1.51 13.57 6.23
CA GLU C 269 -1.78 14.96 6.55
C GLU C 269 -1.32 15.23 7.98
N VAL C 270 -0.56 16.30 8.18
CA VAL C 270 -0.01 16.65 9.48
C VAL C 270 -0.86 17.74 10.10
N VAL C 271 -1.41 17.49 11.28
CA VAL C 271 -2.35 18.40 11.92
C VAL C 271 -1.97 18.53 13.38
N SER C 272 -2.51 19.56 14.02
CA SER C 272 -2.35 19.77 15.44
C SER C 272 -3.71 19.76 16.13
N PRO C 273 -3.83 19.17 17.32
CA PRO C 273 -5.09 19.32 18.07
C PRO C 273 -5.41 20.76 18.40
N TYR C 274 -4.42 21.66 18.33
CA TYR C 274 -4.55 23.05 18.74
C TYR C 274 -4.50 23.96 17.53
N LYS C 275 -5.28 25.03 17.58
CA LYS C 275 -5.27 26.02 16.50
C LYS C 275 -3.88 26.63 16.37
N ASN C 276 -3.33 26.59 15.16
CA ASN C 276 -1.97 27.04 14.84
C ASN C 276 -0.92 26.29 15.64
N GLY C 277 -1.28 25.16 16.22
CA GLY C 277 -0.36 24.38 17.02
C GLY C 277 -0.07 24.94 18.40
N ILE C 278 -0.77 25.98 18.84
CA ILE C 278 -0.48 26.67 20.10
C ILE C 278 -1.39 26.12 21.18
N ASN C 279 -0.80 25.37 22.12
CA ASN C 279 -1.48 24.72 23.24
C ASN C 279 -1.36 25.66 24.45
N ASP C 280 -2.29 26.63 24.52
CA ASP C 280 -2.26 27.66 25.56
C ASP C 280 -3.09 27.33 26.80
N GLY C 281 -3.72 26.16 26.85
CA GLY C 281 -4.43 25.73 28.04
C GLY C 281 -5.94 25.93 28.00
N THR C 282 -6.44 26.75 27.09
CA THR C 282 -7.87 27.05 27.05
C THR C 282 -8.61 26.07 26.13
N GLU C 283 -9.90 25.89 26.41
CA GLU C 283 -10.72 25.15 25.46
C GLU C 283 -10.73 25.84 24.10
N ALA C 284 -10.57 27.16 24.09
CA ALA C 284 -10.66 27.91 22.84
C ALA C 284 -9.55 27.53 21.87
N SER C 285 -8.40 27.08 22.36
CA SER C 285 -7.30 26.67 21.49
C SER C 285 -7.53 25.32 20.82
N ILE C 286 -8.49 24.53 21.28
CA ILE C 286 -8.73 23.22 20.69
C ILE C 286 -9.36 23.37 19.31
N ASP C 287 -8.85 22.61 18.34
CA ASP C 287 -9.48 22.53 17.02
C ASP C 287 -10.63 21.55 17.15
N ALA C 288 -11.78 22.08 17.57
CA ALA C 288 -12.94 21.22 17.83
C ALA C 288 -13.46 20.57 16.56
N ALA C 289 -13.36 21.26 15.41
CA ALA C 289 -13.85 20.66 14.17
C ALA C 289 -13.03 19.44 13.80
N LEU C 290 -11.70 19.52 13.95
CA LEU C 290 -10.83 18.38 13.70
C LEU C 290 -11.12 17.24 14.67
N LEU C 291 -11.07 17.53 15.97
CA LEU C 291 -11.24 16.46 16.95
C LEU C 291 -12.62 15.82 16.88
N GLY C 292 -13.63 16.59 16.45
CA GLY C 292 -14.99 16.08 16.32
C GLY C 292 -15.18 15.10 15.17
N LYS C 293 -14.17 14.92 14.34
CA LYS C 293 -14.18 13.96 13.23
C LYS C 293 -13.34 12.72 13.50
N ILE C 294 -12.63 12.66 14.61
CA ILE C 294 -11.66 11.60 14.84
C ILE C 294 -12.33 10.40 15.50
N ASP C 295 -12.17 9.22 14.90
CA ASP C 295 -12.71 7.97 15.46
C ASP C 295 -11.72 7.23 16.36
N LEU C 296 -10.44 7.59 16.33
CA LEU C 296 -9.42 6.85 17.04
C LEU C 296 -8.23 7.76 17.24
N ILE C 297 -7.78 7.89 18.48
CA ILE C 297 -6.56 8.63 18.78
C ILE C 297 -5.59 7.68 19.47
N VAL C 298 -4.32 7.73 19.06
CA VAL C 298 -3.26 6.87 19.55
C VAL C 298 -2.08 7.77 19.90
N THR C 299 -1.62 7.69 21.15
CA THR C 299 -0.46 8.46 21.60
C THR C 299 0.81 7.61 21.55
N THR C 300 1.89 8.19 21.02
CA THR C 300 3.12 7.44 20.75
C THR C 300 4.38 8.19 21.21
N THR C 301 4.27 9.16 22.11
CA THR C 301 5.31 10.17 22.23
C THR C 301 6.37 9.88 23.28
N GLY C 302 6.01 9.19 24.36
CA GLY C 302 6.84 9.18 25.54
C GLY C 302 6.84 10.49 26.30
N ASN C 303 5.93 11.41 25.97
CA ASN C 303 5.79 12.73 26.58
C ASN C 303 4.56 12.72 27.49
N VAL C 304 4.27 13.85 28.14
CA VAL C 304 3.20 13.94 29.12
C VAL C 304 2.03 14.72 28.54
N ASN C 305 0.82 14.15 28.68
CA ASN C 305 -0.42 14.89 28.50
C ASN C 305 -0.55 15.40 27.05
N VAL C 306 -0.28 14.51 26.09
CA VAL C 306 -0.41 14.85 24.68
C VAL C 306 -1.80 14.56 24.15
N CYS C 307 -2.65 13.87 24.93
CA CYS C 307 -4.09 13.77 24.71
C CYS C 307 -4.73 14.29 26.00
N ASP C 308 -4.99 15.59 26.04
CA ASP C 308 -5.28 16.23 27.31
C ASP C 308 -6.79 16.33 27.53
N ALA C 309 -7.17 16.95 28.65
CA ALA C 309 -8.58 16.96 29.05
C ALA C 309 -9.46 17.67 28.03
N ASN C 310 -8.99 18.80 27.49
CA ASN C 310 -9.80 19.54 26.53
C ASN C 310 -9.93 18.78 25.22
N MET C 311 -8.88 18.07 24.80
CA MET C 311 -8.99 17.21 23.63
C MET C 311 -10.01 16.10 23.86
N LEU C 312 -9.97 15.47 25.04
CA LEU C 312 -10.90 14.40 25.35
C LEU C 312 -12.34 14.89 25.33
N LYS C 313 -12.57 16.11 25.81
CA LYS C 313 -13.91 16.69 25.79
C LYS C 313 -14.38 16.96 24.36
N ALA C 314 -13.46 17.24 23.45
CA ALA C 314 -13.80 17.63 22.09
C ALA C 314 -13.94 16.46 21.14
N LEU C 315 -13.46 15.28 21.53
CA LEU C 315 -13.42 14.13 20.63
C LEU C 315 -14.81 13.73 20.17
N LYS C 316 -14.86 13.16 18.96
CA LYS C 316 -16.08 12.59 18.42
C LYS C 316 -16.66 11.55 19.37
N LYS C 317 -17.99 11.56 19.51
CA LYS C 317 -18.66 10.55 20.31
C LYS C 317 -18.26 9.16 19.83
N ARG C 318 -17.97 8.29 20.82
CA ARG C 318 -17.64 6.88 20.62
C ARG C 318 -16.27 6.67 20.00
N ALA C 319 -15.41 7.70 20.04
CA ALA C 319 -14.02 7.51 19.64
C ALA C 319 -13.30 6.56 20.59
N VAL C 320 -12.34 5.83 20.04
CA VAL C 320 -11.44 4.98 20.80
C VAL C 320 -10.20 5.80 21.17
N VAL C 321 -9.77 5.68 22.43
CA VAL C 321 -8.59 6.37 22.94
C VAL C 321 -7.61 5.33 23.44
N CYS C 322 -6.35 5.42 23.00
CA CYS C 322 -5.37 4.47 23.49
C CYS C 322 -3.97 5.06 23.41
N ASN C 323 -3.05 4.40 24.11
CA ASN C 323 -1.68 4.84 24.28
C ASN C 323 -0.76 3.66 24.07
N ILE C 324 0.25 3.85 23.23
CA ILE C 324 1.24 2.82 23.00
C ILE C 324 2.64 3.29 23.38
N GLY C 325 2.75 4.48 24.01
CA GLY C 325 3.98 4.88 24.66
C GLY C 325 4.15 4.14 25.98
N HIS C 326 5.30 4.32 26.63
CA HIS C 326 5.63 3.47 27.77
C HIS C 326 4.71 3.74 28.98
N PHE C 327 4.32 4.99 29.20
CA PHE C 327 3.64 5.37 30.43
C PHE C 327 2.26 5.92 30.15
N ASP C 328 1.32 5.69 31.08
CA ASP C 328 -0.07 6.05 30.83
C ASP C 328 -0.35 7.54 30.94
N ASN C 329 0.62 8.35 31.35
CA ASN C 329 0.35 9.77 31.50
C ASN C 329 0.34 10.53 30.17
N GLU C 330 0.51 9.84 29.04
CA GLU C 330 0.32 10.51 27.76
C GLU C 330 -1.11 11.00 27.60
N ILE C 331 -2.06 10.25 28.14
CA ILE C 331 -3.48 10.60 28.15
C ILE C 331 -3.85 11.05 29.54
N ASP C 332 -4.66 12.10 29.64
CA ASP C 332 -5.09 12.59 30.96
C ASP C 332 -6.22 11.68 31.46
N THR C 333 -5.84 10.46 31.85
CA THR C 333 -6.83 9.55 32.41
C THR C 333 -7.28 9.97 33.80
N ALA C 334 -6.44 10.69 34.55
CA ALA C 334 -6.85 11.19 35.85
C ALA C 334 -8.05 12.14 35.73
N PHE C 335 -8.05 13.00 34.70
CA PHE C 335 -9.20 13.86 34.47
C PHE C 335 -10.47 13.03 34.28
N MET C 336 -10.38 11.95 33.51
CA MET C 336 -11.54 11.13 33.24
C MET C 336 -11.98 10.37 34.47
N ARG C 337 -11.03 9.90 35.29
CA ARG C 337 -11.42 9.27 36.55
C ARG C 337 -12.13 10.27 37.45
N LYS C 338 -11.71 11.53 37.39
CA LYS C 338 -12.26 12.55 38.28
C LYS C 338 -13.68 12.94 37.87
N ASN C 339 -13.96 12.97 36.57
CA ASN C 339 -15.13 13.67 36.07
C ASN C 339 -16.17 12.78 35.40
N TRP C 340 -15.80 11.61 34.91
CA TRP C 340 -16.66 10.81 34.06
C TRP C 340 -16.83 9.40 34.64
N ALA C 341 -17.93 8.75 34.27
CA ALA C 341 -18.28 7.44 34.80
C ALA C 341 -17.73 6.32 33.91
N TRP C 342 -17.01 5.38 34.51
CA TRP C 342 -16.40 4.28 33.77
C TRP C 342 -17.30 3.04 33.81
N GLU C 343 -17.55 2.46 32.64
CA GLU C 343 -18.31 1.22 32.50
C GLU C 343 -17.38 0.20 31.87
N GLU C 344 -17.01 -0.82 32.62
CA GLU C 344 -16.17 -1.87 32.06
C GLU C 344 -16.95 -2.68 31.03
N VAL C 345 -16.44 -2.74 29.81
CA VAL C 345 -17.00 -3.63 28.81
C VAL C 345 -16.56 -5.06 29.07
N LYS C 346 -15.25 -5.24 29.27
CA LYS C 346 -14.55 -6.49 29.52
C LYS C 346 -13.16 -6.05 29.98
N PRO C 347 -12.30 -6.94 30.50
CA PRO C 347 -11.03 -6.46 31.04
C PRO C 347 -10.25 -5.66 30.00
N GLN C 348 -9.68 -4.54 30.46
CA GLN C 348 -8.87 -3.62 29.65
C GLN C 348 -9.66 -2.91 28.55
N VAL C 349 -10.99 -2.86 28.66
CA VAL C 349 -11.84 -2.09 27.76
C VAL C 349 -12.90 -1.39 28.61
N HIS C 350 -12.89 -0.06 28.62
CA HIS C 350 -13.84 0.71 29.39
C HIS C 350 -14.52 1.75 28.52
N LYS C 351 -15.84 1.83 28.62
CA LYS C 351 -16.58 2.97 28.11
C LYS C 351 -16.57 4.08 29.14
N ILE C 352 -16.17 5.29 28.73
CA ILE C 352 -16.08 6.42 29.62
C ILE C 352 -17.19 7.39 29.24
N HIS C 353 -18.21 7.50 30.10
CA HIS C 353 -19.43 8.25 29.80
C HIS C 353 -19.22 9.71 30.17
N ARG C 354 -19.28 10.59 29.18
CA ARG C 354 -19.03 12.00 29.36
C ARG C 354 -20.25 12.75 29.88
N THR C 355 -21.31 12.03 30.23
CA THR C 355 -22.52 12.65 30.78
C THR C 355 -22.38 13.04 32.24
N GLY C 356 -21.38 12.54 32.93
CA GLY C 356 -21.26 12.83 34.35
C GLY C 356 -20.44 11.78 35.06
N LYS C 357 -20.24 12.03 36.35
CA LYS C 357 -19.35 11.22 37.18
C LYS C 357 -20.07 10.08 37.88
N ASP C 358 -21.25 10.34 38.44
CA ASP C 358 -21.93 9.38 39.30
C ASP C 358 -23.03 8.70 38.51
N GLY C 359 -22.74 7.50 38.00
CA GLY C 359 -23.69 6.73 37.25
C GLY C 359 -23.69 7.07 35.77
N PHE C 360 -24.39 6.24 35.01
CA PHE C 360 -24.49 6.41 33.57
C PHE C 360 -25.73 5.68 33.07
N ASP C 361 -26.23 6.13 31.91
CA ASP C 361 -27.29 5.42 31.20
C ASP C 361 -26.64 4.33 30.36
N ALA C 362 -27.08 3.07 30.56
CA ALA C 362 -26.53 1.96 29.79
C ALA C 362 -26.61 2.18 28.29
N HIS C 363 -27.55 3.02 27.84
CA HIS C 363 -27.74 3.29 26.43
C HIS C 363 -27.26 4.67 26.02
N ASN C 364 -26.51 5.35 26.89
CA ASN C 364 -25.93 6.63 26.54
C ASN C 364 -25.05 6.49 25.31
N ASP C 365 -25.14 7.48 24.41
CA ASP C 365 -24.33 7.48 23.20
C ASP C 365 -23.10 8.38 23.31
N ASP C 366 -23.01 9.21 24.35
CA ASP C 366 -21.89 10.14 24.51
C ASP C 366 -20.81 9.50 25.41
N TYR C 367 -20.04 8.59 24.83
CA TYR C 367 -18.95 7.96 25.57
C TYR C 367 -17.73 7.81 24.68
N LEU C 368 -16.58 7.59 25.31
CA LEU C 368 -15.35 7.19 24.63
C LEU C 368 -14.98 5.80 25.09
N ILE C 369 -14.25 5.07 24.25
CA ILE C 369 -13.72 3.76 24.64
C ILE C 369 -12.23 3.92 24.90
N LEU C 370 -11.83 3.66 26.14
CA LEU C 370 -10.42 3.67 26.54
C LEU C 370 -9.93 2.23 26.60
N LEU C 371 -8.77 1.97 25.99
CA LEU C 371 -8.17 0.63 26.02
C LEU C 371 -7.05 0.57 27.05
N ALA C 372 -7.03 -0.53 27.81
CA ALA C 372 -5.97 -0.85 28.79
C ALA C 372 -5.77 0.27 29.82
N GLU C 373 -6.83 1.04 30.08
CA GLU C 373 -6.79 2.16 31.03
C GLU C 373 -5.63 3.12 30.71
N GLY C 374 -5.36 3.29 29.41
CA GLY C 374 -4.30 4.17 28.98
C GLY C 374 -2.90 3.60 29.06
N ARG C 375 -2.73 2.36 29.51
CA ARG C 375 -1.43 1.70 29.53
C ARG C 375 -1.12 1.13 28.15
N LEU C 376 0.15 0.75 27.94
CA LEU C 376 0.63 0.26 26.64
C LEU C 376 -0.37 -0.69 26.00
N VAL C 377 -1.03 -0.22 24.93
CA VAL C 377 -2.20 -0.94 24.45
C VAL C 377 -1.82 -2.25 23.77
N ASN C 378 -0.66 -2.32 23.13
CA ASN C 378 -0.35 -3.52 22.38
C ASN C 378 -0.11 -4.70 23.32
N LEU C 379 0.55 -4.45 24.46
CA LEU C 379 0.71 -5.50 25.46
C LEU C 379 -0.53 -5.64 26.33
N GLY C 380 -1.32 -4.57 26.49
CA GLY C 380 -2.47 -4.61 27.38
C GLY C 380 -3.67 -5.34 26.79
N ASN C 381 -3.92 -5.14 25.50
CA ASN C 381 -5.10 -5.70 24.84
C ASN C 381 -4.76 -6.79 23.83
N ALA C 382 -3.48 -7.06 23.59
CA ALA C 382 -3.05 -8.18 22.76
C ALA C 382 -1.81 -8.81 23.40
N THR C 383 -0.78 -9.16 22.62
CA THR C 383 0.38 -9.84 23.22
C THR C 383 1.68 -9.10 22.89
N GLY C 384 1.60 -7.82 22.57
CA GLY C 384 2.81 -7.08 22.26
C GLY C 384 3.38 -7.54 20.91
N HIS C 385 4.68 -7.27 20.76
CA HIS C 385 5.36 -7.56 19.51
C HIS C 385 5.50 -9.08 19.32
N PRO C 386 5.55 -9.54 18.08
CA PRO C 386 5.70 -10.97 17.83
C PRO C 386 7.13 -11.46 18.06
N SER C 387 7.23 -12.78 18.27
CA SER C 387 8.51 -13.42 18.61
C SER C 387 9.61 -13.07 17.62
N ARG C 388 9.32 -13.09 16.32
CA ARG C 388 10.38 -12.87 15.34
C ARG C 388 10.89 -11.42 15.37
N ILE C 389 10.08 -10.48 15.84
CA ILE C 389 10.58 -9.11 16.01
C ILE C 389 11.36 -8.99 17.31
N MET C 390 10.82 -9.53 18.41
CA MET C 390 11.51 -9.45 19.69
C MET C 390 12.84 -10.21 19.69
N ASP C 391 13.02 -11.16 18.75
CA ASP C 391 14.30 -11.81 18.54
C ASP C 391 15.44 -10.80 18.47
N GLY C 392 15.26 -9.73 17.69
CA GLY C 392 16.33 -8.75 17.53
C GLY C 392 16.63 -8.02 18.81
N SER C 393 15.60 -7.49 19.46
CA SER C 393 15.81 -6.77 20.72
C SER C 393 16.49 -7.64 21.76
N PHE C 394 16.05 -8.90 21.88
CA PHE C 394 16.50 -9.74 22.98
C PHE C 394 17.87 -10.36 22.71
N ALA C 395 18.24 -10.57 21.44
CA ALA C 395 19.61 -10.95 21.14
C ALA C 395 20.57 -9.85 21.56
N ASN C 396 20.21 -8.58 21.30
CA ASN C 396 21.01 -7.45 21.78
C ASN C 396 21.09 -7.45 23.30
N GLN C 397 19.96 -7.70 23.98
CA GLN C 397 19.97 -7.77 25.43
C GLN C 397 20.99 -8.79 25.94
N VAL C 398 21.01 -9.98 25.34
CA VAL C 398 21.92 -11.03 25.81
C VAL C 398 23.36 -10.59 25.63
N LEU C 399 23.68 -10.06 24.45
CA LEU C 399 25.04 -9.61 24.17
C LEU C 399 25.45 -8.50 25.13
N ALA C 400 24.54 -7.57 25.42
CA ALA C 400 24.85 -6.48 26.33
C ALA C 400 25.09 -7.00 27.75
N GLN C 401 24.30 -7.99 28.19
CA GLN C 401 24.54 -8.59 29.50
C GLN C 401 25.90 -9.27 29.55
N ILE C 402 26.26 -10.00 28.49
CA ILE C 402 27.58 -10.63 28.45
C ILE C 402 28.68 -9.58 28.53
N HIS C 403 28.53 -8.47 27.80
CA HIS C 403 29.61 -7.49 27.77
C HIS C 403 29.81 -6.83 29.13
N LEU C 404 28.73 -6.33 29.73
CA LEU C 404 28.87 -5.65 31.01
C LEU C 404 29.29 -6.60 32.11
N PHE C 405 28.76 -7.83 32.11
CA PHE C 405 29.14 -8.77 33.16
C PHE C 405 30.62 -9.13 33.08
N GLU C 406 31.13 -9.35 31.87
CA GLU C 406 32.54 -9.70 31.75
C GLU C 406 33.47 -8.52 32.05
N GLN C 407 32.98 -7.28 31.89
CA GLN C 407 33.77 -6.11 32.24
C GLN C 407 33.99 -6.00 33.74
N LYS C 408 33.05 -6.51 34.55
CA LYS C 408 33.18 -6.58 36.02
C LYS C 408 33.47 -5.20 36.63
N TYR C 409 32.58 -4.25 36.34
CA TYR C 409 32.76 -2.88 36.82
C TYR C 409 32.81 -2.81 38.35
N ALA C 410 31.94 -3.56 39.03
CA ALA C 410 31.87 -3.49 40.48
C ALA C 410 33.19 -3.88 41.14
N ASP C 411 34.02 -4.66 40.45
CA ASP C 411 35.29 -5.12 41.00
C ASP C 411 36.47 -4.23 40.60
N LEU C 412 36.20 -3.08 39.92
CA LEU C 412 37.30 -2.26 39.42
C LEU C 412 37.76 -1.25 40.47
N PRO C 413 39.02 -0.84 40.42
CA PRO C 413 39.48 0.28 41.26
C PRO C 413 38.70 1.55 40.95
N ALA C 414 38.71 2.47 41.92
CA ALA C 414 37.89 3.68 41.83
C ALA C 414 38.19 4.48 40.57
N ALA C 415 39.47 4.75 40.31
CA ALA C 415 39.82 5.55 39.13
C ALA C 415 39.46 4.84 37.84
N GLU C 416 39.50 3.50 37.84
CA GLU C 416 39.03 2.75 36.67
C GLU C 416 37.52 2.86 36.54
N LYS C 417 36.80 2.92 37.66
CA LYS C 417 35.35 3.06 37.63
C LYS C 417 34.94 4.40 37.04
N ALA C 418 35.69 5.47 37.34
CA ALA C 418 35.37 6.80 36.82
C ALA C 418 35.41 6.82 35.30
N LYS C 419 36.42 6.16 34.70
CA LYS C 419 36.51 6.09 33.25
C LYS C 419 35.44 5.18 32.65
N ARG C 420 34.85 4.28 33.43
CA ARG C 420 33.93 3.28 32.90
C ARG C 420 32.46 3.60 33.14
N LEU C 421 32.16 4.66 33.89
CA LEU C 421 30.78 5.02 34.21
C LEU C 421 30.18 5.78 33.04
N SER C 422 29.55 5.06 32.11
CA SER C 422 28.96 5.69 30.94
C SER C 422 27.77 4.87 30.46
N VAL C 423 27.03 5.44 29.51
CA VAL C 423 25.94 4.77 28.83
C VAL C 423 26.35 4.58 27.38
N GLU C 424 26.54 3.33 26.97
CA GLU C 424 27.12 3.02 25.68
C GLU C 424 26.16 2.18 24.85
N VAL C 425 26.48 2.03 23.58
CA VAL C 425 25.75 1.13 22.70
C VAL C 425 26.69 0.00 22.27
N LEU C 426 26.11 -1.06 21.70
CA LEU C 426 26.92 -2.16 21.19
C LEU C 426 27.56 -1.77 19.86
N PRO C 427 28.73 -2.34 19.55
CA PRO C 427 29.39 -2.03 18.28
C PRO C 427 28.53 -2.45 17.08
N LYS C 428 28.76 -1.77 15.95
CA LYS C 428 27.94 -2.03 14.77
C LYS C 428 28.10 -3.46 14.29
N LYS C 429 29.29 -4.04 14.46
CA LYS C 429 29.51 -5.40 14.00
C LYS C 429 28.52 -6.37 14.65
N LEU C 430 28.26 -6.22 15.95
CA LEU C 430 27.31 -7.12 16.61
C LEU C 430 25.89 -6.85 16.14
N ASP C 431 25.54 -5.58 15.95
CA ASP C 431 24.26 -5.19 15.37
C ASP C 431 24.03 -5.89 14.05
N GLU C 432 25.04 -5.85 13.17
CA GLU C 432 24.96 -6.53 11.89
C GLU C 432 24.86 -8.05 12.06
N GLU C 433 25.56 -8.61 13.05
CA GLU C 433 25.49 -10.07 13.24
C GLU C 433 24.10 -10.52 13.70
N VAL C 434 23.45 -9.73 14.57
CA VAL C 434 22.04 -9.99 14.89
C VAL C 434 21.20 -9.92 13.62
N ALA C 435 21.36 -8.84 12.85
CA ALA C 435 20.57 -8.66 11.63
C ALA C 435 20.75 -9.82 10.67
N LEU C 436 21.98 -10.33 10.53
CA LEU C 436 22.19 -11.46 9.63
C LEU C 436 21.36 -12.67 10.03
N GLU C 437 21.29 -12.95 11.34
CA GLU C 437 20.51 -14.10 11.78
C GLU C 437 19.02 -13.88 11.54
N MET C 438 18.54 -12.66 11.73
CA MET C 438 17.14 -12.35 11.45
C MET C 438 16.83 -12.56 9.97
N VAL C 439 17.71 -12.06 9.10
CA VAL C 439 17.52 -12.20 7.66
C VAL C 439 17.47 -13.67 7.26
N LYS C 440 18.38 -14.48 7.82
CA LYS C 440 18.36 -15.90 7.50
C LYS C 440 17.05 -16.55 7.96
N GLY C 441 16.46 -16.05 9.04
CA GLY C 441 15.19 -16.59 9.48
C GLY C 441 14.06 -16.39 8.49
N PHE C 442 14.17 -15.36 7.65
CA PHE C 442 13.22 -15.17 6.56
C PHE C 442 13.56 -15.97 5.32
N GLY C 443 14.68 -16.71 5.32
CA GLY C 443 15.18 -17.29 4.10
C GLY C 443 15.90 -16.32 3.17
N GLY C 444 16.16 -15.10 3.62
CA GLY C 444 16.88 -14.15 2.78
C GLY C 444 18.33 -14.53 2.64
N VAL C 445 18.92 -14.12 1.51
CA VAL C 445 20.32 -14.45 1.17
C VAL C 445 21.07 -13.13 0.99
N VAL C 446 21.97 -12.84 1.91
CA VAL C 446 22.80 -11.64 1.84
C VAL C 446 23.96 -11.90 0.88
N THR C 447 24.23 -10.94 -0.01
CA THR C 447 25.34 -11.05 -0.95
C THR C 447 26.66 -10.70 -0.26
N GLN C 448 27.73 -11.34 -0.70
CA GLN C 448 29.06 -11.07 -0.18
C GLN C 448 29.82 -10.20 -1.18
N LEU C 449 30.36 -9.08 -0.71
CA LEU C 449 31.20 -8.24 -1.56
C LEU C 449 32.42 -9.01 -2.06
N THR C 450 32.85 -8.66 -3.27
CA THR C 450 34.18 -9.04 -3.70
C THR C 450 35.20 -8.14 -3.02
N PRO C 451 36.47 -8.55 -2.98
CA PRO C 451 37.50 -7.66 -2.42
C PRO C 451 37.62 -6.33 -3.16
N LYS C 452 37.52 -6.36 -4.49
CA LYS C 452 37.53 -5.11 -5.25
C LYS C 452 36.34 -4.24 -4.91
N GLN C 453 35.15 -4.83 -4.75
CA GLN C 453 33.98 -4.04 -4.41
C GLN C 453 34.10 -3.46 -3.01
N ALA C 454 34.61 -4.26 -2.06
CA ALA C 454 34.84 -3.77 -0.71
C ALA C 454 35.82 -2.59 -0.72
N GLU C 455 36.92 -2.75 -1.44
CA GLU C 455 37.89 -1.66 -1.57
C GLU C 455 37.26 -0.43 -2.20
N TYR C 456 36.45 -0.63 -3.23
CA TYR C 456 35.83 0.48 -3.94
C TYR C 456 34.98 1.35 -3.00
N ILE C 457 34.21 0.73 -2.10
CA ILE C 457 33.36 1.52 -1.21
C ILE C 457 34.00 1.74 0.15
N GLY C 458 35.23 1.31 0.36
CA GLY C 458 35.98 1.58 1.58
C GLY C 458 35.50 0.85 2.82
N VAL C 459 35.09 -0.41 2.68
CA VAL C 459 34.67 -1.24 3.81
C VAL C 459 35.43 -2.56 3.72
N SER C 460 35.39 -3.30 4.82
CA SER C 460 35.86 -4.68 4.84
C SER C 460 34.76 -5.61 4.33
N VAL C 461 35.18 -6.69 3.65
CA VAL C 461 34.23 -7.72 3.23
C VAL C 461 33.43 -8.23 4.42
N GLU C 462 34.06 -8.28 5.59
CA GLU C 462 33.42 -8.70 6.82
C GLU C 462 32.46 -7.64 7.36
N GLY C 463 32.62 -6.38 6.96
CA GLY C 463 31.87 -5.30 7.55
C GLY C 463 32.62 -4.79 8.77
N PRO C 464 32.12 -3.75 9.45
CA PRO C 464 30.82 -3.09 9.26
C PRO C 464 30.71 -2.34 7.93
N PHE C 465 29.51 -2.30 7.39
CA PHE C 465 29.30 -1.78 6.05
C PHE C 465 28.94 -0.30 6.04
N LYS C 466 28.70 0.29 7.20
CA LYS C 466 28.25 1.67 7.30
C LYS C 466 29.03 2.39 8.40
N PRO C 467 29.25 3.68 8.26
CA PRO C 467 29.84 4.45 9.36
C PRO C 467 28.85 4.54 10.52
N ASP C 468 29.38 4.89 11.70
CA ASP C 468 28.52 4.99 12.86
C ASP C 468 27.49 6.11 12.73
N THR C 469 27.72 7.09 11.86
CA THR C 469 26.76 8.17 11.63
C THR C 469 25.58 7.75 10.75
N TYR C 470 25.60 6.55 10.18
CA TYR C 470 24.58 6.19 9.20
C TYR C 470 23.23 6.00 9.89
N ARG C 471 22.17 6.48 9.26
CA ARG C 471 20.85 6.48 9.90
C ARG C 471 19.92 5.38 9.41
N TYR C 472 20.27 4.64 8.36
CA TYR C 472 19.39 3.59 7.81
C TYR C 472 17.98 4.12 7.52
N ALA D 11 -38.20 -16.22 34.74
CA ALA D 11 -39.23 -15.92 33.75
C ALA D 11 -39.90 -17.20 33.27
N GLY D 12 -39.35 -18.34 33.70
CA GLY D 12 -39.79 -19.63 33.22
C GLY D 12 -39.17 -20.05 31.90
N PHE D 13 -38.23 -19.29 31.37
CA PHE D 13 -37.70 -19.52 30.02
C PHE D 13 -36.56 -20.52 30.09
N THR D 14 -36.78 -21.70 29.48
CA THR D 14 -35.76 -22.74 29.42
C THR D 14 -35.53 -23.22 27.99
N ASP D 15 -36.20 -22.61 27.01
CA ASP D 15 -36.17 -23.06 25.63
C ASP D 15 -34.91 -22.57 24.92
N TYR D 16 -33.75 -22.99 25.43
CA TYR D 16 -32.47 -22.62 24.84
C TYR D 16 -31.40 -23.60 25.32
N LYS D 17 -30.21 -23.48 24.73
CA LYS D 17 -29.04 -24.24 25.19
C LYS D 17 -27.80 -23.46 24.79
N VAL D 18 -27.12 -22.84 25.77
CA VAL D 18 -25.91 -22.07 25.54
C VAL D 18 -24.82 -22.54 26.49
N ALA D 19 -23.62 -22.01 26.30
CA ALA D 19 -22.49 -22.44 27.12
C ALA D 19 -22.62 -21.94 28.55
N ASP D 20 -23.04 -20.68 28.73
CA ASP D 20 -23.01 -20.06 30.06
C ASP D 20 -23.90 -18.82 30.01
N ILE D 21 -25.12 -18.96 30.53
CA ILE D 21 -26.08 -17.87 30.56
C ILE D 21 -25.56 -16.68 31.35
N THR D 22 -24.62 -16.89 32.28
CA THR D 22 -24.12 -15.78 33.09
C THR D 22 -23.27 -14.82 32.28
N LEU D 23 -22.98 -15.15 31.02
CA LEU D 23 -22.28 -14.23 30.13
C LEU D 23 -23.22 -13.23 29.47
N ALA D 24 -24.50 -13.22 29.83
CA ALA D 24 -25.48 -12.41 29.11
C ALA D 24 -25.19 -10.92 29.27
N ALA D 25 -24.83 -10.47 30.46
CA ALA D 25 -24.60 -9.05 30.67
C ALA D 25 -23.45 -8.56 29.80
N TRP D 26 -22.38 -9.35 29.72
CA TRP D 26 -21.26 -9.02 28.83
C TRP D 26 -21.72 -8.97 27.37
N GLY D 27 -22.49 -9.97 26.94
CA GLY D 27 -22.99 -9.95 25.58
C GLY D 27 -23.85 -8.72 25.31
N ARG D 28 -24.70 -8.35 26.27
CA ARG D 28 -25.56 -7.19 26.09
C ARG D 28 -24.73 -5.91 25.96
N ARG D 29 -23.65 -5.80 26.74
CA ARG D 29 -22.79 -4.63 26.57
C ARG D 29 -22.21 -4.57 25.16
N GLU D 30 -21.80 -5.72 24.63
CA GLU D 30 -21.23 -5.71 23.28
C GLU D 30 -22.30 -5.50 22.22
N LEU D 31 -23.53 -5.96 22.47
CA LEU D 31 -24.61 -5.70 21.52
C LEU D 31 -24.89 -4.21 21.42
N ILE D 32 -24.87 -3.51 22.55
CA ILE D 32 -25.16 -2.08 22.56
C ILE D 32 -24.08 -1.31 21.80
N ILE D 33 -22.81 -1.72 21.95
CA ILE D 33 -21.74 -1.16 21.12
C ILE D 33 -21.98 -1.49 19.65
N ALA D 34 -22.33 -2.73 19.34
CA ALA D 34 -22.50 -3.11 17.94
C ALA D 34 -23.64 -2.35 17.28
N GLU D 35 -24.72 -2.04 18.02
CA GLU D 35 -25.79 -1.24 17.44
C GLU D 35 -25.26 0.10 16.91
N SER D 36 -24.34 0.73 17.65
CA SER D 36 -23.76 1.98 17.18
C SER D 36 -22.86 1.79 15.96
N GLU D 37 -22.41 0.55 15.69
CA GLU D 37 -21.60 0.26 14.51
C GLU D 37 -22.42 -0.22 13.32
N MET D 38 -23.74 -0.30 13.45
CA MET D 38 -24.57 -0.94 12.42
C MET D 38 -25.72 -0.01 12.02
N PRO D 39 -25.40 1.11 11.36
CA PRO D 39 -26.46 2.09 11.06
C PRO D 39 -27.48 1.62 10.04
N ALA D 40 -27.11 0.79 9.06
CA ALA D 40 -28.12 0.35 8.11
C ALA D 40 -29.15 -0.53 8.79
N LEU D 41 -28.67 -1.48 9.60
CA LEU D 41 -29.54 -2.39 10.33
C LEU D 41 -30.40 -1.63 11.34
N MET D 42 -29.75 -0.76 12.14
N MET D 42 -29.77 -0.74 12.12
CA MET D 42 -30.48 0.09 13.07
CA MET D 42 -30.54 0.03 13.08
C MET D 42 -31.50 0.95 12.36
C MET D 42 -31.49 1.02 12.40
N GLY D 43 -31.11 1.54 11.22
CA GLY D 43 -32.04 2.36 10.46
C GLY D 43 -33.29 1.59 10.06
N LEU D 44 -33.14 0.31 9.71
CA LEU D 44 -34.30 -0.52 9.37
C LEU D 44 -35.19 -0.73 10.59
N ARG D 45 -34.59 -0.92 11.77
CA ARG D 45 -35.38 -1.04 13.00
C ARG D 45 -36.26 0.16 13.19
N ARG D 46 -35.67 1.36 13.10
CA ARG D 46 -36.44 2.58 13.30
C ARG D 46 -37.46 2.78 12.19
N LYS D 47 -37.10 2.47 10.95
CA LYS D 47 -38.00 2.73 9.84
C LYS D 47 -39.24 1.85 9.91
N TYR D 48 -39.08 0.57 10.27
CA TYR D 48 -40.16 -0.39 10.16
C TYR D 48 -40.80 -0.77 11.49
N ALA D 49 -40.35 -0.19 12.61
CA ALA D 49 -40.85 -0.62 13.92
C ALA D 49 -42.35 -0.45 14.03
N GLY D 50 -42.86 0.72 13.64
CA GLY D 50 -44.29 0.96 13.72
C GLY D 50 -45.08 0.11 12.75
N GLN D 51 -44.52 -0.20 11.59
CA GLN D 51 -45.25 -0.96 10.58
C GLN D 51 -45.36 -2.44 10.96
N GLN D 52 -44.39 -2.96 11.70
CA GLN D 52 -44.34 -4.37 12.09
C GLN D 52 -44.47 -5.30 10.88
N PRO D 53 -43.59 -5.18 9.88
CA PRO D 53 -43.77 -5.96 8.65
C PRO D 53 -43.55 -7.45 8.82
N LEU D 54 -42.90 -7.87 9.90
CA LEU D 54 -42.66 -9.29 10.16
C LEU D 54 -43.61 -9.85 11.21
N LYS D 55 -44.65 -9.12 11.57
CA LYS D 55 -45.68 -9.65 12.45
C LYS D 55 -46.26 -10.93 11.86
N GLY D 56 -46.21 -12.01 12.63
CA GLY D 56 -46.66 -13.30 12.15
C GLY D 56 -45.57 -14.14 11.51
N ALA D 57 -44.42 -13.56 11.21
CA ALA D 57 -43.31 -14.35 10.71
C ALA D 57 -42.73 -15.21 11.82
N LYS D 58 -42.36 -16.43 11.47
CA LYS D 58 -41.74 -17.37 12.40
C LYS D 58 -40.53 -17.94 11.67
N ILE D 59 -39.35 -17.44 12.01
CA ILE D 59 -38.14 -17.61 11.23
C ILE D 59 -37.25 -18.66 11.88
N LEU D 60 -36.92 -19.70 11.11
CA LEU D 60 -35.83 -20.61 11.47
C LEU D 60 -34.53 -20.00 10.99
N GLY D 61 -33.62 -19.73 11.91
N GLY D 61 -33.61 -19.71 11.91
CA GLY D 61 -32.35 -19.10 11.54
CA GLY D 61 -32.36 -19.10 11.54
C GLY D 61 -31.16 -19.98 11.81
C GLY D 61 -31.15 -19.97 11.82
N CYS D 62 -30.27 -20.13 10.83
CA CYS D 62 -29.05 -20.89 11.00
C CYS D 62 -27.88 -20.08 10.47
N ILE D 63 -27.16 -19.40 11.36
CA ILE D 63 -26.01 -18.59 10.97
C ILE D 63 -25.20 -18.29 12.23
N HIS D 64 -23.88 -18.27 12.09
CA HIS D 64 -22.92 -17.97 13.15
C HIS D 64 -23.48 -17.09 14.26
N MET D 65 -23.54 -17.63 15.48
CA MET D 65 -24.19 -16.93 16.59
C MET D 65 -23.19 -15.98 17.27
N THR D 66 -22.86 -14.92 16.51
CA THR D 66 -21.97 -13.85 16.92
C THR D 66 -22.76 -12.65 17.46
N ILE D 67 -22.02 -11.65 17.95
CA ILE D 67 -22.64 -10.38 18.36
C ILE D 67 -23.37 -9.75 17.17
N GLN D 68 -22.79 -9.83 15.98
CA GLN D 68 -23.42 -9.23 14.81
C GLN D 68 -24.74 -9.94 14.48
N THR D 69 -24.74 -11.26 14.57
CA THR D 69 -25.99 -12.01 14.40
C THR D 69 -27.01 -11.66 15.48
N GLY D 70 -26.55 -11.35 16.69
CA GLY D 70 -27.47 -10.91 17.72
C GLY D 70 -28.20 -9.64 17.35
N VAL D 71 -27.52 -8.69 16.71
CA VAL D 71 -28.21 -7.46 16.29
C VAL D 71 -29.20 -7.79 15.19
N LEU D 72 -28.85 -8.72 14.31
CA LEU D 72 -29.78 -9.13 13.27
C LEU D 72 -31.02 -9.75 13.88
N ILE D 73 -30.84 -10.69 14.80
CA ILE D 73 -31.98 -11.35 15.46
C ILE D 73 -32.90 -10.32 16.11
N GLU D 74 -32.33 -9.42 16.92
CA GLU D 74 -33.20 -8.47 17.61
C GLU D 74 -33.85 -7.48 16.65
N THR D 75 -33.26 -7.24 15.48
CA THR D 75 -33.95 -6.44 14.47
C THR D 75 -35.16 -7.20 13.94
N LEU D 76 -34.98 -8.48 13.57
CA LEU D 76 -36.12 -9.26 13.10
C LEU D 76 -37.24 -9.27 14.14
N VAL D 77 -36.88 -9.48 15.41
CA VAL D 77 -37.86 -9.52 16.49
C VAL D 77 -38.54 -8.16 16.67
N ALA D 78 -37.76 -7.08 16.59
CA ALA D 78 -38.32 -5.75 16.76
C ALA D 78 -39.29 -5.41 15.63
N LEU D 79 -39.13 -6.04 14.47
CA LEU D 79 -40.04 -5.85 13.36
C LEU D 79 -41.24 -6.80 13.43
N GLY D 80 -41.34 -7.61 14.47
CA GLY D 80 -42.52 -8.43 14.71
C GLY D 80 -42.29 -9.93 14.65
N ALA D 81 -41.13 -10.40 14.22
CA ALA D 81 -40.96 -11.83 14.00
C ALA D 81 -40.74 -12.59 15.31
N GLU D 82 -41.01 -13.89 15.26
CA GLU D 82 -40.50 -14.84 16.23
C GLU D 82 -39.44 -15.70 15.54
N VAL D 83 -38.43 -16.14 16.29
CA VAL D 83 -37.33 -16.90 15.71
C VAL D 83 -36.94 -18.07 16.60
N ARG D 84 -36.30 -19.05 15.98
CA ARG D 84 -35.58 -20.12 16.68
C ARG D 84 -34.25 -20.25 15.95
N TRP D 85 -33.14 -20.19 16.71
CA TRP D 85 -31.83 -19.93 16.12
C TRP D 85 -30.80 -21.02 16.46
N SER D 86 -29.88 -21.23 15.52
CA SER D 86 -28.72 -22.09 15.71
C SER D 86 -27.55 -21.50 14.93
N SER D 87 -26.34 -21.93 15.26
CA SER D 87 -25.18 -21.50 14.50
C SER D 87 -25.02 -22.41 13.29
N CYS D 88 -24.35 -21.89 12.25
CA CYS D 88 -24.04 -22.70 11.08
C CYS D 88 -22.61 -23.21 11.09
N ASN D 89 -21.92 -23.14 12.23
CA ASN D 89 -20.58 -23.69 12.35
C ASN D 89 -20.31 -24.03 13.82
N ILE D 90 -19.56 -25.11 14.04
CA ILE D 90 -19.31 -25.59 15.40
C ILE D 90 -18.39 -24.66 16.19
N PHE D 91 -17.61 -23.81 15.53
CA PHE D 91 -16.63 -22.96 16.22
C PHE D 91 -16.95 -21.48 16.17
N SER D 92 -18.03 -21.06 15.50
CA SER D 92 -18.20 -19.65 15.20
C SER D 92 -18.99 -18.87 16.23
N THR D 93 -19.70 -19.55 17.13
CA THR D 93 -20.48 -18.84 18.13
C THR D 93 -19.59 -18.03 19.08
N GLN D 94 -20.03 -16.82 19.40
CA GLN D 94 -19.51 -16.10 20.56
C GLN D 94 -20.45 -16.38 21.74
N ASP D 95 -19.92 -17.06 22.77
CA ASP D 95 -20.80 -17.56 23.82
C ASP D 95 -21.52 -16.44 24.56
N GLN D 96 -20.91 -15.26 24.65
CA GLN D 96 -21.60 -14.14 25.29
C GLN D 96 -22.73 -13.62 24.42
N ALA D 97 -22.61 -13.74 23.10
CA ALA D 97 -23.70 -13.34 22.22
C ALA D 97 -24.88 -14.28 22.38
N ALA D 98 -24.61 -15.59 22.37
CA ALA D 98 -25.69 -16.57 22.53
C ALA D 98 -26.38 -16.40 23.87
N ALA D 99 -25.63 -16.08 24.92
CA ALA D 99 -26.20 -15.89 26.24
C ALA D 99 -27.14 -14.68 26.28
N ALA D 100 -26.71 -13.56 25.70
CA ALA D 100 -27.56 -12.37 25.70
C ALA D 100 -28.88 -12.63 24.98
N ILE D 101 -28.83 -13.39 23.88
CA ILE D 101 -30.05 -13.70 23.13
C ILE D 101 -30.96 -14.62 23.94
N ALA D 102 -30.38 -15.64 24.59
CA ALA D 102 -31.19 -16.53 25.42
C ALA D 102 -31.82 -15.78 26.59
N ALA D 103 -31.04 -14.88 27.22
CA ALA D 103 -31.55 -14.15 28.37
C ALA D 103 -32.62 -13.14 27.97
N ALA D 104 -32.71 -12.78 26.70
CA ALA D 104 -33.78 -11.95 26.18
C ALA D 104 -35.03 -12.76 25.86
N GLY D 105 -35.03 -14.05 26.19
CA GLY D 105 -36.21 -14.87 25.94
C GLY D 105 -36.33 -15.40 24.53
N ILE D 106 -35.22 -15.49 23.80
CA ILE D 106 -35.22 -15.92 22.41
C ILE D 106 -34.61 -17.31 22.31
N PRO D 107 -35.30 -18.29 21.74
CA PRO D 107 -34.71 -19.64 21.65
C PRO D 107 -33.46 -19.65 20.77
N VAL D 108 -32.34 -20.05 21.39
CA VAL D 108 -31.07 -20.17 20.67
C VAL D 108 -30.36 -21.41 21.19
N PHE D 109 -29.76 -22.17 20.28
CA PHE D 109 -29.09 -23.42 20.61
C PHE D 109 -27.74 -23.35 19.91
N ALA D 110 -26.70 -22.93 20.64
CA ALA D 110 -25.43 -22.60 20.00
C ALA D 110 -24.38 -22.33 21.07
N TRP D 111 -23.19 -22.92 20.87
CA TRP D 111 -22.02 -22.60 21.69
C TRP D 111 -20.76 -22.86 20.87
N LYS D 112 -19.66 -22.22 21.30
CA LYS D 112 -18.39 -22.44 20.64
C LYS D 112 -17.85 -23.81 21.01
N GLY D 113 -17.41 -24.56 20.00
CA GLY D 113 -16.83 -25.86 20.25
C GLY D 113 -17.84 -26.99 20.32
N GLU D 114 -18.88 -26.92 19.50
CA GLU D 114 -19.83 -28.03 19.41
C GLU D 114 -19.16 -29.21 18.73
N THR D 115 -19.63 -30.41 19.08
CA THR D 115 -19.31 -31.56 18.26
C THR D 115 -20.25 -31.63 17.07
N GLU D 116 -19.92 -32.50 16.12
CA GLU D 116 -20.78 -32.67 14.95
C GLU D 116 -22.18 -33.11 15.36
N GLU D 117 -22.26 -34.00 16.37
CA GLU D 117 -23.57 -34.47 16.83
C GLU D 117 -24.34 -33.34 17.50
N GLU D 118 -23.64 -32.48 18.24
CA GLU D 118 -24.31 -31.36 18.89
C GLU D 118 -24.78 -30.32 17.87
N TYR D 119 -23.97 -30.10 16.84
CA TYR D 119 -24.35 -29.18 15.76
C TYR D 119 -25.68 -29.59 15.13
N GLU D 120 -25.80 -30.87 14.79
CA GLU D 120 -27.06 -31.35 14.23
C GLU D 120 -28.20 -31.27 15.24
N TRP D 121 -27.93 -31.61 16.50
CA TRP D 121 -28.95 -31.50 17.54
C TRP D 121 -29.46 -30.06 17.64
N CYS D 122 -28.55 -29.08 17.60
CA CYS D 122 -28.94 -27.67 17.71
C CYS D 122 -29.89 -27.26 16.59
N ILE D 123 -29.56 -27.61 15.34
CA ILE D 123 -30.46 -27.29 14.24
C ILE D 123 -31.83 -27.94 14.49
N GLU D 124 -31.85 -29.18 14.96
CA GLU D 124 -33.11 -29.86 15.22
CA GLU D 124 -33.11 -29.86 15.22
C GLU D 124 -33.92 -29.19 16.32
N GLN D 125 -33.24 -28.55 17.28
CA GLN D 125 -33.99 -27.87 18.34
C GLN D 125 -34.70 -26.62 17.84
N THR D 126 -34.22 -26.01 16.75
CA THR D 126 -34.97 -24.90 16.19
C THR D 126 -36.15 -25.41 15.37
N ILE D 127 -35.96 -26.52 14.65
CA ILE D 127 -37.02 -27.09 13.81
C ILE D 127 -38.17 -27.60 14.66
N LEU D 128 -37.88 -28.29 15.76
CA LEU D 128 -38.88 -28.88 16.62
C LEU D 128 -39.09 -28.00 17.86
N LYS D 129 -40.35 -27.82 18.23
CA LYS D 129 -40.68 -27.23 19.52
C LYS D 129 -41.61 -28.18 20.26
N ASP D 130 -41.21 -28.58 21.47
CA ASP D 130 -41.95 -29.55 22.26
C ASP D 130 -42.13 -30.86 21.51
N GLY D 131 -41.10 -31.24 20.73
CA GLY D 131 -41.09 -32.52 20.07
C GLY D 131 -41.87 -32.61 18.79
N GLN D 132 -42.42 -31.51 18.30
CA GLN D 132 -43.23 -31.46 17.09
C GLN D 132 -42.73 -30.33 16.21
N PRO D 133 -43.04 -30.36 14.92
CA PRO D 133 -42.59 -29.28 14.04
C PRO D 133 -43.10 -27.93 14.51
N TRP D 134 -42.18 -26.99 14.69
CA TRP D 134 -42.55 -25.60 14.92
C TRP D 134 -43.40 -25.10 13.76
N ASP D 135 -44.21 -24.08 14.02
CA ASP D 135 -45.03 -23.51 12.95
C ASP D 135 -44.22 -22.45 12.17
N ALA D 136 -43.11 -22.92 11.64
CA ALA D 136 -42.18 -22.06 10.90
C ALA D 136 -42.84 -21.59 9.60
N ASN D 137 -42.50 -20.37 9.18
CA ASN D 137 -42.95 -19.95 7.86
C ASN D 137 -41.88 -19.18 7.09
N MET D 138 -40.66 -19.08 7.63
CA MET D 138 -39.55 -18.38 7.01
C MET D 138 -38.25 -19.07 7.42
N VAL D 139 -37.26 -19.00 6.53
CA VAL D 139 -35.94 -19.61 6.75
C VAL D 139 -34.88 -18.58 6.44
N LEU D 140 -33.93 -18.41 7.36
CA LEU D 140 -32.72 -17.62 7.12
C LEU D 140 -31.54 -18.56 7.33
N ASP D 141 -30.72 -18.73 6.29
CA ASP D 141 -29.69 -19.76 6.29
C ASP D 141 -28.38 -19.15 5.84
N ASP D 142 -27.29 -19.79 6.26
CA ASP D 142 -25.92 -19.39 5.89
C ASP D 142 -25.19 -20.70 5.61
N GLY D 143 -25.12 -21.09 4.34
CA GLY D 143 -24.42 -22.30 3.96
C GLY D 143 -25.31 -23.44 3.52
N GLY D 144 -26.60 -23.39 3.80
CA GLY D 144 -27.54 -24.36 3.27
C GLY D 144 -27.78 -25.59 4.12
N ASP D 145 -27.17 -25.70 5.31
CA ASP D 145 -27.36 -26.91 6.13
C ASP D 145 -28.80 -27.03 6.60
N LEU D 146 -29.36 -25.95 7.16
CA LEU D 146 -30.75 -25.98 7.59
C LEU D 146 -31.69 -26.21 6.41
N THR D 147 -31.42 -25.55 5.29
CA THR D 147 -32.20 -25.74 4.08
C THR D 147 -32.20 -27.20 3.64
N GLU D 148 -31.02 -27.84 3.69
CA GLU D 148 -30.93 -29.25 3.29
C GLU D 148 -31.74 -30.14 4.23
N ILE D 149 -31.65 -29.91 5.54
CA ILE D 149 -32.35 -30.78 6.49
C ILE D 149 -33.86 -30.65 6.32
N LEU D 150 -34.34 -29.43 6.05
CA LEU D 150 -35.78 -29.27 5.85
C LEU D 150 -36.25 -30.02 4.60
N HIS D 151 -35.46 -29.97 3.52
CA HIS D 151 -35.89 -30.63 2.29
C HIS D 151 -35.84 -32.16 2.42
N LYS D 152 -34.83 -32.68 3.10
CA LYS D 152 -34.68 -34.13 3.18
C LYS D 152 -35.58 -34.73 4.25
N LYS D 153 -35.76 -34.02 5.37
CA LYS D 153 -36.41 -34.62 6.54
C LYS D 153 -37.76 -34.03 6.89
N TYR D 154 -38.05 -32.78 6.48
CA TYR D 154 -39.28 -32.10 6.90
C TYR D 154 -40.02 -31.46 5.72
N PRO D 155 -40.32 -32.23 4.67
CA PRO D 155 -41.03 -31.63 3.53
C PRO D 155 -42.38 -31.02 3.88
N GLN D 156 -43.11 -31.60 4.84
CA GLN D 156 -44.40 -31.05 5.22
C GLN D 156 -44.27 -29.64 5.81
N MET D 157 -43.16 -29.37 6.50
CA MET D 157 -42.91 -28.02 7.01
C MET D 157 -42.69 -27.02 5.89
N LEU D 158 -42.05 -27.43 4.79
CA LEU D 158 -41.81 -26.50 3.69
C LEU D 158 -43.10 -26.07 2.99
N GLU D 159 -44.17 -26.89 3.06
CA GLU D 159 -45.44 -26.47 2.46
C GLU D 159 -45.90 -25.14 3.02
N ARG D 160 -45.59 -24.85 4.28
CA ARG D 160 -46.06 -23.63 4.92
C ARG D 160 -45.00 -22.56 5.05
N ILE D 161 -43.87 -22.70 4.35
CA ILE D 161 -42.77 -21.74 4.45
C ILE D 161 -42.77 -20.88 3.19
N HIS D 162 -42.72 -19.57 3.37
CA HIS D 162 -42.83 -18.63 2.26
C HIS D 162 -41.53 -18.39 1.52
N GLY D 163 -40.38 -18.67 2.14
CA GLY D 163 -39.13 -18.41 1.45
C GLY D 163 -37.91 -18.67 2.32
N ILE D 164 -36.77 -18.66 1.65
CA ILE D 164 -35.44 -18.84 2.24
C ILE D 164 -34.60 -17.61 1.87
N THR D 165 -33.92 -17.02 2.84
CA THR D 165 -32.94 -15.98 2.53
C THR D 165 -31.56 -16.52 2.89
N GLU D 166 -30.72 -16.72 1.87
CA GLU D 166 -29.47 -17.44 1.99
C GLU D 166 -28.30 -16.47 1.95
N GLU D 167 -27.38 -16.62 2.92
CA GLU D 167 -26.33 -15.64 3.18
C GLU D 167 -25.15 -15.74 2.23
N THR D 168 -24.68 -16.96 1.92
CA THR D 168 -23.31 -17.10 1.46
C THR D 168 -23.22 -17.89 0.15
N THR D 169 -22.08 -17.68 -0.53
CA THR D 169 -21.87 -18.24 -1.85
C THR D 169 -22.15 -19.74 -1.91
N THR D 170 -21.62 -20.50 -0.95
CA THR D 170 -21.82 -21.94 -0.96
C THR D 170 -23.30 -22.30 -0.84
N GLY D 171 -24.02 -21.61 0.05
CA GLY D 171 -25.44 -21.88 0.19
C GLY D 171 -26.22 -21.55 -1.07
N VAL D 172 -25.84 -20.48 -1.76
CA VAL D 172 -26.50 -20.14 -3.01
C VAL D 172 -26.28 -21.22 -4.04
N HIS D 173 -25.04 -21.70 -4.16
CA HIS D 173 -24.77 -22.77 -5.11
C HIS D 173 -25.66 -23.98 -4.85
N ARG D 174 -25.85 -24.36 -3.59
CA ARG D 174 -26.70 -25.50 -3.28
C ARG D 174 -28.16 -25.22 -3.64
N LEU D 175 -28.60 -23.98 -3.46
CA LEU D 175 -29.96 -23.60 -3.86
C LEU D 175 -30.15 -23.73 -5.36
N LEU D 176 -29.17 -23.25 -6.13
CA LEU D 176 -29.25 -23.33 -7.58
C LEU D 176 -29.22 -24.76 -8.07
N ASP D 177 -28.51 -25.64 -7.37
CA ASP D 177 -28.53 -27.05 -7.73
C ASP D 177 -29.90 -27.65 -7.48
N MET D 178 -30.53 -27.30 -6.36
CA MET D 178 -31.89 -27.81 -6.11
C MET D 178 -32.85 -27.32 -7.19
N LEU D 179 -32.78 -26.02 -7.51
CA LEU D 179 -33.67 -25.47 -8.53
C LEU D 179 -33.46 -26.17 -9.87
N LYS D 180 -32.20 -26.37 -10.25
CA LYS D 180 -31.87 -27.09 -11.49
C LYS D 180 -32.49 -28.49 -11.49
N ASN D 181 -32.36 -29.22 -10.39
CA ASN D 181 -32.90 -30.58 -10.33
C ASN D 181 -34.39 -30.60 -10.02
N GLY D 182 -35.02 -29.44 -9.86
CA GLY D 182 -36.44 -29.42 -9.59
C GLY D 182 -36.83 -29.87 -8.20
N THR D 183 -35.93 -29.79 -7.22
CA THR D 183 -36.21 -30.21 -5.86
C THR D 183 -36.34 -29.05 -4.87
N LEU D 184 -36.07 -27.82 -5.28
CA LEU D 184 -36.29 -26.67 -4.41
C LEU D 184 -37.79 -26.47 -4.20
N LYS D 185 -38.21 -26.36 -2.94
CA LYS D 185 -39.63 -26.37 -2.62
C LYS D 185 -40.21 -24.99 -2.34
N VAL D 186 -39.37 -24.02 -1.98
CA VAL D 186 -39.82 -22.65 -1.72
C VAL D 186 -38.85 -21.67 -2.36
N PRO D 187 -39.33 -20.48 -2.72
CA PRO D 187 -38.44 -19.50 -3.38
C PRO D 187 -37.39 -18.98 -2.43
N ALA D 188 -36.33 -18.43 -3.01
CA ALA D 188 -35.22 -17.96 -2.21
C ALA D 188 -34.76 -16.60 -2.70
N ILE D 189 -34.18 -15.82 -1.79
CA ILE D 189 -33.41 -14.64 -2.15
C ILE D 189 -31.95 -14.92 -1.90
N ASN D 190 -31.15 -14.72 -2.94
CA ASN D 190 -29.69 -14.80 -2.88
C ASN D 190 -29.22 -13.49 -2.25
N VAL D 191 -29.05 -13.51 -0.92
CA VAL D 191 -28.55 -12.33 -0.22
C VAL D 191 -27.08 -12.10 -0.55
N ASN D 192 -26.35 -13.18 -0.84
CA ASN D 192 -24.91 -13.04 -1.09
C ASN D 192 -24.61 -12.03 -2.19
N ASP D 193 -25.44 -11.98 -3.22
CA ASP D 193 -25.04 -11.24 -4.41
C ASP D 193 -25.52 -9.79 -4.44
N SER D 194 -26.07 -9.26 -3.35
CA SER D 194 -26.08 -7.82 -3.22
C SER D 194 -24.64 -7.33 -3.21
N VAL D 195 -24.40 -6.19 -3.86
CA VAL D 195 -23.04 -5.65 -3.82
C VAL D 195 -22.66 -5.28 -2.39
N THR D 196 -23.61 -4.73 -1.62
CA THR D 196 -23.34 -4.43 -0.22
C THR D 196 -23.21 -5.69 0.65
N LYS D 197 -23.36 -6.87 0.07
CA LYS D 197 -22.96 -8.12 0.73
C LYS D 197 -21.66 -8.63 0.10
N SER D 198 -21.74 -9.20 -1.10
CA SER D 198 -20.59 -9.86 -1.75
C SER D 198 -19.33 -9.00 -1.74
N LYS D 199 -19.42 -7.73 -2.18
CA LYS D 199 -18.24 -6.90 -2.35
C LYS D 199 -17.95 -6.04 -1.13
N ASN D 200 -18.51 -6.40 0.01
CA ASN D 200 -18.31 -5.75 1.31
C ASN D 200 -17.93 -6.84 2.31
N ASP D 201 -18.90 -7.71 2.60
CA ASP D 201 -18.67 -8.86 3.47
C ASP D 201 -17.58 -9.78 2.94
N ASN D 202 -17.79 -10.39 1.75
CA ASN D 202 -16.88 -11.46 1.34
C ASN D 202 -15.46 -10.97 1.13
N LYS D 203 -15.30 -9.74 0.65
CA LYS D 203 -13.96 -9.21 0.36
C LYS D 203 -13.42 -8.44 1.56
N TYR D 204 -14.03 -7.30 1.89
CA TYR D 204 -13.49 -6.47 2.98
C TYR D 204 -13.58 -7.15 4.34
N GLY D 205 -14.60 -7.98 4.57
CA GLY D 205 -14.67 -8.66 5.85
C GLY D 205 -13.46 -9.56 6.07
N CYS D 206 -13.08 -10.32 5.04
CA CYS D 206 -11.95 -11.23 5.18
C CYS D 206 -10.64 -10.44 5.24
N ARG D 207 -10.59 -9.28 4.60
CA ARG D 207 -9.42 -8.43 4.72
CA ARG D 207 -9.41 -8.44 4.72
C ARG D 207 -9.17 -8.05 6.17
N HIS D 208 -10.24 -7.68 6.89
CA HIS D 208 -10.15 -7.34 8.30
C HIS D 208 -9.86 -8.58 9.15
N SER D 209 -10.57 -9.68 8.91
CA SER D 209 -10.61 -10.74 9.93
C SER D 209 -9.66 -11.90 9.68
N LEU D 210 -9.05 -12.03 8.50
CA LEU D 210 -8.10 -13.13 8.29
C LEU D 210 -6.81 -12.93 9.09
N ASN D 211 -6.08 -11.83 8.86
CA ASN D 211 -4.86 -11.64 9.63
CA ASN D 211 -4.87 -11.62 9.64
C ASN D 211 -5.18 -11.53 11.12
N ASP D 212 -6.37 -11.06 11.46
CA ASP D 212 -6.83 -11.04 12.85
C ASP D 212 -6.79 -12.44 13.47
N ALA D 213 -7.48 -13.40 12.83
CA ALA D 213 -7.51 -14.77 13.35
C ALA D 213 -6.13 -15.40 13.39
N ILE D 214 -5.31 -15.13 12.37
CA ILE D 214 -3.97 -15.70 12.36
C ILE D 214 -3.15 -15.16 13.53
N LYS D 215 -3.24 -13.85 13.78
CA LYS D 215 -2.50 -13.30 14.91
C LYS D 215 -3.01 -13.85 16.24
N ARG D 216 -4.33 -13.99 16.40
CA ARG D 216 -4.81 -14.49 17.69
C ARG D 216 -4.38 -15.94 17.92
N GLY D 217 -4.33 -16.73 16.86
CA GLY D 217 -4.03 -18.13 17.00
C GLY D 217 -2.56 -18.45 17.18
N THR D 218 -1.68 -17.71 16.50
CA THR D 218 -0.24 -17.99 16.49
C THR D 218 0.62 -16.83 16.99
N ASP D 219 0.12 -15.60 16.94
CA ASP D 219 0.92 -14.38 17.21
C ASP D 219 2.18 -14.34 16.36
N HIS D 220 2.13 -14.96 15.16
CA HIS D 220 3.24 -14.94 14.23
C HIS D 220 3.40 -13.58 13.56
N LEU D 221 4.64 -13.09 13.49
CA LEU D 221 4.94 -12.04 12.53
C LEU D 221 4.56 -12.52 11.14
N LEU D 222 3.89 -11.66 10.38
CA LEU D 222 3.55 -11.99 8.99
C LEU D 222 4.44 -11.27 7.98
N SER D 223 4.92 -10.07 8.31
CA SER D 223 5.77 -9.29 7.42
C SER D 223 7.00 -10.08 7.00
N GLY D 224 7.29 -10.08 5.71
CA GLY D 224 8.48 -10.73 5.20
C GLY D 224 8.36 -12.23 4.95
N LYS D 225 7.25 -12.85 5.33
CA LYS D 225 7.05 -14.29 5.13
C LYS D 225 6.27 -14.57 3.86
N GLN D 226 6.28 -15.84 3.45
CA GLN D 226 5.67 -16.26 2.19
C GLN D 226 4.29 -16.86 2.43
N ALA D 227 3.29 -16.34 1.72
CA ALA D 227 1.93 -16.86 1.77
C ALA D 227 1.50 -17.39 0.41
N LEU D 228 0.68 -18.44 0.44
CA LEU D 228 0.00 -18.93 -0.76
C LEU D 228 -1.51 -18.90 -0.51
N VAL D 229 -2.22 -18.07 -1.26
CA VAL D 229 -3.68 -18.03 -1.18
C VAL D 229 -4.22 -18.83 -2.36
N ILE D 230 -5.02 -19.86 -2.05
CA ILE D 230 -5.69 -20.67 -3.06
C ILE D 230 -7.06 -20.04 -3.33
N GLY D 231 -7.19 -19.41 -4.48
CA GLY D 231 -8.43 -18.76 -4.87
C GLY D 231 -8.31 -17.24 -4.87
N TYR D 232 -9.04 -16.60 -5.79
CA TYR D 232 -8.99 -15.15 -5.90
C TYR D 232 -10.36 -14.62 -6.34
N GLY D 233 -11.43 -15.22 -5.80
CA GLY D 233 -12.76 -14.65 -5.85
C GLY D 233 -12.87 -13.55 -4.80
N ASP D 234 -14.08 -13.33 -4.29
CA ASP D 234 -14.23 -12.22 -3.36
C ASP D 234 -13.49 -12.47 -2.06
N VAL D 235 -13.60 -13.71 -1.55
CA VAL D 235 -12.88 -14.06 -0.32
C VAL D 235 -11.37 -14.09 -0.56
N GLY D 236 -10.94 -14.69 -1.67
CA GLY D 236 -9.51 -14.73 -1.96
C GLY D 236 -8.91 -13.36 -2.20
N LYS D 237 -9.67 -12.44 -2.82
CA LYS D 237 -9.18 -11.06 -2.96
C LYS D 237 -8.98 -10.41 -1.60
N GLY D 238 -9.98 -10.51 -0.72
CA GLY D 238 -9.86 -9.89 0.58
C GLY D 238 -8.78 -10.57 1.43
N SER D 239 -8.69 -11.89 1.33
CA SER D 239 -7.67 -12.62 2.08
C SER D 239 -6.28 -12.21 1.63
N SER D 240 -6.07 -12.12 0.32
CA SER D 240 -4.76 -11.75 -0.19
C SER D 240 -4.37 -10.35 0.26
N GLN D 241 -5.33 -9.42 0.25
CA GLN D 241 -5.05 -8.08 0.76
C GLN D 241 -4.77 -8.10 2.26
N SER D 242 -5.49 -8.95 2.99
CA SER D 242 -5.26 -9.08 4.44
C SER D 242 -3.80 -9.43 4.73
N LEU D 243 -3.21 -10.32 3.93
CA LEU D 243 -1.83 -10.73 4.16
C LEU D 243 -0.84 -9.75 3.54
N ARG D 244 -1.13 -9.25 2.33
CA ARG D 244 -0.19 -8.34 1.67
C ARG D 244 -0.05 -7.03 2.45
N GLN D 245 -1.15 -6.51 3.01
CA GLN D 245 -1.07 -5.25 3.73
C GLN D 245 -0.24 -5.37 5.00
N GLU D 246 -0.05 -6.59 5.51
CA GLU D 246 0.84 -6.86 6.64
C GLU D 246 2.29 -7.03 6.20
N GLY D 247 2.60 -6.97 4.91
CA GLY D 247 3.95 -7.18 4.40
C GLY D 247 4.29 -8.61 4.01
N MET D 248 3.30 -9.51 3.92
CA MET D 248 3.60 -10.85 3.41
C MET D 248 3.91 -10.80 1.92
N ILE D 249 4.74 -11.73 1.46
CA ILE D 249 4.97 -11.95 0.04
C ILE D 249 3.92 -12.99 -0.35
N VAL D 250 2.88 -12.54 -1.04
CA VAL D 250 1.68 -13.34 -1.31
C VAL D 250 1.75 -13.86 -2.75
N LYS D 251 1.61 -15.18 -2.90
CA LYS D 251 1.37 -15.81 -4.17
C LYS D 251 -0.07 -16.31 -4.21
N VAL D 252 -0.67 -16.32 -5.40
CA VAL D 252 -2.09 -16.61 -5.56
C VAL D 252 -2.24 -17.75 -6.56
N ALA D 253 -3.10 -18.72 -6.24
CA ALA D 253 -3.43 -19.78 -7.18
C ALA D 253 -4.90 -19.65 -7.61
N GLU D 254 -5.19 -20.04 -8.85
CA GLU D 254 -6.56 -19.90 -9.36
C GLU D 254 -6.77 -20.84 -10.52
N VAL D 255 -8.03 -21.25 -10.71
CA VAL D 255 -8.43 -21.98 -11.91
C VAL D 255 -9.14 -21.08 -12.92
N ASP D 256 -9.63 -19.92 -12.49
CA ASP D 256 -10.35 -18.99 -13.36
C ASP D 256 -9.34 -17.98 -13.90
N PRO D 257 -9.04 -17.99 -15.20
CA PRO D 257 -7.98 -17.10 -15.71
C PRO D 257 -8.33 -15.62 -15.58
N ILE D 258 -9.62 -15.26 -15.54
CA ILE D 258 -9.99 -13.87 -15.32
C ILE D 258 -9.63 -13.43 -13.91
N CYS D 259 -9.96 -14.26 -12.91
CA CYS D 259 -9.57 -13.92 -11.55
C CYS D 259 -8.06 -13.91 -11.42
N ALA D 260 -7.37 -14.81 -12.12
CA ALA D 260 -5.91 -14.81 -12.12
C ALA D 260 -5.36 -13.53 -12.75
N MET D 261 -5.98 -13.06 -13.83
N MET D 261 -5.98 -13.05 -13.83
CA MET D 261 -5.58 -11.78 -14.42
CA MET D 261 -5.58 -11.78 -14.42
C MET D 261 -5.67 -10.65 -13.41
C MET D 261 -5.66 -10.65 -13.41
N GLN D 262 -6.74 -10.62 -12.62
CA GLN D 262 -6.86 -9.59 -11.58
C GLN D 262 -5.76 -9.71 -10.56
N ALA D 263 -5.41 -10.93 -10.17
CA ALA D 263 -4.32 -11.12 -9.22
C ALA D 263 -3.02 -10.57 -9.77
N CYS D 264 -2.75 -10.82 -11.06
CA CYS D 264 -1.52 -10.28 -11.66
C CYS D 264 -1.53 -8.76 -11.61
N MET D 265 -2.60 -8.14 -12.11
CA MET D 265 -2.68 -6.69 -12.14
C MET D 265 -2.68 -6.10 -10.74
N ASP D 266 -3.17 -6.85 -9.75
CA ASP D 266 -3.11 -6.37 -8.38
C ASP D 266 -1.74 -6.50 -7.75
N GLY D 267 -0.75 -7.04 -8.46
CA GLY D 267 0.60 -7.12 -7.96
C GLY D 267 0.99 -8.42 -7.30
N PHE D 268 0.28 -9.51 -7.56
CA PHE D 268 0.63 -10.82 -7.02
C PHE D 268 1.21 -11.70 -8.12
N GLU D 269 2.13 -12.57 -7.72
CA GLU D 269 2.61 -13.64 -8.59
C GLU D 269 1.60 -14.79 -8.54
N VAL D 270 1.20 -15.29 -9.71
CA VAL D 270 0.20 -16.34 -9.79
C VAL D 270 0.92 -17.66 -10.04
N VAL D 271 0.70 -18.64 -9.16
CA VAL D 271 1.41 -19.91 -9.22
C VAL D 271 0.41 -21.04 -9.00
N SER D 272 0.86 -22.26 -9.33
CA SER D 272 0.04 -23.42 -9.05
C SER D 272 0.80 -24.36 -8.12
N PRO D 273 0.11 -25.04 -7.20
CA PRO D 273 0.78 -26.08 -6.40
C PRO D 273 1.28 -27.22 -7.25
N TYR D 274 0.78 -27.37 -8.47
CA TYR D 274 1.08 -28.48 -9.34
C TYR D 274 1.93 -28.00 -10.51
N LYS D 275 2.83 -28.87 -10.96
CA LYS D 275 3.69 -28.52 -12.08
C LYS D 275 2.85 -28.29 -13.34
N ASN D 276 3.04 -27.11 -13.97
CA ASN D 276 2.21 -26.67 -15.09
C ASN D 276 0.71 -26.70 -14.74
N GLY D 277 0.38 -26.64 -13.46
CA GLY D 277 -1.00 -26.59 -13.05
C GLY D 277 -1.78 -27.87 -13.23
N ILE D 278 -1.13 -29.01 -13.47
CA ILE D 278 -1.80 -30.27 -13.76
C ILE D 278 -1.81 -31.12 -12.49
N ASN D 279 -3.01 -31.36 -11.94
CA ASN D 279 -3.21 -32.09 -10.70
C ASN D 279 -3.60 -33.52 -11.10
N ASP D 280 -2.60 -34.38 -11.29
CA ASP D 280 -2.87 -35.76 -11.70
C ASP D 280 -2.83 -36.75 -10.55
N GLY D 281 -2.78 -36.28 -9.31
CA GLY D 281 -2.88 -37.14 -8.13
C GLY D 281 -1.59 -37.76 -7.66
N THR D 282 -0.50 -37.57 -8.38
CA THR D 282 0.79 -38.15 -8.00
C THR D 282 1.59 -37.13 -7.19
N GLU D 283 2.50 -37.65 -6.37
CA GLU D 283 3.42 -36.77 -5.67
C GLU D 283 4.35 -36.04 -6.63
N ALA D 284 4.71 -36.68 -7.75
CA ALA D 284 5.60 -36.05 -8.71
C ALA D 284 5.01 -34.78 -9.32
N SER D 285 3.69 -34.62 -9.29
CA SER D 285 3.04 -33.43 -9.82
C SER D 285 3.17 -32.22 -8.90
N ILE D 286 3.55 -32.42 -7.65
CA ILE D 286 3.62 -31.31 -6.69
C ILE D 286 4.89 -30.50 -6.95
N ASP D 287 4.73 -29.18 -7.05
CA ASP D 287 5.89 -28.31 -7.09
C ASP D 287 6.46 -28.23 -5.68
N ALA D 288 7.39 -29.14 -5.35
CA ALA D 288 7.93 -29.20 -4.01
C ALA D 288 8.82 -27.99 -3.70
N ALA D 289 9.52 -27.46 -4.72
CA ALA D 289 10.33 -26.27 -4.51
C ALA D 289 9.48 -25.09 -4.07
N LEU D 290 8.31 -24.93 -4.69
CA LEU D 290 7.42 -23.82 -4.34
C LEU D 290 6.81 -24.03 -2.96
N LEU D 291 6.27 -25.21 -2.69
CA LEU D 291 5.57 -25.44 -1.43
C LEU D 291 6.54 -25.49 -0.25
N GLY D 292 7.79 -25.92 -0.48
CA GLY D 292 8.80 -25.90 0.57
C GLY D 292 9.22 -24.51 1.02
N LYS D 293 8.76 -23.45 0.34
CA LYS D 293 9.07 -22.08 0.75
C LYS D 293 7.89 -21.35 1.34
N ILE D 294 6.74 -21.99 1.46
CA ILE D 294 5.51 -21.32 1.87
C ILE D 294 5.37 -21.40 3.39
N ASP D 295 5.20 -20.24 4.04
CA ASP D 295 5.01 -20.16 5.48
C ASP D 295 3.54 -20.21 5.90
N LEU D 296 2.62 -19.93 4.97
CA LEU D 296 1.20 -19.84 5.29
C LEU D 296 0.41 -20.14 4.03
N ILE D 297 -0.51 -21.10 4.12
CA ILE D 297 -1.43 -21.38 3.02
C ILE D 297 -2.85 -21.13 3.53
N VAL D 298 -3.66 -20.47 2.71
CA VAL D 298 -5.05 -20.15 3.02
C VAL D 298 -5.93 -20.58 1.86
N THR D 299 -6.97 -21.35 2.15
CA THR D 299 -7.92 -21.77 1.12
C THR D 299 -9.15 -20.85 1.13
N THR D 300 -9.61 -20.45 -0.07
CA THR D 300 -10.69 -19.46 -0.18
C THR D 300 -11.74 -19.87 -1.21
N THR D 301 -11.80 -21.14 -1.61
CA THR D 301 -12.44 -21.49 -2.87
C THR D 301 -13.91 -21.87 -2.78
N GLY D 302 -14.35 -22.46 -1.66
CA GLY D 302 -15.63 -23.15 -1.70
C GLY D 302 -15.63 -24.47 -2.46
N ASN D 303 -14.45 -24.94 -2.86
CA ASN D 303 -14.26 -26.17 -3.61
C ASN D 303 -13.72 -27.26 -2.67
N VAL D 304 -13.49 -28.45 -3.21
CA VAL D 304 -13.08 -29.60 -2.42
C VAL D 304 -11.59 -29.89 -2.67
N ASN D 305 -10.85 -30.10 -1.58
CA ASN D 305 -9.51 -30.68 -1.62
C ASN D 305 -8.53 -29.81 -2.41
N VAL D 306 -8.57 -28.49 -2.20
CA VAL D 306 -7.65 -27.59 -2.88
C VAL D 306 -6.35 -27.42 -2.12
N CYS D 307 -6.26 -27.95 -0.90
CA CYS D 307 -4.99 -28.13 -0.20
C CYS D 307 -4.98 -29.62 0.13
N ASP D 308 -4.42 -30.43 -0.77
CA ASP D 308 -4.57 -31.87 -0.68
C ASP D 308 -3.43 -32.50 0.12
N ALA D 309 -3.46 -33.83 0.21
CA ALA D 309 -2.53 -34.54 1.07
C ALA D 309 -1.09 -34.37 0.61
N ASN D 310 -0.84 -34.43 -0.70
CA ASN D 310 0.52 -34.29 -1.21
C ASN D 310 1.04 -32.87 -1.04
N MET D 311 0.16 -31.87 -1.16
CA MET D 311 0.55 -30.52 -0.80
C MET D 311 0.95 -30.42 0.66
N LEU D 312 0.17 -31.05 1.55
CA LEU D 312 0.47 -30.97 2.98
C LEU D 312 1.80 -31.63 3.32
N LYS D 313 2.13 -32.73 2.63
CA LYS D 313 3.41 -33.41 2.85
C LYS D 313 4.59 -32.58 2.36
N ALA D 314 4.37 -31.73 1.35
CA ALA D 314 5.44 -30.95 0.74
C ALA D 314 5.64 -29.58 1.39
N LEU D 315 4.70 -29.13 2.22
CA LEU D 315 4.78 -27.79 2.79
C LEU D 315 6.03 -27.62 3.65
N LYS D 316 6.57 -26.40 3.63
CA LYS D 316 7.66 -26.03 4.53
C LYS D 316 7.34 -26.41 5.97
N LYS D 317 8.35 -26.93 6.68
CA LYS D 317 8.20 -27.20 8.11
C LYS D 317 7.65 -25.96 8.83
N ARG D 318 6.71 -26.20 9.74
CA ARG D 318 6.11 -25.21 10.63
C ARG D 318 5.25 -24.19 9.91
N ALA D 319 4.85 -24.46 8.66
CA ALA D 319 3.90 -23.59 7.97
C ALA D 319 2.55 -23.63 8.67
N VAL D 320 1.82 -22.51 8.57
CA VAL D 320 0.45 -22.42 9.06
C VAL D 320 -0.51 -22.76 7.93
N VAL D 321 -1.56 -23.52 8.26
CA VAL D 321 -2.55 -24.02 7.31
C VAL D 321 -3.91 -23.62 7.83
N CYS D 322 -4.68 -22.91 7.01
CA CYS D 322 -6.02 -22.55 7.46
C CYS D 322 -6.94 -22.38 6.26
N ASN D 323 -8.24 -22.38 6.55
CA ASN D 323 -9.30 -22.32 5.57
C ASN D 323 -10.25 -21.22 5.97
N ILE D 324 -10.61 -20.37 5.01
CA ILE D 324 -11.61 -19.33 5.26
C ILE D 324 -12.83 -19.50 4.35
N GLY D 325 -12.89 -20.57 3.55
CA GLY D 325 -14.11 -20.92 2.87
C GLY D 325 -15.11 -21.54 3.83
N HIS D 326 -16.33 -21.80 3.34
CA HIS D 326 -17.42 -22.16 4.25
C HIS D 326 -17.20 -23.52 4.93
N PHE D 327 -16.65 -24.50 4.21
CA PHE D 327 -16.57 -25.86 4.72
C PHE D 327 -15.11 -26.30 4.87
N ASP D 328 -14.86 -27.19 5.84
CA ASP D 328 -13.49 -27.62 6.13
C ASP D 328 -12.90 -28.58 5.10
N ASN D 329 -13.71 -29.14 4.20
CA ASN D 329 -13.18 -30.08 3.22
C ASN D 329 -12.33 -29.43 2.13
N GLU D 330 -12.09 -28.11 2.21
CA GLU D 330 -11.10 -27.50 1.31
C GLU D 330 -9.70 -28.05 1.60
N ILE D 331 -9.45 -28.45 2.83
CA ILE D 331 -8.18 -29.03 3.24
C ILE D 331 -8.42 -30.49 3.56
N ASP D 332 -7.50 -31.37 3.14
CA ASP D 332 -7.60 -32.79 3.46
C ASP D 332 -7.14 -33.04 4.89
N THR D 333 -7.96 -32.58 5.84
CA THR D 333 -7.69 -32.84 7.25
C THR D 333 -7.92 -34.29 7.62
N ALA D 334 -8.76 -35.01 6.87
CA ALA D 334 -8.93 -36.43 7.14
C ALA D 334 -7.64 -37.20 6.95
N PHE D 335 -6.89 -36.89 5.88
CA PHE D 335 -5.56 -37.48 5.71
C PHE D 335 -4.69 -37.23 6.93
N MET D 336 -4.75 -36.02 7.48
CA MET D 336 -3.90 -35.64 8.61
C MET D 336 -4.33 -36.35 9.89
N ARG D 337 -5.64 -36.52 10.10
CA ARG D 337 -6.11 -37.29 11.26
C ARG D 337 -5.70 -38.76 11.16
N LYS D 338 -5.63 -39.29 9.94
CA LYS D 338 -5.33 -40.70 9.73
C LYS D 338 -3.84 -40.99 9.90
N ASN D 339 -2.97 -40.04 9.56
CA ASN D 339 -1.55 -40.34 9.44
C ASN D 339 -0.64 -39.58 10.41
N TRP D 340 -1.08 -38.46 10.97
CA TRP D 340 -0.19 -37.60 11.73
C TRP D 340 -0.73 -37.35 13.13
N ALA D 341 0.20 -37.12 14.06
CA ALA D 341 -0.14 -36.91 15.47
C ALA D 341 -0.49 -35.45 15.71
N TRP D 342 -1.63 -35.21 16.37
CA TRP D 342 -2.12 -33.86 16.63
C TRP D 342 -1.78 -33.45 18.06
N GLU D 343 -1.13 -32.29 18.20
CA GLU D 343 -0.82 -31.74 19.51
C GLU D 343 -1.57 -30.42 19.65
N GLU D 344 -2.53 -30.38 20.57
CA GLU D 344 -3.24 -29.13 20.81
C GLU D 344 -2.31 -28.12 21.50
N VAL D 345 -2.16 -26.95 20.88
CA VAL D 345 -1.47 -25.84 21.53
C VAL D 345 -2.40 -25.14 22.50
N LYS D 346 -3.58 -24.79 22.01
CA LYS D 346 -4.67 -24.16 22.74
C LYS D 346 -5.91 -24.36 21.89
N PRO D 347 -7.09 -23.98 22.38
CA PRO D 347 -8.31 -24.22 21.58
C PRO D 347 -8.19 -23.68 20.15
N GLN D 348 -8.56 -24.53 19.18
CA GLN D 348 -8.56 -24.19 17.77
C GLN D 348 -7.15 -23.95 17.21
N VAL D 349 -6.11 -24.43 17.88
CA VAL D 349 -4.75 -24.36 17.36
C VAL D 349 -4.08 -25.71 17.61
N HIS D 350 -3.73 -26.41 16.54
CA HIS D 350 -3.12 -27.73 16.67
C HIS D 350 -1.82 -27.78 15.88
N LYS D 351 -0.79 -28.35 16.48
CA LYS D 351 0.40 -28.77 15.75
C LYS D 351 0.18 -30.18 15.22
N ILE D 352 0.43 -30.37 13.92
CA ILE D 352 0.24 -31.65 13.25
C ILE D 352 1.63 -32.19 12.95
N HIS D 353 2.02 -33.26 13.65
CA HIS D 353 3.38 -33.76 13.58
C HIS D 353 3.51 -34.78 12.46
N ARG D 354 4.33 -34.46 11.45
CA ARG D 354 4.42 -35.29 10.26
C ARG D 354 5.35 -36.47 10.44
N THR D 355 5.81 -36.73 11.66
CA THR D 355 6.71 -37.84 11.93
C THR D 355 5.99 -39.16 12.17
N GLY D 356 4.68 -39.14 12.40
CA GLY D 356 3.96 -40.38 12.61
C GLY D 356 2.63 -40.12 13.26
N LYS D 357 1.87 -41.22 13.40
CA LYS D 357 0.52 -41.17 13.92
C LYS D 357 0.47 -41.43 15.42
N ASP D 358 1.38 -42.26 15.94
CA ASP D 358 1.37 -42.69 17.33
C ASP D 358 2.40 -41.85 18.09
N GLY D 359 1.91 -40.87 18.85
CA GLY D 359 2.79 -40.03 19.64
C GLY D 359 3.62 -39.06 18.85
N PHE D 360 4.24 -38.12 19.54
CA PHE D 360 5.12 -37.14 18.94
C PHE D 360 6.21 -36.80 19.94
N ASP D 361 7.32 -36.26 19.41
CA ASP D 361 8.35 -35.67 20.26
C ASP D 361 7.98 -34.22 20.51
N ALA D 362 7.94 -33.81 21.78
CA ALA D 362 7.51 -32.47 22.12
C ALA D 362 8.37 -31.39 21.46
N HIS D 363 9.60 -31.72 21.09
CA HIS D 363 10.51 -30.78 20.44
C HIS D 363 10.75 -31.12 18.97
N ASN D 364 9.88 -31.94 18.38
CA ASN D 364 9.95 -32.19 16.95
C ASN D 364 9.82 -30.87 16.18
N ASP D 365 10.63 -30.70 15.14
CA ASP D 365 10.56 -29.49 14.33
C ASP D 365 9.73 -29.67 13.06
N ASP D 366 9.28 -30.89 12.77
CA ASP D 366 8.58 -31.19 11.52
C ASP D 366 7.08 -31.33 11.83
N TYR D 367 6.41 -30.18 11.89
CA TYR D 367 4.98 -30.12 12.13
C TYR D 367 4.39 -28.99 11.31
N LEU D 368 3.08 -29.05 11.13
CA LEU D 368 2.31 -27.93 10.61
C LEU D 368 1.43 -27.37 11.73
N ILE D 369 1.06 -26.10 11.61
CA ILE D 369 0.07 -25.52 12.53
C ILE D 369 -1.24 -25.37 11.77
N LEU D 370 -2.26 -26.09 12.21
CA LEU D 370 -3.61 -26.03 11.63
C LEU D 370 -4.50 -25.16 12.52
N LEU D 371 -5.23 -24.22 11.92
CA LEU D 371 -6.10 -23.35 12.69
C LEU D 371 -7.56 -23.80 12.54
N ALA D 372 -8.29 -23.77 13.66
CA ALA D 372 -9.73 -24.13 13.75
C ALA D 372 -10.06 -25.48 13.14
N GLU D 373 -9.12 -26.43 13.20
CA GLU D 373 -9.30 -27.77 12.61
C GLU D 373 -9.80 -27.70 11.16
N GLY D 374 -9.38 -26.66 10.44
CA GLY D 374 -9.76 -26.47 9.05
C GLY D 374 -11.08 -25.77 8.82
N ARG D 375 -11.84 -25.47 9.87
CA ARG D 375 -13.08 -24.71 9.77
C ARG D 375 -12.77 -23.23 9.58
N LEU D 376 -13.79 -22.49 9.13
CA LEU D 376 -13.71 -21.04 8.87
C LEU D 376 -12.82 -20.33 9.88
N VAL D 377 -11.64 -19.87 9.44
CA VAL D 377 -10.63 -19.49 10.42
C VAL D 377 -10.93 -18.12 11.05
N ASN D 378 -11.58 -17.22 10.31
CA ASN D 378 -11.86 -15.91 10.86
C ASN D 378 -12.87 -16.01 11.99
N LEU D 379 -13.87 -16.88 11.87
CA LEU D 379 -14.83 -17.04 12.96
C LEU D 379 -14.33 -18.01 14.02
N GLY D 380 -13.48 -18.97 13.65
CA GLY D 380 -13.02 -19.97 14.58
C GLY D 380 -11.95 -19.48 15.54
N ASN D 381 -11.05 -18.62 15.06
CA ASN D 381 -9.94 -18.14 15.85
C ASN D 381 -10.03 -16.67 16.22
N ALA D 382 -11.02 -15.95 15.71
CA ALA D 382 -11.26 -14.56 16.09
C ALA D 382 -12.76 -14.35 16.20
N THR D 383 -13.30 -13.22 15.72
CA THR D 383 -14.74 -12.99 15.84
C THR D 383 -15.42 -12.79 14.49
N GLY D 384 -14.84 -13.32 13.41
CA GLY D 384 -15.40 -13.04 12.11
C GLY D 384 -15.31 -11.56 11.74
N HIS D 385 -16.20 -11.16 10.84
CA HIS D 385 -16.21 -9.81 10.31
C HIS D 385 -16.67 -8.83 11.37
N PRO D 386 -16.24 -7.56 11.28
CA PRO D 386 -16.68 -6.56 12.25
C PRO D 386 -18.12 -6.09 12.00
N SER D 387 -18.73 -5.59 13.07
CA SER D 387 -20.12 -5.10 13.02
C SER D 387 -20.39 -4.18 11.84
N ARG D 388 -19.50 -3.21 11.58
CA ARG D 388 -19.78 -2.22 10.53
C ARG D 388 -19.84 -2.85 9.14
N ILE D 389 -19.14 -3.97 8.91
CA ILE D 389 -19.24 -4.67 7.64
C ILE D 389 -20.49 -5.54 7.63
N MET D 390 -20.72 -6.28 8.71
CA MET D 390 -21.89 -7.15 8.78
C MET D 390 -23.19 -6.35 8.70
N ASP D 391 -23.14 -5.05 9.03
CA ASP D 391 -24.28 -4.15 8.86
C ASP D 391 -24.87 -4.27 7.46
N GLY D 392 -24.01 -4.27 6.44
CA GLY D 392 -24.51 -4.38 5.07
C GLY D 392 -25.17 -5.72 4.80
N SER D 393 -24.49 -6.82 5.13
CA SER D 393 -25.06 -8.14 4.91
C SER D 393 -26.40 -8.30 5.62
N PHE D 394 -26.49 -7.84 6.85
CA PHE D 394 -27.68 -8.14 7.63
C PHE D 394 -28.81 -7.16 7.38
N ALA D 395 -28.50 -5.93 6.93
CA ALA D 395 -29.58 -5.08 6.40
C ALA D 395 -30.22 -5.72 5.18
N ASN D 396 -29.40 -6.30 4.28
CA ASN D 396 -29.96 -7.06 3.17
C ASN D 396 -30.80 -8.25 3.67
N GLN D 397 -30.32 -8.97 4.68
CA GLN D 397 -31.09 -10.12 5.18
C GLN D 397 -32.49 -9.68 5.63
N VAL D 398 -32.57 -8.57 6.36
CA VAL D 398 -33.86 -8.11 6.87
C VAL D 398 -34.78 -7.73 5.72
N LEU D 399 -34.26 -6.99 4.73
CA LEU D 399 -35.05 -6.64 3.56
C LEU D 399 -35.50 -7.87 2.78
N ALA D 400 -34.64 -8.88 2.69
CA ALA D 400 -35.03 -10.11 2.00
C ALA D 400 -36.13 -10.86 2.75
N GLN D 401 -36.02 -10.89 4.09
CA GLN D 401 -37.07 -11.49 4.91
C GLN D 401 -38.39 -10.75 4.72
N ILE D 402 -38.36 -9.41 4.74
CA ILE D 402 -39.59 -8.64 4.54
C ILE D 402 -40.22 -8.96 3.19
N HIS D 403 -39.39 -9.03 2.15
CA HIS D 403 -39.93 -9.24 0.81
C HIS D 403 -40.60 -10.61 0.67
N LEU D 404 -39.93 -11.68 1.09
CA LEU D 404 -40.53 -13.00 0.88
C LEU D 404 -41.69 -13.24 1.83
N PHE D 405 -41.63 -12.70 3.04
CA PHE D 405 -42.74 -12.93 3.95
C PHE D 405 -43.98 -12.20 3.46
N GLU D 406 -43.80 -11.01 2.85
CA GLU D 406 -44.94 -10.29 2.32
C GLU D 406 -45.47 -10.89 1.01
N GLN D 407 -44.63 -11.63 0.28
CA GLN D 407 -45.09 -12.33 -0.93
C GLN D 407 -46.00 -13.51 -0.59
N LYS D 408 -45.80 -14.17 0.57
CA LYS D 408 -46.72 -15.20 1.05
C LYS D 408 -46.86 -16.38 0.09
N TYR D 409 -45.72 -16.85 -0.43
CA TYR D 409 -45.69 -17.93 -1.41
C TYR D 409 -46.49 -19.15 -0.97
N ALA D 410 -46.37 -19.54 0.31
CA ALA D 410 -47.05 -20.74 0.78
C ALA D 410 -48.56 -20.64 0.65
N ASP D 411 -49.11 -19.44 0.56
CA ASP D 411 -50.56 -19.29 0.43
C ASP D 411 -51.04 -19.21 -1.01
N LEU D 412 -50.13 -19.17 -1.98
CA LEU D 412 -50.54 -19.02 -3.36
C LEU D 412 -51.09 -20.33 -3.92
N PRO D 413 -52.01 -20.24 -4.89
CA PRO D 413 -52.43 -21.44 -5.62
C PRO D 413 -51.26 -22.06 -6.36
N ALA D 414 -51.41 -23.34 -6.72
CA ALA D 414 -50.29 -24.06 -7.32
C ALA D 414 -49.82 -23.40 -8.60
N ALA D 415 -50.75 -22.88 -9.41
CA ALA D 415 -50.38 -22.23 -10.67
C ALA D 415 -49.55 -20.98 -10.42
N GLU D 416 -49.86 -20.25 -9.35
CA GLU D 416 -49.08 -19.05 -9.04
C GLU D 416 -47.74 -19.41 -8.40
N LYS D 417 -47.70 -20.48 -7.60
CA LYS D 417 -46.42 -20.92 -7.04
C LYS D 417 -45.42 -21.22 -8.14
N ALA D 418 -45.86 -21.91 -9.21
CA ALA D 418 -44.95 -22.27 -10.28
C ALA D 418 -44.30 -21.04 -10.92
N LYS D 419 -45.03 -19.92 -10.98
CA LYS D 419 -44.49 -18.70 -11.57
C LYS D 419 -43.54 -17.95 -10.65
N ARG D 420 -43.51 -18.27 -9.35
CA ARG D 420 -42.67 -17.54 -8.41
C ARG D 420 -41.57 -18.37 -7.79
N LEU D 421 -41.41 -19.62 -8.19
CA LEU D 421 -40.42 -20.52 -7.59
C LEU D 421 -39.05 -20.24 -8.23
N SER D 422 -38.26 -19.40 -7.58
CA SER D 422 -37.01 -18.95 -8.19
C SER D 422 -36.03 -18.56 -7.10
N VAL D 423 -34.80 -18.27 -7.53
CA VAL D 423 -33.76 -17.71 -6.68
C VAL D 423 -33.45 -16.33 -7.24
N GLU D 424 -33.76 -15.29 -6.48
CA GLU D 424 -33.63 -13.91 -6.95
C GLU D 424 -32.70 -13.14 -6.03
N VAL D 425 -32.28 -11.97 -6.52
CA VAL D 425 -31.56 -11.00 -5.68
C VAL D 425 -32.48 -9.82 -5.41
N LEU D 426 -32.09 -9.01 -4.43
CA LEU D 426 -32.82 -7.79 -4.14
C LEU D 426 -32.65 -6.79 -5.27
N PRO D 427 -33.64 -5.91 -5.49
CA PRO D 427 -33.48 -4.87 -6.51
C PRO D 427 -32.31 -3.96 -6.19
N LYS D 428 -31.71 -3.39 -7.23
CA LYS D 428 -30.54 -2.55 -7.04
C LYS D 428 -30.86 -1.33 -6.18
N LYS D 429 -32.06 -0.77 -6.31
CA LYS D 429 -32.42 0.39 -5.50
C LYS D 429 -32.23 0.11 -4.01
N LEU D 430 -32.60 -1.09 -3.56
CA LEU D 430 -32.44 -1.40 -2.14
C LEU D 430 -30.97 -1.59 -1.78
N ASP D 431 -30.21 -2.23 -2.68
CA ASP D 431 -28.76 -2.36 -2.51
C ASP D 431 -28.15 -0.98 -2.27
N GLU D 432 -28.51 0.01 -3.11
CA GLU D 432 -28.02 1.38 -2.96
C GLU D 432 -28.47 1.98 -1.63
N GLU D 433 -29.71 1.72 -1.22
CA GLU D 433 -30.18 2.31 0.02
C GLU D 433 -29.42 1.78 1.23
N VAL D 434 -29.08 0.48 1.22
CA VAL D 434 -28.19 -0.06 2.26
C VAL D 434 -26.83 0.63 2.20
N ALA D 435 -26.28 0.75 1.00
CA ALA D 435 -24.96 1.36 0.85
C ALA D 435 -24.95 2.77 1.39
N LEU D 436 -26.00 3.55 1.13
CA LEU D 436 -25.99 4.95 1.57
C LEU D 436 -25.94 5.04 3.09
N GLU D 437 -26.67 4.16 3.79
CA GLU D 437 -26.60 4.18 5.24
C GLU D 437 -25.20 3.81 5.73
N MET D 438 -24.53 2.88 5.04
CA MET D 438 -23.16 2.55 5.39
C MET D 438 -22.24 3.75 5.20
N VAL D 439 -22.39 4.45 4.06
CA VAL D 439 -21.56 5.62 3.79
C VAL D 439 -21.78 6.70 4.84
N LYS D 440 -23.04 6.93 5.21
CA LYS D 440 -23.32 7.93 6.22
C LYS D 440 -22.70 7.55 7.55
N GLY D 441 -22.62 6.24 7.81
CA GLY D 441 -21.96 5.77 9.02
C GLY D 441 -20.50 6.16 9.08
N PHE D 442 -19.85 6.30 7.92
CA PHE D 442 -18.47 6.76 7.89
C PHE D 442 -18.35 8.26 7.93
N GLY D 443 -19.47 8.99 7.86
CA GLY D 443 -19.43 10.42 7.67
C GLY D 443 -19.30 10.85 6.23
N GLY D 444 -19.46 9.94 5.28
CA GLY D 444 -19.35 10.30 3.88
C GLY D 444 -20.54 11.11 3.40
N VAL D 445 -20.30 11.96 2.41
CA VAL D 445 -21.30 12.86 1.85
C VAL D 445 -21.40 12.57 0.36
N VAL D 446 -22.48 11.94 -0.05
CA VAL D 446 -22.78 11.65 -1.44
C VAL D 446 -23.30 12.91 -2.10
N THR D 447 -22.90 13.15 -3.34
CA THR D 447 -23.39 14.26 -4.11
C THR D 447 -24.71 13.89 -4.79
N GLN D 448 -25.60 14.87 -4.90
CA GLN D 448 -26.86 14.70 -5.61
C GLN D 448 -26.72 15.21 -7.04
N LEU D 449 -27.07 14.36 -7.99
CA LEU D 449 -27.15 14.76 -9.39
C LEU D 449 -28.09 15.95 -9.57
N THR D 450 -27.70 16.89 -10.43
CA THR D 450 -28.70 17.83 -10.93
C THR D 450 -29.66 17.10 -11.86
N PRO D 451 -30.84 17.67 -12.12
CA PRO D 451 -31.73 17.04 -13.12
C PRO D 451 -31.08 16.88 -14.48
N LYS D 452 -30.27 17.86 -14.90
CA LYS D 452 -29.60 17.73 -16.20
C LYS D 452 -28.55 16.62 -16.19
N GLN D 453 -27.78 16.50 -15.10
CA GLN D 453 -26.81 15.42 -14.98
C GLN D 453 -27.50 14.05 -14.95
N ALA D 454 -28.59 13.92 -14.21
CA ALA D 454 -29.33 12.67 -14.19
C ALA D 454 -29.80 12.30 -15.59
N GLU D 455 -30.37 13.27 -16.32
CA GLU D 455 -30.79 13.05 -17.70
C GLU D 455 -29.62 12.64 -18.58
N TYR D 456 -28.47 13.31 -18.42
CA TYR D 456 -27.32 13.06 -19.30
C TYR D 456 -26.88 11.60 -19.25
N ILE D 457 -26.79 11.01 -18.06
CA ILE D 457 -26.39 9.62 -17.95
C ILE D 457 -27.58 8.67 -17.87
N GLY D 458 -28.80 9.17 -17.95
CA GLY D 458 -29.98 8.32 -18.08
C GLY D 458 -30.47 7.66 -16.81
N VAL D 459 -30.48 8.38 -15.68
CA VAL D 459 -30.92 7.85 -14.40
C VAL D 459 -31.87 8.83 -13.74
N SER D 460 -32.73 8.31 -12.86
CA SER D 460 -33.45 9.16 -11.92
C SER D 460 -32.47 9.74 -10.90
N VAL D 461 -32.76 10.96 -10.45
CA VAL D 461 -31.89 11.59 -9.46
C VAL D 461 -31.71 10.69 -8.24
N GLU D 462 -32.77 10.03 -7.80
CA GLU D 462 -32.65 9.20 -6.61
C GLU D 462 -32.06 7.81 -6.89
N GLY D 463 -31.74 7.50 -8.14
CA GLY D 463 -31.24 6.18 -8.48
C GLY D 463 -32.36 5.24 -8.84
N PRO D 464 -32.05 4.00 -9.26
CA PRO D 464 -30.72 3.39 -9.37
C PRO D 464 -29.81 4.06 -10.39
N PHE D 465 -28.51 3.95 -10.13
CA PHE D 465 -27.53 4.73 -10.87
C PHE D 465 -26.80 3.91 -11.92
N LYS D 466 -26.94 2.59 -11.91
CA LYS D 466 -26.20 1.69 -12.78
C LYS D 466 -27.15 0.66 -13.38
N PRO D 467 -26.86 0.16 -14.58
CA PRO D 467 -27.66 -0.92 -15.13
C PRO D 467 -27.39 -2.19 -14.36
N ASP D 468 -28.32 -3.16 -14.46
CA ASP D 468 -28.15 -4.38 -13.67
C ASP D 468 -26.92 -5.16 -14.05
N THR D 469 -26.36 -4.92 -15.24
CA THR D 469 -25.14 -5.58 -15.70
C THR D 469 -23.87 -5.04 -15.05
N TYR D 470 -23.96 -3.93 -14.33
CA TYR D 470 -22.75 -3.27 -13.82
C TYR D 470 -22.06 -4.14 -12.77
N ARG D 471 -20.73 -4.22 -12.86
CA ARG D 471 -19.98 -5.11 -11.98
C ARG D 471 -19.32 -4.42 -10.79
N TYR D 472 -19.25 -3.09 -10.79
CA TYR D 472 -18.56 -2.35 -9.72
C TYR D 472 -17.12 -2.84 -9.58
#